data_6UDU
# 
_entry.id   6UDU 
# 
_audit_conform.dict_name       mmcif_pdbx.dic 
_audit_conform.dict_version    5.387 
_audit_conform.dict_location   http://mmcif.pdb.org/dictionaries/ascii/mmcif_pdbx.dic 
# 
loop_
_database_2.database_id 
_database_2.database_code 
_database_2.pdbx_database_accession 
_database_2.pdbx_DOI 
PDB   6UDU         pdb_00006udu 10.2210/pdb6udu/pdb 
WWPDB D_1000244446 ?            ?                   
# 
loop_
_pdbx_audit_revision_history.ordinal 
_pdbx_audit_revision_history.data_content_type 
_pdbx_audit_revision_history.major_revision 
_pdbx_audit_revision_history.minor_revision 
_pdbx_audit_revision_history.revision_date 
1 'Structure model' 1 0 2019-12-04 
2 'Structure model' 1 1 2019-12-11 
3 'Structure model' 1 2 2024-03-13 
# 
_pdbx_audit_revision_details.ordinal             1 
_pdbx_audit_revision_details.revision_ordinal    1 
_pdbx_audit_revision_details.data_content_type   'Structure model' 
_pdbx_audit_revision_details.provider            repository 
_pdbx_audit_revision_details.type                'Initial release' 
_pdbx_audit_revision_details.description         ? 
_pdbx_audit_revision_details.details             ? 
# 
loop_
_pdbx_audit_revision_group.ordinal 
_pdbx_audit_revision_group.revision_ordinal 
_pdbx_audit_revision_group.data_content_type 
_pdbx_audit_revision_group.group 
1 2 'Structure model' 'Database references' 
2 3 'Structure model' 'Data collection'     
3 3 'Structure model' 'Database references' 
# 
loop_
_pdbx_audit_revision_category.ordinal 
_pdbx_audit_revision_category.revision_ordinal 
_pdbx_audit_revision_category.data_content_type 
_pdbx_audit_revision_category.category 
1 2 'Structure model' citation        
2 2 'Structure model' citation_author 
3 3 'Structure model' chem_comp_atom  
4 3 'Structure model' chem_comp_bond  
5 3 'Structure model' database_2      
# 
loop_
_pdbx_audit_revision_item.ordinal 
_pdbx_audit_revision_item.revision_ordinal 
_pdbx_audit_revision_item.data_content_type 
_pdbx_audit_revision_item.item 
1 2 'Structure model' '_citation.journal_volume'            
2 2 'Structure model' '_citation.page_first'                
3 2 'Structure model' '_citation.page_last'                 
4 2 'Structure model' '_citation_author.identifier_ORCID'   
5 3 'Structure model' '_database_2.pdbx_DOI'                
6 3 'Structure model' '_database_2.pdbx_database_accession' 
# 
_pdbx_database_status.status_code                     REL 
_pdbx_database_status.status_code_sf                  REL 
_pdbx_database_status.status_code_mr                  ? 
_pdbx_database_status.entry_id                        6UDU 
_pdbx_database_status.recvd_initial_deposition_date   2019-09-19 
_pdbx_database_status.SG_entry                        N 
_pdbx_database_status.deposit_site                    RCSB 
_pdbx_database_status.process_site                    RCSB 
_pdbx_database_status.status_code_cs                  ? 
_pdbx_database_status.methods_development_category    ? 
_pdbx_database_status.pdb_format_compatible           Y 
_pdbx_database_status.status_code_nmr_data            ? 
# 
loop_
_pdbx_database_related.db_name 
_pdbx_database_related.details 
_pdbx_database_related.db_id 
_pdbx_database_related.content_type 
PDB . 6UD2 unspecified 
PDB . 6UDI unspecified 
PDB . 6UDT unspecified 
# 
loop_
_audit_author.name 
_audit_author.pdbx_ordinal 
_audit_author.identifier_ORCID 
'Huang, X.'       1 0000-0001-9350-4176 
'Whittington, D.' 2 0000-0002-5946-8543 
# 
_citation.abstract                  ? 
_citation.abstract_id_CAS           ? 
_citation.book_id_ISBN              ? 
_citation.book_publisher            ? 
_citation.book_publisher_city       ? 
_citation.book_title                ? 
_citation.coordinate_linkage        ? 
_citation.country                   US 
_citation.database_id_Medline       ? 
_citation.details                   ? 
_citation.id                        primary 
_citation.journal_abbrev            J.Med.Chem. 
_citation.journal_id_ASTM           JMCMAR 
_citation.journal_id_CSD            0151 
_citation.journal_id_ISSN           0022-2623 
_citation.journal_full              ? 
_citation.journal_issue             ? 
_citation.journal_volume            62 
_citation.language                  ? 
_citation.page_first                10258 
_citation.page_last                 10271 
_citation.title                     
;Discovery and in Vivo Evaluation of Macrocyclic Mcl-1 Inhibitors Featuring an alpha-Hydroxy Phenylacetic Acid Pharmacophore or Bioisostere.
;
_citation.year                      2019 
_citation.database_id_CSD           ? 
_citation.pdbx_database_id_DOI      10.1021/acs.jmedchem.9b01310 
_citation.pdbx_database_id_PubMed   31736296 
_citation.unpublished_flag          ? 
# 
loop_
_citation_author.citation_id 
_citation_author.name 
_citation_author.ordinal 
_citation_author.identifier_ORCID 
primary 'Rescourio, G.'   1  ? 
primary 'Gonzalez, A.Z.'  2  ? 
primary 'Jabri, S.'       3  ? 
primary 'Belmontes, B.'   4  ? 
primary 'Moody, G.'       5  ? 
primary 'Whittington, D.' 6  ? 
primary 'Huang, X.'       7  ? 
primary 'Caenepeel, S.'   8  ? 
primary 'Cardozo, M.'     9  ? 
primary 'Cheng, A.C.'     10 ? 
primary 'Chow, D.'        11 ? 
primary 'Dou, H.'         12 ? 
primary 'Jones, A.'       13 ? 
primary 'Kelly, R.C.'     14 ? 
primary 'Li, Y.'          15 ? 
primary 'Lizarzaburu, M.' 16 ? 
primary 'Lo, M.C.'        17 ? 
primary 'Mallari, R.'     18 ? 
primary 'Meleza, C.'      19 ? 
primary 'Rew, Y.'         20 ? 
primary 'Simonovich, S.'  21 ? 
primary 'Sun, D.'         22 ? 
primary 'Turcotte, S.'    23 ? 
primary 'Yan, X.'         24 ? 
primary 'Wong, S.G.'      25 ? 
primary 'Yanez, E.'       26 ? 
primary 'Zancanella, M.'  27 ? 
primary 'Houze, J.'       28 ? 
primary 'Medina, J.C.'    29 ? 
primary 'Hughes, P.E.'    30 ? 
primary 'Brown, S.P.'     31 ? 
# 
loop_
_entity.id 
_entity.type 
_entity.src_method 
_entity.pdbx_description 
_entity.formula_weight 
_entity.pdbx_number_of_molecules 
_entity.pdbx_ec 
_entity.pdbx_mutation 
_entity.pdbx_fragment 
_entity.details 
1 polymer     man 'Induced myeloid leukemia cell differentiation protein Mcl-1' 17922.344 1   ? ? ? ? 
2 non-polymer syn 
;(4S,11E,17R)-6'-chloro-17-hydroxy-14-methyl-15-oxo-3',4',8,9,10,13,14,15,16,17-decahydro-2'H,3H,5H,7H-spiro[1,18-(ethanediylidene)[1,4]oxazepino[4,3-a][1,8]diazacyclopentadecine-4,1'-naphthalene]-17-carboxylic acid
;
539.062   1   ? ? ? ? 
3 water       nat water 18.015    101 ? ? ? ? 
# 
_entity_name_com.entity_id   1 
_entity_name_com.name        'Bcl-2-like protein 3,Bcl2-L-3,Bcl-2-related protein EAT/mcl1,mcl1/EAT' 
# 
_entity_poly.entity_id                      1 
_entity_poly.type                           'polypeptide(L)' 
_entity_poly.nstd_linkage                   no 
_entity_poly.nstd_monomer                   no 
_entity_poly.pdbx_seq_one_letter_code       
;EDELYRQSLEIISRYLREQATGAKDTKPMGRSGATSRKALETLRRVGDGVQRNHETAFQGMLRKLDIKNEDDVKSLSRVM
IHVFSDGVTNWGRIVTLISFGAFVAKHLKTINQESCIEPLAESITDVLVRTKRDWLVKQRGWDGFVEFFHVEDLEGG
;
_entity_poly.pdbx_seq_one_letter_code_can   
;EDELYRQSLEIISRYLREQATGAKDTKPMGRSGATSRKALETLRRVGDGVQRNHETAFQGMLRKLDIKNEDDVKSLSRVM
IHVFSDGVTNWGRIVTLISFGAFVAKHLKTINQESCIEPLAESITDVLVRTKRDWLVKQRGWDGFVEFFHVEDLEGG
;
_entity_poly.pdbx_strand_id                 A 
_entity_poly.pdbx_target_identifier         ? 
# 
loop_
_pdbx_entity_nonpoly.entity_id 
_pdbx_entity_nonpoly.name 
_pdbx_entity_nonpoly.comp_id 
2 
;(4S,11E,17R)-6'-chloro-17-hydroxy-14-methyl-15-oxo-3',4',8,9,10,13,14,15,16,17-decahydro-2'H,3H,5H,7H-spiro[1,18-(ethanediylidene)[1,4]oxazepino[4,3-a][1,8]diazacyclopentadecine-4,1'-naphthalene]-17-carboxylic acid
;
Q4Y 
3 water HOH 
# 
loop_
_entity_poly_seq.entity_id 
_entity_poly_seq.num 
_entity_poly_seq.mon_id 
_entity_poly_seq.hetero 
1 1   GLU n 
1 2   ASP n 
1 3   GLU n 
1 4   LEU n 
1 5   TYR n 
1 6   ARG n 
1 7   GLN n 
1 8   SER n 
1 9   LEU n 
1 10  GLU n 
1 11  ILE n 
1 12  ILE n 
1 13  SER n 
1 14  ARG n 
1 15  TYR n 
1 16  LEU n 
1 17  ARG n 
1 18  GLU n 
1 19  GLN n 
1 20  ALA n 
1 21  THR n 
1 22  GLY n 
1 23  ALA n 
1 24  LYS n 
1 25  ASP n 
1 26  THR n 
1 27  LYS n 
1 28  PRO n 
1 29  MET n 
1 30  GLY n 
1 31  ARG n 
1 32  SER n 
1 33  GLY n 
1 34  ALA n 
1 35  THR n 
1 36  SER n 
1 37  ARG n 
1 38  LYS n 
1 39  ALA n 
1 40  LEU n 
1 41  GLU n 
1 42  THR n 
1 43  LEU n 
1 44  ARG n 
1 45  ARG n 
1 46  VAL n 
1 47  GLY n 
1 48  ASP n 
1 49  GLY n 
1 50  VAL n 
1 51  GLN n 
1 52  ARG n 
1 53  ASN n 
1 54  HIS n 
1 55  GLU n 
1 56  THR n 
1 57  ALA n 
1 58  PHE n 
1 59  GLN n 
1 60  GLY n 
1 61  MET n 
1 62  LEU n 
1 63  ARG n 
1 64  LYS n 
1 65  LEU n 
1 66  ASP n 
1 67  ILE n 
1 68  LYS n 
1 69  ASN n 
1 70  GLU n 
1 71  ASP n 
1 72  ASP n 
1 73  VAL n 
1 74  LYS n 
1 75  SER n 
1 76  LEU n 
1 77  SER n 
1 78  ARG n 
1 79  VAL n 
1 80  MET n 
1 81  ILE n 
1 82  HIS n 
1 83  VAL n 
1 84  PHE n 
1 85  SER n 
1 86  ASP n 
1 87  GLY n 
1 88  VAL n 
1 89  THR n 
1 90  ASN n 
1 91  TRP n 
1 92  GLY n 
1 93  ARG n 
1 94  ILE n 
1 95  VAL n 
1 96  THR n 
1 97  LEU n 
1 98  ILE n 
1 99  SER n 
1 100 PHE n 
1 101 GLY n 
1 102 ALA n 
1 103 PHE n 
1 104 VAL n 
1 105 ALA n 
1 106 LYS n 
1 107 HIS n 
1 108 LEU n 
1 109 LYS n 
1 110 THR n 
1 111 ILE n 
1 112 ASN n 
1 113 GLN n 
1 114 GLU n 
1 115 SER n 
1 116 CYS n 
1 117 ILE n 
1 118 GLU n 
1 119 PRO n 
1 120 LEU n 
1 121 ALA n 
1 122 GLU n 
1 123 SER n 
1 124 ILE n 
1 125 THR n 
1 126 ASP n 
1 127 VAL n 
1 128 LEU n 
1 129 VAL n 
1 130 ARG n 
1 131 THR n 
1 132 LYS n 
1 133 ARG n 
1 134 ASP n 
1 135 TRP n 
1 136 LEU n 
1 137 VAL n 
1 138 LYS n 
1 139 GLN n 
1 140 ARG n 
1 141 GLY n 
1 142 TRP n 
1 143 ASP n 
1 144 GLY n 
1 145 PHE n 
1 146 VAL n 
1 147 GLU n 
1 148 PHE n 
1 149 PHE n 
1 150 HIS n 
1 151 VAL n 
1 152 GLU n 
1 153 ASP n 
1 154 LEU n 
1 155 GLU n 
1 156 GLY n 
1 157 GLY n 
# 
_entity_src_gen.entity_id                          1 
_entity_src_gen.pdbx_src_id                        1 
_entity_src_gen.pdbx_alt_source_flag               sample 
_entity_src_gen.pdbx_seq_type                      'Biological sequence' 
_entity_src_gen.pdbx_beg_seq_num                   1 
_entity_src_gen.pdbx_end_seq_num                   157 
_entity_src_gen.gene_src_common_name               Human 
_entity_src_gen.gene_src_genus                     ? 
_entity_src_gen.pdbx_gene_src_gene                 'MCL1, BCL2L3' 
_entity_src_gen.gene_src_species                   ? 
_entity_src_gen.gene_src_strain                    ? 
_entity_src_gen.gene_src_tissue                    ? 
_entity_src_gen.gene_src_tissue_fraction           ? 
_entity_src_gen.gene_src_details                   ? 
_entity_src_gen.pdbx_gene_src_fragment             ? 
_entity_src_gen.pdbx_gene_src_scientific_name      'Homo sapiens' 
_entity_src_gen.pdbx_gene_src_ncbi_taxonomy_id     9606 
_entity_src_gen.pdbx_gene_src_variant              ? 
_entity_src_gen.pdbx_gene_src_cell_line            ? 
_entity_src_gen.pdbx_gene_src_atcc                 ? 
_entity_src_gen.pdbx_gene_src_organ                ? 
_entity_src_gen.pdbx_gene_src_organelle            ? 
_entity_src_gen.pdbx_gene_src_cell                 ? 
_entity_src_gen.pdbx_gene_src_cellular_location    ? 
_entity_src_gen.host_org_common_name               ? 
_entity_src_gen.pdbx_host_org_scientific_name      'Escherichia coli' 
_entity_src_gen.pdbx_host_org_ncbi_taxonomy_id     562 
_entity_src_gen.host_org_genus                     ? 
_entity_src_gen.pdbx_host_org_gene                 ? 
_entity_src_gen.pdbx_host_org_organ                ? 
_entity_src_gen.host_org_species                   ? 
_entity_src_gen.pdbx_host_org_tissue               ? 
_entity_src_gen.pdbx_host_org_tissue_fraction      ? 
_entity_src_gen.pdbx_host_org_strain               ? 
_entity_src_gen.pdbx_host_org_variant              ? 
_entity_src_gen.pdbx_host_org_cell_line            ? 
_entity_src_gen.pdbx_host_org_atcc                 ? 
_entity_src_gen.pdbx_host_org_culture_collection   ? 
_entity_src_gen.pdbx_host_org_cell                 ? 
_entity_src_gen.pdbx_host_org_organelle            ? 
_entity_src_gen.pdbx_host_org_cellular_location    ? 
_entity_src_gen.pdbx_host_org_vector_type          ? 
_entity_src_gen.pdbx_host_org_vector               ? 
_entity_src_gen.host_org_details                   ? 
_entity_src_gen.expression_system_id               ? 
_entity_src_gen.plasmid_name                       ? 
_entity_src_gen.plasmid_details                    ? 
_entity_src_gen.pdbx_description                   ? 
# 
loop_
_chem_comp.id 
_chem_comp.type 
_chem_comp.mon_nstd_flag 
_chem_comp.name 
_chem_comp.pdbx_synonyms 
_chem_comp.formula 
_chem_comp.formula_weight 
ALA 'L-peptide linking' y ALANINE ? 'C3 H7 N O2'       89.093  
ARG 'L-peptide linking' y ARGININE ? 'C6 H15 N4 O2 1'   175.209 
ASN 'L-peptide linking' y ASPARAGINE ? 'C4 H8 N2 O3'      132.118 
ASP 'L-peptide linking' y 'ASPARTIC ACID' ? 'C4 H7 N O4'       133.103 
CYS 'L-peptide linking' y CYSTEINE ? 'C3 H7 N O2 S'     121.158 
GLN 'L-peptide linking' y GLUTAMINE ? 'C5 H10 N2 O3'     146.144 
GLU 'L-peptide linking' y 'GLUTAMIC ACID' ? 'C5 H9 N O4'       147.129 
GLY 'peptide linking'   y GLYCINE ? 'C2 H5 N O2'       75.067  
HIS 'L-peptide linking' y HISTIDINE ? 'C6 H10 N3 O2 1'   156.162 
HOH non-polymer         . WATER ? 'H2 O'             18.015  
ILE 'L-peptide linking' y ISOLEUCINE ? 'C6 H13 N O2'      131.173 
LEU 'L-peptide linking' y LEUCINE ? 'C6 H13 N O2'      131.173 
LYS 'L-peptide linking' y LYSINE ? 'C6 H15 N2 O2 1'   147.195 
MET 'L-peptide linking' y METHIONINE ? 'C5 H11 N O2 S'    149.211 
PHE 'L-peptide linking' y PHENYLALANINE ? 'C9 H11 N O2'      165.189 
PRO 'L-peptide linking' y PROLINE ? 'C5 H9 N O2'       115.130 
Q4Y non-polymer         . 
;(4S,11E,17R)-6'-chloro-17-hydroxy-14-methyl-15-oxo-3',4',8,9,10,13,14,15,16,17-decahydro-2'H,3H,5H,7H-spiro[1,18-(ethanediylidene)[1,4]oxazepino[4,3-a][1,8]diazacyclopentadecine-4,1'-naphthalene]-17-carboxylic acid
;
? 'C30 H35 Cl N2 O5' 539.062 
SER 'L-peptide linking' y SERINE ? 'C3 H7 N O3'       105.093 
THR 'L-peptide linking' y THREONINE ? 'C4 H9 N O3'       119.119 
TRP 'L-peptide linking' y TRYPTOPHAN ? 'C11 H12 N2 O2'    204.225 
TYR 'L-peptide linking' y TYROSINE ? 'C9 H11 N O3'      181.189 
VAL 'L-peptide linking' y VALINE ? 'C5 H11 N O2'      117.146 
# 
loop_
_pdbx_poly_seq_scheme.asym_id 
_pdbx_poly_seq_scheme.entity_id 
_pdbx_poly_seq_scheme.seq_id 
_pdbx_poly_seq_scheme.mon_id 
_pdbx_poly_seq_scheme.ndb_seq_num 
_pdbx_poly_seq_scheme.pdb_seq_num 
_pdbx_poly_seq_scheme.auth_seq_num 
_pdbx_poly_seq_scheme.pdb_mon_id 
_pdbx_poly_seq_scheme.auth_mon_id 
_pdbx_poly_seq_scheme.pdb_strand_id 
_pdbx_poly_seq_scheme.pdb_ins_code 
_pdbx_poly_seq_scheme.hetero 
A 1 1   GLU 1   171 171 GLU GLU A . n 
A 1 2   ASP 2   172 172 ASP ASP A . n 
A 1 3   GLU 3   173 173 GLU GLU A . n 
A 1 4   LEU 4   174 174 LEU LEU A . n 
A 1 5   TYR 5   175 175 TYR TYR A . n 
A 1 6   ARG 6   176 176 ARG ARG A . n 
A 1 7   GLN 7   177 177 GLN GLN A . n 
A 1 8   SER 8   178 178 SER SER A . n 
A 1 9   LEU 9   179 179 LEU LEU A . n 
A 1 10  GLU 10  180 180 GLU GLU A . n 
A 1 11  ILE 11  181 181 ILE ILE A . n 
A 1 12  ILE 12  182 182 ILE ILE A . n 
A 1 13  SER 13  183 183 SER SER A . n 
A 1 14  ARG 14  184 184 ARG ARG A . n 
A 1 15  TYR 15  185 185 TYR TYR A . n 
A 1 16  LEU 16  186 186 LEU LEU A . n 
A 1 17  ARG 17  187 187 ARG ARG A . n 
A 1 18  GLU 18  188 188 GLU GLU A . n 
A 1 19  GLN 19  189 189 GLN GLN A . n 
A 1 20  ALA 20  190 190 ALA ALA A . n 
A 1 21  THR 21  191 191 THR THR A . n 
A 1 22  GLY 22  192 192 GLY GLY A . n 
A 1 23  ALA 23  193 193 ALA ALA A . n 
A 1 24  LYS 24  194 194 LYS LYS A . n 
A 1 25  ASP 25  195 195 ASP ASP A . n 
A 1 26  THR 26  196 196 THR THR A . n 
A 1 27  LYS 27  197 197 LYS LYS A . n 
A 1 28  PRO 28  198 198 PRO PRO A . n 
A 1 29  MET 29  199 199 MET MET A . n 
A 1 30  GLY 30  200 200 GLY GLY A . n 
A 1 31  ARG 31  201 201 ARG ARG A . n 
A 1 32  SER 32  202 202 SER SER A . n 
A 1 33  GLY 33  203 203 GLY GLY A . n 
A 1 34  ALA 34  204 204 ALA ALA A . n 
A 1 35  THR 35  205 205 THR THR A . n 
A 1 36  SER 36  206 206 SER SER A . n 
A 1 37  ARG 37  207 207 ARG ARG A . n 
A 1 38  LYS 38  208 208 LYS LYS A . n 
A 1 39  ALA 39  209 209 ALA ALA A . n 
A 1 40  LEU 40  210 210 LEU LEU A . n 
A 1 41  GLU 41  211 211 GLU GLU A . n 
A 1 42  THR 42  212 212 THR THR A . n 
A 1 43  LEU 43  213 213 LEU LEU A . n 
A 1 44  ARG 44  214 214 ARG ARG A . n 
A 1 45  ARG 45  215 215 ARG ARG A . n 
A 1 46  VAL 46  216 216 VAL VAL A . n 
A 1 47  GLY 47  217 217 GLY GLY A . n 
A 1 48  ASP 48  218 218 ASP ASP A . n 
A 1 49  GLY 49  219 219 GLY GLY A . n 
A 1 50  VAL 50  220 220 VAL VAL A . n 
A 1 51  GLN 51  221 221 GLN GLN A . n 
A 1 52  ARG 52  222 222 ARG ARG A . n 
A 1 53  ASN 53  223 223 ASN ASN A . n 
A 1 54  HIS 54  224 224 HIS HIS A . n 
A 1 55  GLU 55  225 225 GLU GLU A . n 
A 1 56  THR 56  226 226 THR THR A . n 
A 1 57  ALA 57  227 227 ALA ALA A . n 
A 1 58  PHE 58  228 228 PHE PHE A . n 
A 1 59  GLN 59  229 229 GLN GLN A . n 
A 1 60  GLY 60  230 230 GLY GLY A . n 
A 1 61  MET 61  231 231 MET MET A . n 
A 1 62  LEU 62  232 232 LEU LEU A . n 
A 1 63  ARG 63  233 233 ARG ARG A . n 
A 1 64  LYS 64  234 234 LYS LYS A . n 
A 1 65  LEU 65  235 235 LEU LEU A . n 
A 1 66  ASP 66  236 236 ASP ASP A . n 
A 1 67  ILE 67  237 237 ILE ILE A . n 
A 1 68  LYS 68  238 238 LYS LYS A . n 
A 1 69  ASN 69  239 239 ASN ASN A . n 
A 1 70  GLU 70  240 240 GLU GLU A . n 
A 1 71  ASP 71  241 241 ASP ASP A . n 
A 1 72  ASP 72  242 242 ASP ASP A . n 
A 1 73  VAL 73  243 243 VAL VAL A . n 
A 1 74  LYS 74  244 244 LYS LYS A . n 
A 1 75  SER 75  245 245 SER SER A . n 
A 1 76  LEU 76  246 246 LEU LEU A . n 
A 1 77  SER 77  247 247 SER SER A . n 
A 1 78  ARG 78  248 248 ARG ARG A . n 
A 1 79  VAL 79  249 249 VAL VAL A . n 
A 1 80  MET 80  250 250 MET MET A . n 
A 1 81  ILE 81  251 251 ILE ILE A . n 
A 1 82  HIS 82  252 252 HIS HIS A . n 
A 1 83  VAL 83  253 253 VAL VAL A . n 
A 1 84  PHE 84  254 254 PHE PHE A . n 
A 1 85  SER 85  255 255 SER SER A . n 
A 1 86  ASP 86  256 256 ASP ASP A . n 
A 1 87  GLY 87  257 257 GLY GLY A . n 
A 1 88  VAL 88  258 258 VAL VAL A . n 
A 1 89  THR 89  259 259 THR THR A . n 
A 1 90  ASN 90  260 260 ASN ASN A . n 
A 1 91  TRP 91  261 261 TRP TRP A . n 
A 1 92  GLY 92  262 262 GLY GLY A . n 
A 1 93  ARG 93  263 263 ARG ARG A . n 
A 1 94  ILE 94  264 264 ILE ILE A . n 
A 1 95  VAL 95  265 265 VAL VAL A . n 
A 1 96  THR 96  266 266 THR THR A . n 
A 1 97  LEU 97  267 267 LEU LEU A . n 
A 1 98  ILE 98  268 268 ILE ILE A . n 
A 1 99  SER 99  269 269 SER SER A . n 
A 1 100 PHE 100 270 270 PHE PHE A . n 
A 1 101 GLY 101 271 271 GLY GLY A . n 
A 1 102 ALA 102 272 272 ALA ALA A . n 
A 1 103 PHE 103 273 273 PHE PHE A . n 
A 1 104 VAL 104 274 274 VAL VAL A . n 
A 1 105 ALA 105 275 275 ALA ALA A . n 
A 1 106 LYS 106 276 276 LYS LYS A . n 
A 1 107 HIS 107 277 277 HIS HIS A . n 
A 1 108 LEU 108 278 278 LEU LEU A . n 
A 1 109 LYS 109 279 279 LYS LYS A . n 
A 1 110 THR 110 280 280 THR THR A . n 
A 1 111 ILE 111 281 281 ILE ILE A . n 
A 1 112 ASN 112 282 282 ASN ASN A . n 
A 1 113 GLN 113 283 283 GLN GLN A . n 
A 1 114 GLU 114 284 284 GLU GLU A . n 
A 1 115 SER 115 285 285 SER SER A . n 
A 1 116 CYS 116 286 286 CYS CYS A . n 
A 1 117 ILE 117 287 287 ILE ILE A . n 
A 1 118 GLU 118 288 288 GLU GLU A . n 
A 1 119 PRO 119 289 289 PRO PRO A . n 
A 1 120 LEU 120 290 290 LEU LEU A . n 
A 1 121 ALA 121 291 291 ALA ALA A . n 
A 1 122 GLU 122 292 292 GLU GLU A . n 
A 1 123 SER 123 293 293 SER SER A . n 
A 1 124 ILE 124 294 294 ILE ILE A . n 
A 1 125 THR 125 295 295 THR THR A . n 
A 1 126 ASP 126 296 296 ASP ASP A . n 
A 1 127 VAL 127 297 297 VAL VAL A . n 
A 1 128 LEU 128 298 298 LEU LEU A . n 
A 1 129 VAL 129 299 299 VAL VAL A . n 
A 1 130 ARG 130 300 300 ARG ARG A . n 
A 1 131 THR 131 301 301 THR THR A . n 
A 1 132 LYS 132 302 302 LYS LYS A . n 
A 1 133 ARG 133 303 303 ARG ARG A . n 
A 1 134 ASP 134 304 304 ASP ASP A . n 
A 1 135 TRP 135 305 305 TRP TRP A . n 
A 1 136 LEU 136 306 306 LEU LEU A . n 
A 1 137 VAL 137 307 307 VAL VAL A . n 
A 1 138 LYS 138 308 308 LYS LYS A . n 
A 1 139 GLN 139 309 309 GLN GLN A . n 
A 1 140 ARG 140 310 310 ARG ARG A . n 
A 1 141 GLY 141 311 311 GLY GLY A . n 
A 1 142 TRP 142 312 312 TRP TRP A . n 
A 1 143 ASP 143 313 313 ASP ASP A . n 
A 1 144 GLY 144 314 314 GLY GLY A . n 
A 1 145 PHE 145 315 315 PHE PHE A . n 
A 1 146 VAL 146 316 316 VAL VAL A . n 
A 1 147 GLU 147 317 317 GLU GLU A . n 
A 1 148 PHE 148 318 318 PHE PHE A . n 
A 1 149 PHE 149 319 319 PHE PHE A . n 
A 1 150 HIS 150 320 320 HIS HIS A . n 
A 1 151 VAL 151 321 321 VAL VAL A . n 
A 1 152 GLU 152 322 322 GLU GLU A . n 
A 1 153 ASP 153 323 323 ASP ASP A . n 
A 1 154 LEU 154 324 324 LEU LEU A . n 
A 1 155 GLU 155 325 325 GLU GLU A . n 
A 1 156 GLY 156 326 326 GLY GLY A . n 
A 1 157 GLY 157 327 ?   ?   ?   A . n 
# 
loop_
_pdbx_nonpoly_scheme.asym_id 
_pdbx_nonpoly_scheme.entity_id 
_pdbx_nonpoly_scheme.mon_id 
_pdbx_nonpoly_scheme.ndb_seq_num 
_pdbx_nonpoly_scheme.pdb_seq_num 
_pdbx_nonpoly_scheme.auth_seq_num 
_pdbx_nonpoly_scheme.pdb_mon_id 
_pdbx_nonpoly_scheme.auth_mon_id 
_pdbx_nonpoly_scheme.pdb_strand_id 
_pdbx_nonpoly_scheme.pdb_ins_code 
B 2 Q4Y 1   401 1   Q4Y UNL A . 
C 3 HOH 1   501 53  HOH HOH A . 
C 3 HOH 2   502 54  HOH HOH A . 
C 3 HOH 3   503 50  HOH HOH A . 
C 3 HOH 4   504 30  HOH HOH A . 
C 3 HOH 5   505 75  HOH HOH A . 
C 3 HOH 6   506 52  HOH HOH A . 
C 3 HOH 7   507 17  HOH HOH A . 
C 3 HOH 8   508 33  HOH HOH A . 
C 3 HOH 9   509 7   HOH HOH A . 
C 3 HOH 10  510 69  HOH HOH A . 
C 3 HOH 11  511 1   HOH HOH A . 
C 3 HOH 12  512 92  HOH HOH A . 
C 3 HOH 13  513 9   HOH HOH A . 
C 3 HOH 14  514 60  HOH HOH A . 
C 3 HOH 15  515 101 HOH HOH A . 
C 3 HOH 16  516 35  HOH HOH A . 
C 3 HOH 17  517 55  HOH HOH A . 
C 3 HOH 18  518 29  HOH HOH A . 
C 3 HOH 19  519 86  HOH HOH A . 
C 3 HOH 20  520 83  HOH HOH A . 
C 3 HOH 21  521 4   HOH HOH A . 
C 3 HOH 22  522 74  HOH HOH A . 
C 3 HOH 23  523 66  HOH HOH A . 
C 3 HOH 24  524 56  HOH HOH A . 
C 3 HOH 25  525 38  HOH HOH A . 
C 3 HOH 26  526 82  HOH HOH A . 
C 3 HOH 27  527 5   HOH HOH A . 
C 3 HOH 28  528 80  HOH HOH A . 
C 3 HOH 29  529 59  HOH HOH A . 
C 3 HOH 30  530 98  HOH HOH A . 
C 3 HOH 31  531 36  HOH HOH A . 
C 3 HOH 32  532 58  HOH HOH A . 
C 3 HOH 33  533 68  HOH HOH A . 
C 3 HOH 34  534 40  HOH HOH A . 
C 3 HOH 35  535 61  HOH HOH A . 
C 3 HOH 36  536 13  HOH HOH A . 
C 3 HOH 37  537 16  HOH HOH A . 
C 3 HOH 38  538 14  HOH HOH A . 
C 3 HOH 39  539 57  HOH HOH A . 
C 3 HOH 40  540 62  HOH HOH A . 
C 3 HOH 41  541 77  HOH HOH A . 
C 3 HOH 42  542 100 HOH HOH A . 
C 3 HOH 43  543 79  HOH HOH A . 
C 3 HOH 44  544 26  HOH HOH A . 
C 3 HOH 45  545 3   HOH HOH A . 
C 3 HOH 46  546 25  HOH HOH A . 
C 3 HOH 47  547 24  HOH HOH A . 
C 3 HOH 48  548 88  HOH HOH A . 
C 3 HOH 49  549 39  HOH HOH A . 
C 3 HOH 50  550 23  HOH HOH A . 
C 3 HOH 51  551 49  HOH HOH A . 
C 3 HOH 52  552 12  HOH HOH A . 
C 3 HOH 53  553 22  HOH HOH A . 
C 3 HOH 54  554 37  HOH HOH A . 
C 3 HOH 55  555 19  HOH HOH A . 
C 3 HOH 56  556 44  HOH HOH A . 
C 3 HOH 57  557 65  HOH HOH A . 
C 3 HOH 58  558 34  HOH HOH A . 
C 3 HOH 59  559 11  HOH HOH A . 
C 3 HOH 60  560 87  HOH HOH A . 
C 3 HOH 61  561 41  HOH HOH A . 
C 3 HOH 62  562 71  HOH HOH A . 
C 3 HOH 63  563 6   HOH HOH A . 
C 3 HOH 64  564 43  HOH HOH A . 
C 3 HOH 65  565 20  HOH HOH A . 
C 3 HOH 66  566 67  HOH HOH A . 
C 3 HOH 67  567 99  HOH HOH A . 
C 3 HOH 68  568 91  HOH HOH A . 
C 3 HOH 69  569 10  HOH HOH A . 
C 3 HOH 70  570 28  HOH HOH A . 
C 3 HOH 71  571 2   HOH HOH A . 
C 3 HOH 72  572 18  HOH HOH A . 
C 3 HOH 73  573 8   HOH HOH A . 
C 3 HOH 74  574 15  HOH HOH A . 
C 3 HOH 75  575 63  HOH HOH A . 
C 3 HOH 76  576 21  HOH HOH A . 
C 3 HOH 77  577 45  HOH HOH A . 
C 3 HOH 78  578 95  HOH HOH A . 
C 3 HOH 79  579 32  HOH HOH A . 
C 3 HOH 80  580 64  HOH HOH A . 
C 3 HOH 81  581 76  HOH HOH A . 
C 3 HOH 82  582 84  HOH HOH A . 
C 3 HOH 83  583 90  HOH HOH A . 
C 3 HOH 84  584 46  HOH HOH A . 
C 3 HOH 85  585 48  HOH HOH A . 
C 3 HOH 86  586 97  HOH HOH A . 
C 3 HOH 87  587 47  HOH HOH A . 
C 3 HOH 88  588 42  HOH HOH A . 
C 3 HOH 89  589 70  HOH HOH A . 
C 3 HOH 90  590 94  HOH HOH A . 
C 3 HOH 91  591 85  HOH HOH A . 
C 3 HOH 92  592 51  HOH HOH A . 
C 3 HOH 93  593 89  HOH HOH A . 
C 3 HOH 94  594 96  HOH HOH A . 
C 3 HOH 95  595 73  HOH HOH A . 
C 3 HOH 96  596 72  HOH HOH A . 
C 3 HOH 97  597 27  HOH HOH A . 
C 3 HOH 98  598 93  HOH HOH A . 
C 3 HOH 99  599 81  HOH HOH A . 
C 3 HOH 100 600 78  HOH HOH A . 
C 3 HOH 101 601 31  HOH HOH A . 
# 
loop_
_software.citation_id 
_software.classification 
_software.compiler_name 
_software.compiler_version 
_software.contact_author 
_software.contact_author_email 
_software.date 
_software.description 
_software.dependencies 
_software.hardware 
_software.language 
_software.location 
_software.mods 
_software.name 
_software.os 
_software.os_version 
_software.type 
_software.version 
_software.pdbx_ordinal 
? refinement        ? ? ? ? ? ? ? ? ? ? ? REFMAC      ? ? ? 5.6.0117 1 
? 'data extraction' ? ? ? ? ? ? ? ? ? ? ? PDB_EXTRACT ? ? ? 3.25     2 
? 'data reduction'  ? ? ? ? ? ? ? ? ? ? ? DENZO       ? ? ? .        3 
? 'data scaling'    ? ? ? ? ? ? ? ? ? ? ? SCALEPACK   ? ? ? .        4 
? phasing           ? ? ? ? ? ? ? ? ? ? ? REFMAC      ? ? ? .        5 
# 
_cell.angle_alpha                  90.000 
_cell.angle_alpha_esd              ? 
_cell.angle_beta                   90.000 
_cell.angle_beta_esd               ? 
_cell.angle_gamma                  90.000 
_cell.angle_gamma_esd              ? 
_cell.entry_id                     6UDU 
_cell.details                      ? 
_cell.formula_units_Z              ? 
_cell.length_a                     43.510 
_cell.length_a_esd                 ? 
_cell.length_b                     89.427 
_cell.length_b_esd                 ? 
_cell.length_c                     84.874 
_cell.length_c_esd                 ? 
_cell.volume                       ? 
_cell.volume_esd                   ? 
_cell.Z_PDB                        8 
_cell.reciprocal_angle_alpha       ? 
_cell.reciprocal_angle_beta        ? 
_cell.reciprocal_angle_gamma       ? 
_cell.reciprocal_angle_alpha_esd   ? 
_cell.reciprocal_angle_beta_esd    ? 
_cell.reciprocal_angle_gamma_esd   ? 
_cell.reciprocal_length_a          ? 
_cell.reciprocal_length_b          ? 
_cell.reciprocal_length_c          ? 
_cell.reciprocal_length_a_esd      ? 
_cell.reciprocal_length_b_esd      ? 
_cell.reciprocal_length_c_esd      ? 
_cell.pdbx_unique_axis             ? 
# 
_symmetry.entry_id                         6UDU 
_symmetry.cell_setting                     ? 
_symmetry.Int_Tables_number                20 
_symmetry.space_group_name_Hall            ? 
_symmetry.space_group_name_H-M             'C 2 2 21' 
_symmetry.pdbx_full_space_group_name_H-M   ? 
# 
_exptl.absorpt_coefficient_mu     ? 
_exptl.absorpt_correction_T_max   ? 
_exptl.absorpt_correction_T_min   ? 
_exptl.absorpt_correction_type    ? 
_exptl.absorpt_process_details    ? 
_exptl.entry_id                   6UDU 
_exptl.crystals_number            1 
_exptl.details                    ? 
_exptl.method                     'X-RAY DIFFRACTION' 
_exptl.method_details             ? 
# 
_exptl_crystal.colour                      ? 
_exptl_crystal.density_diffrn              ? 
_exptl_crystal.density_Matthews            2.31 
_exptl_crystal.density_method              ? 
_exptl_crystal.density_percent_sol         46.77 
_exptl_crystal.description                 ? 
_exptl_crystal.F_000                       ? 
_exptl_crystal.id                          1 
_exptl_crystal.preparation                 ? 
_exptl_crystal.size_max                    ? 
_exptl_crystal.size_mid                    ? 
_exptl_crystal.size_min                    ? 
_exptl_crystal.size_rad                    ? 
_exptl_crystal.colour_lustre               ? 
_exptl_crystal.colour_modifier             ? 
_exptl_crystal.colour_primary              ? 
_exptl_crystal.density_meas                ? 
_exptl_crystal.density_meas_esd            ? 
_exptl_crystal.density_meas_gt             ? 
_exptl_crystal.density_meas_lt             ? 
_exptl_crystal.density_meas_temp           ? 
_exptl_crystal.density_meas_temp_esd       ? 
_exptl_crystal.density_meas_temp_gt        ? 
_exptl_crystal.density_meas_temp_lt        ? 
_exptl_crystal.pdbx_crystal_image_url      ? 
_exptl_crystal.pdbx_crystal_image_format   ? 
_exptl_crystal.pdbx_mosaicity              ? 
_exptl_crystal.pdbx_mosaicity_esd          ? 
# 
_exptl_crystal_grow.apparatus       ? 
_exptl_crystal_grow.atmosphere      ? 
_exptl_crystal_grow.crystal_id      1 
_exptl_crystal_grow.details         ? 
_exptl_crystal_grow.method          'VAPOR DIFFUSION, HANGING DROP' 
_exptl_crystal_grow.method_ref      ? 
_exptl_crystal_grow.pH              ? 
_exptl_crystal_grow.pressure        ? 
_exptl_crystal_grow.pressure_esd    ? 
_exptl_crystal_grow.seeding         ? 
_exptl_crystal_grow.seeding_ref     ? 
_exptl_crystal_grow.temp            277 
_exptl_crystal_grow.temp_details    ? 
_exptl_crystal_grow.temp_esd        ? 
_exptl_crystal_grow.time            ? 
_exptl_crystal_grow.pdbx_details    
;0.1 M Tris pH 8.0,
3% Ethanol,
36% PEG6000
;
_exptl_crystal_grow.pdbx_pH_range   ? 
# 
_diffrn.ambient_environment              ? 
_diffrn.ambient_temp                     100 
_diffrn.ambient_temp_details             ? 
_diffrn.ambient_temp_esd                 ? 
_diffrn.crystal_id                       1 
_diffrn.crystal_support                  ? 
_diffrn.crystal_treatment                ? 
_diffrn.details                          ? 
_diffrn.id                               1 
_diffrn.ambient_pressure                 ? 
_diffrn.ambient_pressure_esd             ? 
_diffrn.ambient_pressure_gt              ? 
_diffrn.ambient_pressure_lt              ? 
_diffrn.ambient_temp_gt                  ? 
_diffrn.ambient_temp_lt                  ? 
_diffrn.pdbx_serial_crystal_experiment   N 
# 
_diffrn_detector.details                      ? 
_diffrn_detector.detector                     CCD 
_diffrn_detector.diffrn_id                    1 
_diffrn_detector.type                         'ADSC QUANTUM 315r' 
_diffrn_detector.area_resol_mean              ? 
_diffrn_detector.dtime                        ? 
_diffrn_detector.pdbx_frames_total            ? 
_diffrn_detector.pdbx_collection_time_total   ? 
_diffrn_detector.pdbx_collection_date         2013-09-20 
_diffrn_detector.pdbx_frequency               ? 
# 
_diffrn_radiation.collimation                      ? 
_diffrn_radiation.diffrn_id                        1 
_diffrn_radiation.filter_edge                      ? 
_diffrn_radiation.inhomogeneity                    ? 
_diffrn_radiation.monochromator                    ? 
_diffrn_radiation.polarisn_norm                    ? 
_diffrn_radiation.polarisn_ratio                   ? 
_diffrn_radiation.probe                            ? 
_diffrn_radiation.type                             ? 
_diffrn_radiation.xray_symbol                      ? 
_diffrn_radiation.wavelength_id                    1 
_diffrn_radiation.pdbx_monochromatic_or_laue_m_l   M 
_diffrn_radiation.pdbx_wavelength_list             ? 
_diffrn_radiation.pdbx_wavelength                  ? 
_diffrn_radiation.pdbx_diffrn_protocol             'SINGLE WAVELENGTH' 
_diffrn_radiation.pdbx_analyzer                    ? 
_diffrn_radiation.pdbx_scattering_type             x-ray 
# 
_diffrn_radiation_wavelength.id           1 
_diffrn_radiation_wavelength.wavelength   0.97741 
_diffrn_radiation_wavelength.wt           1.0 
# 
_diffrn_source.current                     ? 
_diffrn_source.details                     ? 
_diffrn_source.diffrn_id                   1 
_diffrn_source.power                       ? 
_diffrn_source.size                        ? 
_diffrn_source.source                      SYNCHROTRON 
_diffrn_source.target                      ? 
_diffrn_source.type                        'ALS BEAMLINE 5.0.1' 
_diffrn_source.voltage                     ? 
_diffrn_source.take-off_angle              ? 
_diffrn_source.pdbx_wavelength_list        0.97741 
_diffrn_source.pdbx_wavelength             ? 
_diffrn_source.pdbx_synchrotron_beamline   5.0.1 
_diffrn_source.pdbx_synchrotron_site       ALS 
# 
_reflns.B_iso_Wilson_estimate            ? 
_reflns.entry_id                         6UDU 
_reflns.data_reduction_details           ? 
_reflns.data_reduction_method            ? 
_reflns.d_resolution_high                1.75 
_reflns.d_resolution_low                 50.0 
_reflns.details                          ? 
_reflns.limit_h_max                      ? 
_reflns.limit_h_min                      ? 
_reflns.limit_k_max                      ? 
_reflns.limit_k_min                      ? 
_reflns.limit_l_max                      ? 
_reflns.limit_l_min                      ? 
_reflns.number_all                       ? 
_reflns.number_obs                       17186 
_reflns.observed_criterion               ? 
_reflns.observed_criterion_F_max         ? 
_reflns.observed_criterion_F_min         ? 
_reflns.observed_criterion_I_max         ? 
_reflns.observed_criterion_I_min         ? 
_reflns.observed_criterion_sigma_F       ? 
_reflns.observed_criterion_sigma_I       ? 
_reflns.percent_possible_obs             100 
_reflns.R_free_details                   ? 
_reflns.Rmerge_F_all                     ? 
_reflns.Rmerge_F_obs                     ? 
_reflns.Friedel_coverage                 ? 
_reflns.number_gt                        ? 
_reflns.threshold_expression             ? 
_reflns.pdbx_redundancy                  5.89 
_reflns.pdbx_Rmerge_I_obs                0.090 
_reflns.pdbx_Rmerge_I_all                ? 
_reflns.pdbx_Rsym_value                  ? 
_reflns.pdbx_netI_over_av_sigmaI         ? 
_reflns.pdbx_netI_over_sigmaI            7.8 
_reflns.pdbx_res_netI_over_av_sigmaI_2   ? 
_reflns.pdbx_res_netI_over_sigmaI_2      ? 
_reflns.pdbx_chi_squared                 ? 
_reflns.pdbx_scaling_rejects             ? 
_reflns.pdbx_d_res_high_opt              ? 
_reflns.pdbx_d_res_low_opt               ? 
_reflns.pdbx_d_res_opt_method            ? 
_reflns.phase_calculation_details        ? 
_reflns.pdbx_Rrim_I_all                  ? 
_reflns.pdbx_Rpim_I_all                  ? 
_reflns.pdbx_d_opt                       ? 
_reflns.pdbx_number_measured_all         ? 
_reflns.pdbx_diffrn_id                   1 
_reflns.pdbx_ordinal                     1 
_reflns.pdbx_CC_half                     ? 
_reflns.pdbx_R_split                     ? 
# 
_reflns_shell.d_res_high                  1.75 
_reflns_shell.d_res_low                   1.81 
_reflns_shell.meanI_over_sigI_all         ? 
_reflns_shell.meanI_over_sigI_obs         ? 
_reflns_shell.number_measured_all         ? 
_reflns_shell.number_measured_obs         ? 
_reflns_shell.number_possible             ? 
_reflns_shell.number_unique_all           ? 
_reflns_shell.number_unique_obs           1701 
_reflns_shell.percent_possible_all        ? 
_reflns_shell.percent_possible_obs        ? 
_reflns_shell.Rmerge_F_all                ? 
_reflns_shell.Rmerge_F_obs                ? 
_reflns_shell.Rmerge_I_all                ? 
_reflns_shell.Rmerge_I_obs                0.961 
_reflns_shell.meanI_over_sigI_gt          ? 
_reflns_shell.meanI_over_uI_all           ? 
_reflns_shell.meanI_over_uI_gt            ? 
_reflns_shell.number_measured_gt          ? 
_reflns_shell.number_unique_gt            ? 
_reflns_shell.percent_possible_gt         ? 
_reflns_shell.Rmerge_F_gt                 ? 
_reflns_shell.Rmerge_I_gt                 ? 
_reflns_shell.pdbx_redundancy             ? 
_reflns_shell.pdbx_Rsym_value             ? 
_reflns_shell.pdbx_chi_squared            ? 
_reflns_shell.pdbx_netI_over_sigmaI_all   ? 
_reflns_shell.pdbx_netI_over_sigmaI_obs   ? 
_reflns_shell.pdbx_Rrim_I_all             ? 
_reflns_shell.pdbx_Rpim_I_all             ? 
_reflns_shell.pdbx_rejects                ? 
_reflns_shell.pdbx_ordinal                1 
_reflns_shell.pdbx_diffrn_id              1 
_reflns_shell.pdbx_CC_half                ? 
_reflns_shell.pdbx_R_split                ? 
# 
_refine.aniso_B[1][1]                            -0.6800 
_refine.aniso_B[1][2]                            0.0000 
_refine.aniso_B[1][3]                            0.0000 
_refine.aniso_B[2][2]                            1.2800 
_refine.aniso_B[2][3]                            0.0000 
_refine.aniso_B[3][3]                            -0.5900 
_refine.B_iso_max                                83.110 
_refine.B_iso_mean                               30.2340 
_refine.B_iso_min                                18.840 
_refine.correlation_coeff_Fo_to_Fc               0.9660 
_refine.correlation_coeff_Fo_to_Fc_free          0.9560 
_refine.details                                  
'HYDROGENS HAVE BEEN ADDED IN THE RIDING POSITIONS U VALUES      : REFINED INDIVIDUALLY' 
_refine.diff_density_max                         ? 
_refine.diff_density_max_esd                     ? 
_refine.diff_density_min                         ? 
_refine.diff_density_min_esd                     ? 
_refine.diff_density_rms                         ? 
_refine.diff_density_rms_esd                     ? 
_refine.entry_id                                 6UDU 
_refine.pdbx_refine_id                           'X-RAY DIFFRACTION' 
_refine.ls_abs_structure_details                 ? 
_refine.ls_abs_structure_Flack                   ? 
_refine.ls_abs_structure_Flack_esd               ? 
_refine.ls_abs_structure_Rogers                  ? 
_refine.ls_abs_structure_Rogers_esd              ? 
_refine.ls_d_res_high                            1.7500 
_refine.ls_d_res_low                             44.7100 
_refine.ls_extinction_coef                       ? 
_refine.ls_extinction_coef_esd                   ? 
_refine.ls_extinction_expression                 ? 
_refine.ls_extinction_method                     ? 
_refine.ls_goodness_of_fit_all                   ? 
_refine.ls_goodness_of_fit_all_esd               ? 
_refine.ls_goodness_of_fit_obs                   ? 
_refine.ls_goodness_of_fit_obs_esd               ? 
_refine.ls_hydrogen_treatment                    ? 
_refine.ls_matrix_type                           ? 
_refine.ls_number_constraints                    ? 
_refine.ls_number_parameters                     ? 
_refine.ls_number_reflns_all                     ? 
_refine.ls_number_reflns_obs                     16252 
_refine.ls_number_reflns_R_free                  854 
_refine.ls_number_reflns_R_work                  ? 
_refine.ls_number_restraints                     ? 
_refine.ls_percent_reflns_obs                    99.9800 
_refine.ls_percent_reflns_R_free                 5.0000 
_refine.ls_R_factor_all                          ? 
_refine.ls_R_factor_obs                          0.1913 
_refine.ls_R_factor_R_free                       0.2289 
_refine.ls_R_factor_R_free_error                 ? 
_refine.ls_R_factor_R_free_error_details         ? 
_refine.ls_R_factor_R_work                       0.1894 
_refine.ls_R_Fsqd_factor_obs                     ? 
_refine.ls_R_I_factor_obs                        ? 
_refine.ls_redundancy_reflns_all                 ? 
_refine.ls_redundancy_reflns_obs                 ? 
_refine.ls_restrained_S_all                      ? 
_refine.ls_restrained_S_obs                      ? 
_refine.ls_shift_over_esd_max                    ? 
_refine.ls_shift_over_esd_mean                   ? 
_refine.ls_structure_factor_coef                 ? 
_refine.ls_weighting_details                     ? 
_refine.ls_weighting_scheme                      ? 
_refine.ls_wR_factor_all                         ? 
_refine.ls_wR_factor_obs                         ? 
_refine.ls_wR_factor_R_free                      ? 
_refine.ls_wR_factor_R_work                      ? 
_refine.occupancy_max                            ? 
_refine.occupancy_min                            ? 
_refine.solvent_model_details                    ? 
_refine.solvent_model_param_bsol                 ? 
_refine.solvent_model_param_ksol                 ? 
_refine.ls_R_factor_gt                           ? 
_refine.ls_goodness_of_fit_gt                    ? 
_refine.ls_goodness_of_fit_ref                   ? 
_refine.ls_shift_over_su_max                     ? 
_refine.ls_shift_over_su_max_lt                  ? 
_refine.ls_shift_over_su_mean                    ? 
_refine.ls_shift_over_su_mean_lt                 ? 
_refine.pdbx_ls_sigma_I                          ? 
_refine.pdbx_ls_sigma_F                          0.000 
_refine.pdbx_ls_sigma_Fsqd                       ? 
_refine.pdbx_data_cutoff_high_absF               ? 
_refine.pdbx_data_cutoff_high_rms_absF           ? 
_refine.pdbx_data_cutoff_low_absF                ? 
_refine.pdbx_isotropic_thermal_model             ? 
_refine.pdbx_ls_cross_valid_method               THROUGHOUT 
_refine.pdbx_method_to_determine_struct          'MOLECULAR REPLACEMENT' 
_refine.pdbx_starting_model                      ? 
_refine.pdbx_stereochemistry_target_values       ? 
_refine.pdbx_R_Free_selection_details            RANDOM 
_refine.pdbx_stereochem_target_val_spec_case     ? 
_refine.pdbx_overall_ESU_R                       0.1220 
_refine.pdbx_overall_ESU_R_Free                  0.1190 
_refine.pdbx_solvent_vdw_probe_radii             1.2000 
_refine.pdbx_solvent_ion_probe_radii             0.8000 
_refine.pdbx_solvent_shrinkage_radii             0.8000 
_refine.pdbx_real_space_R                        ? 
_refine.pdbx_density_correlation                 ? 
_refine.pdbx_pd_number_of_powder_patterns        ? 
_refine.pdbx_pd_number_of_points                 ? 
_refine.pdbx_pd_meas_number_of_points            ? 
_refine.pdbx_pd_proc_ls_prof_R_factor            ? 
_refine.pdbx_pd_proc_ls_prof_wR_factor           ? 
_refine.pdbx_pd_Marquardt_correlation_coeff      ? 
_refine.pdbx_pd_Fsqrd_R_factor                   ? 
_refine.pdbx_pd_ls_matrix_band_width             ? 
_refine.pdbx_overall_phase_error                 ? 
_refine.pdbx_overall_SU_R_free_Cruickshank_DPI   ? 
_refine.pdbx_overall_SU_R_free_Blow_DPI          ? 
_refine.pdbx_overall_SU_R_Blow_DPI               ? 
_refine.pdbx_TLS_residual_ADP_flag               ? 
_refine.pdbx_diffrn_id                           1 
_refine.overall_SU_B                             2.6200 
_refine.overall_SU_ML                            0.0830 
_refine.overall_SU_R_Cruickshank_DPI             ? 
_refine.overall_SU_R_free                        ? 
_refine.overall_FOM_free_R_set                   ? 
_refine.overall_FOM_work_R_set                   ? 
_refine.pdbx_average_fsc_overall                 ? 
_refine.pdbx_average_fsc_work                    ? 
_refine.pdbx_average_fsc_free                    ? 
# 
_refine_hist.pdbx_refine_id                   'X-RAY DIFFRACTION' 
_refine_hist.cycle_id                         final 
_refine_hist.details                          ? 
_refine_hist.d_res_high                       1.7500 
_refine_hist.d_res_low                        44.7100 
_refine_hist.number_atoms_solvent             101 
_refine_hist.number_atoms_total               1394 
_refine_hist.number_reflns_all                ? 
_refine_hist.number_reflns_obs                ? 
_refine_hist.number_reflns_R_free             ? 
_refine_hist.number_reflns_R_work             ? 
_refine_hist.R_factor_all                     ? 
_refine_hist.R_factor_obs                     ? 
_refine_hist.R_factor_R_free                  ? 
_refine_hist.R_factor_R_work                  ? 
_refine_hist.pdbx_number_residues_total       156 
_refine_hist.pdbx_B_iso_mean_ligand           27.65 
_refine_hist.pdbx_B_iso_mean_solvent          42.19 
_refine_hist.pdbx_number_atoms_protein        1255 
_refine_hist.pdbx_number_atoms_nucleic_acid   0 
_refine_hist.pdbx_number_atoms_ligand         38 
_refine_hist.pdbx_number_atoms_lipid          ? 
_refine_hist.pdbx_number_atoms_carb           ? 
_refine_hist.pdbx_pseudo_atom_details         ? 
# 
loop_
_refine_ls_restr.pdbx_refine_id 
_refine_ls_restr.criterion 
_refine_ls_restr.dev_ideal 
_refine_ls_restr.dev_ideal_target 
_refine_ls_restr.number 
_refine_ls_restr.rejects 
_refine_ls_restr.type 
_refine_ls_restr.weight 
_refine_ls_restr.pdbx_restraint_function 
'X-RAY DIFFRACTION' ? 0.008  0.020  1317 ? r_bond_refined_d       ? ? 
'X-RAY DIFFRACTION' ? 0.001  0.020  930  ? r_bond_other_d         ? ? 
'X-RAY DIFFRACTION' ? 1.085  1.980  1776 ? r_angle_refined_deg    ? ? 
'X-RAY DIFFRACTION' ? 0.830  3.004  2201 ? r_angle_other_deg      ? ? 
'X-RAY DIFFRACTION' ? 4.230  5.000  155  ? r_dihedral_angle_1_deg ? ? 
'X-RAY DIFFRACTION' ? 32.785 23.125 64   ? r_dihedral_angle_2_deg ? ? 
'X-RAY DIFFRACTION' ? 12.379 15.000 240  ? r_dihedral_angle_3_deg ? ? 
'X-RAY DIFFRACTION' ? 18.797 15.000 14   ? r_dihedral_angle_4_deg ? ? 
'X-RAY DIFFRACTION' ? 0.064  0.200  192  ? r_chiral_restr         ? ? 
'X-RAY DIFFRACTION' ? 0.006  0.020  1448 ? r_gen_planes_refined   ? ? 
'X-RAY DIFFRACTION' ? 0.001  0.020  278  ? r_gen_planes_other     ? ? 
# 
_refine_ls_shell.pdbx_refine_id                   'X-RAY DIFFRACTION' 
_refine_ls_shell.d_res_high                       1.7500 
_refine_ls_shell.d_res_low                        1.7950 
_refine_ls_shell.number_reflns_all                1137 
_refine_ls_shell.number_reflns_obs                ? 
_refine_ls_shell.number_reflns_R_free             59 
_refine_ls_shell.number_reflns_R_work             1078 
_refine_ls_shell.percent_reflns_obs               100.0000 
_refine_ls_shell.percent_reflns_R_free            ? 
_refine_ls_shell.R_factor_all                     ? 
_refine_ls_shell.R_factor_obs                     ? 
_refine_ls_shell.R_factor_R_free                  0.3660 
_refine_ls_shell.R_factor_R_free_error            0.0000 
_refine_ls_shell.R_factor_R_work                  0.2580 
_refine_ls_shell.redundancy_reflns_all            ? 
_refine_ls_shell.redundancy_reflns_obs            ? 
_refine_ls_shell.wR_factor_all                    ? 
_refine_ls_shell.wR_factor_obs                    ? 
_refine_ls_shell.wR_factor_R_free                 ? 
_refine_ls_shell.wR_factor_R_work                 ? 
_refine_ls_shell.pdbx_total_number_of_bins_used   20 
_refine_ls_shell.pdbx_phase_error                 ? 
_refine_ls_shell.pdbx_fsc_work                    ? 
_refine_ls_shell.pdbx_fsc_free                    ? 
# 
_struct.entry_id                     6UDU 
_struct.title                        'X-ray co-crystal structure of compound 8 bound to human Mcl-1' 
_struct.pdbx_model_details           ? 
_struct.pdbx_formula_weight          ? 
_struct.pdbx_formula_weight_method   ? 
_struct.pdbx_model_type_details      ? 
_struct.pdbx_CASP_flag               N 
# 
_struct_keywords.entry_id        6UDU 
_struct_keywords.text            'protein-protein interaction, apoptosis, inhibitor, APOPTOSIS-INHIBITOR complex' 
_struct_keywords.pdbx_keywords   APOPTOSIS/INHIBITOR 
# 
loop_
_struct_asym.id 
_struct_asym.pdbx_blank_PDB_chainid_flag 
_struct_asym.pdbx_modified 
_struct_asym.entity_id 
_struct_asym.details 
A N N 1 ? 
B N N 2 ? 
C N N 3 ? 
# 
_struct_ref.id                         1 
_struct_ref.db_name                    UNP 
_struct_ref.db_code                    MCL1_HUMAN 
_struct_ref.pdbx_db_accession          Q07820 
_struct_ref.pdbx_db_isoform            ? 
_struct_ref.entity_id                  1 
_struct_ref.pdbx_seq_one_letter_code   
;EDELYRQSLEIISRYLREQATGAKDTKPMGRSGATSRKALETLRRVGDGVQRNHETAFQGMLRKLDIKNEDDVKSLSRVM
IHVFSDGVTNWGRIVTLISFGAFVAKHLKTINQESCIEPLAESITDVLVRTKRDWLVKQRGWDGFVEFFHVEDLEGG
;
_struct_ref.pdbx_align_begin           171 
# 
_struct_ref_seq.align_id                      1 
_struct_ref_seq.ref_id                        1 
_struct_ref_seq.pdbx_PDB_id_code              6UDU 
_struct_ref_seq.pdbx_strand_id                A 
_struct_ref_seq.seq_align_beg                 1 
_struct_ref_seq.pdbx_seq_align_beg_ins_code   ? 
_struct_ref_seq.seq_align_end                 157 
_struct_ref_seq.pdbx_seq_align_end_ins_code   ? 
_struct_ref_seq.pdbx_db_accession             Q07820 
_struct_ref_seq.db_align_beg                  171 
_struct_ref_seq.pdbx_db_align_beg_ins_code    ? 
_struct_ref_seq.db_align_end                  327 
_struct_ref_seq.pdbx_db_align_end_ins_code    ? 
_struct_ref_seq.pdbx_auth_seq_align_beg       171 
_struct_ref_seq.pdbx_auth_seq_align_end       327 
# 
loop_
_pdbx_struct_assembly.id 
_pdbx_struct_assembly.details 
_pdbx_struct_assembly.method_details 
_pdbx_struct_assembly.oligomeric_details 
_pdbx_struct_assembly.oligomeric_count 
1 author_defined_assembly   ?    monomeric 1 
2 software_defined_assembly PISA dimeric   2 
# 
loop_
_pdbx_struct_assembly_prop.biol_id 
_pdbx_struct_assembly_prop.type 
_pdbx_struct_assembly_prop.value 
_pdbx_struct_assembly_prop.details 
1 'ABSA (A^2)' 0     ? 
1 MORE         0     ? 
1 'SSA (A^2)'  8880  ? 
2 'ABSA (A^2)' 1990  ? 
2 MORE         -11   ? 
2 'SSA (A^2)'  15780 ? 
# 
loop_
_pdbx_struct_assembly_gen.assembly_id 
_pdbx_struct_assembly_gen.oper_expression 
_pdbx_struct_assembly_gen.asym_id_list 
1 1   A,B,C 
2 1,2 A,B,C 
# 
_pdbx_struct_assembly_auth_evidence.id                     1 
_pdbx_struct_assembly_auth_evidence.assembly_id            1 
_pdbx_struct_assembly_auth_evidence.experimental_support   'gel filtration' 
_pdbx_struct_assembly_auth_evidence.details                ? 
# 
loop_
_pdbx_struct_oper_list.id 
_pdbx_struct_oper_list.type 
_pdbx_struct_oper_list.name 
_pdbx_struct_oper_list.symmetry_operation 
_pdbx_struct_oper_list.matrix[1][1] 
_pdbx_struct_oper_list.matrix[1][2] 
_pdbx_struct_oper_list.matrix[1][3] 
_pdbx_struct_oper_list.vector[1] 
_pdbx_struct_oper_list.matrix[2][1] 
_pdbx_struct_oper_list.matrix[2][2] 
_pdbx_struct_oper_list.matrix[2][3] 
_pdbx_struct_oper_list.vector[2] 
_pdbx_struct_oper_list.matrix[3][1] 
_pdbx_struct_oper_list.matrix[3][2] 
_pdbx_struct_oper_list.matrix[3][3] 
_pdbx_struct_oper_list.vector[3] 
1 'identity operation'         1_555 x,y,z       1.0000000000 0.0000000000  0.0000000000 0.0000000000  0.0000000000  1.0000000000  0.0000000000  0.0000000000   0.0000000000 0.0000000000  1.0000000000  0.0000000000   
2 'crystal symmetry operation' 3_557 -x,y,-z+5/2 0.8707107138 -0.2503835487 0.4232858743 -0.4141877039 -0.2503835487 -0.9664876450 -0.0566543071 -24.5462708839 0.4232858743 -0.0566543071 -0.9042230688 -12.6891950850 
# 
loop_
_struct_conf.conf_type_id 
_struct_conf.id 
_struct_conf.pdbx_PDB_helix_id 
_struct_conf.beg_label_comp_id 
_struct_conf.beg_label_asym_id 
_struct_conf.beg_label_seq_id 
_struct_conf.pdbx_beg_PDB_ins_code 
_struct_conf.end_label_comp_id 
_struct_conf.end_label_asym_id 
_struct_conf.end_label_seq_id 
_struct_conf.pdbx_end_PDB_ins_code 
_struct_conf.beg_auth_comp_id 
_struct_conf.beg_auth_asym_id 
_struct_conf.beg_auth_seq_id 
_struct_conf.end_auth_comp_id 
_struct_conf.end_auth_asym_id 
_struct_conf.end_auth_seq_id 
_struct_conf.pdbx_PDB_helix_class 
_struct_conf.details 
_struct_conf.pdbx_PDB_helix_length 
HELX_P HELX_P1 AA1 ASP A 2   ? GLY A 22  ? ASP A 172 GLY A 192 1 ? 21 
HELX_P HELX_P2 AA2 SER A 32  ? HIS A 54  ? SER A 202 HIS A 224 1 ? 23 
HELX_P HELX_P3 AA3 HIS A 54  ? ASP A 66  ? HIS A 224 ASP A 236 1 ? 13 
HELX_P HELX_P4 AA4 ASN A 69  ? SER A 75  ? ASN A 239 SER A 245 1 ? 7  
HELX_P HELX_P5 AA5 SER A 75  ? PHE A 84  ? SER A 245 PHE A 254 1 ? 10 
HELX_P HELX_P6 AA6 ASN A 90  ? ILE A 111 ? ASN A 260 ILE A 281 1 ? 22 
HELX_P HELX_P7 AA7 GLN A 113 ? SER A 115 ? GLN A 283 SER A 285 5 ? 3  
HELX_P HELX_P8 AA8 CYS A 116 ? GLN A 139 ? CYS A 286 GLN A 309 1 ? 24 
HELX_P HELX_P9 AA9 ARG A 140 ? HIS A 150 ? ARG A 310 HIS A 320 1 ? 11 
# 
_struct_conf_type.id          HELX_P 
_struct_conf_type.criteria    ? 
_struct_conf_type.reference   ? 
# 
_struct_site.id                   AC1 
_struct_site.pdbx_evidence_code   Software 
_struct_site.pdbx_auth_asym_id    A 
_struct_site.pdbx_auth_comp_id    Q4Y 
_struct_site.pdbx_auth_seq_id     401 
_struct_site.pdbx_auth_ins_code   ? 
_struct_site.pdbx_num_residues    13 
_struct_site.details              'binding site for residue Q4Y A 401' 
# 
loop_
_struct_site_gen.id 
_struct_site_gen.site_id 
_struct_site_gen.pdbx_num_res 
_struct_site_gen.label_comp_id 
_struct_site_gen.label_asym_id 
_struct_site_gen.label_seq_id 
_struct_site_gen.pdbx_auth_ins_code 
_struct_site_gen.auth_comp_id 
_struct_site_gen.auth_asym_id 
_struct_site_gen.auth_seq_id 
_struct_site_gen.label_atom_id 
_struct_site_gen.label_alt_id 
_struct_site_gen.symmetry 
_struct_site_gen.details 
1  AC1 13 HIS A 54  ? HIS A 224 . ? 1_555 ? 
2  AC1 13 ALA A 57  ? ALA A 227 . ? 1_555 ? 
3  AC1 13 VAL A 79  ? VAL A 249 . ? 1_555 ? 
4  AC1 13 MET A 80  ? MET A 250 . ? 1_555 ? 
5  AC1 13 VAL A 83  ? VAL A 253 . ? 1_555 ? 
6  AC1 13 ARG A 93  ? ARG A 263 . ? 1_555 ? 
7  AC1 13 THR A 96  ? THR A 266 . ? 1_555 ? 
8  AC1 13 LEU A 97  ? LEU A 267 . ? 1_555 ? 
9  AC1 13 PHE A 100 ? PHE A 270 . ? 1_555 ? 
10 AC1 13 LEU A 120 ? LEU A 290 . ? 1_555 ? 
11 AC1 13 HOH C .   ? HOH A 528 . ? 1_555 ? 
12 AC1 13 HOH C .   ? HOH A 532 . ? 1_555 ? 
13 AC1 13 HOH C .   ? HOH A 551 . ? 1_555 ? 
# 
_pdbx_validate_torsion.id              1 
_pdbx_validate_torsion.PDB_model_num   1 
_pdbx_validate_torsion.auth_comp_id    GLN 
_pdbx_validate_torsion.auth_asym_id    A 
_pdbx_validate_torsion.auth_seq_id     283 
_pdbx_validate_torsion.PDB_ins_code    ? 
_pdbx_validate_torsion.label_alt_id    ? 
_pdbx_validate_torsion.phi             -109.65 
_pdbx_validate_torsion.psi             43.20 
# 
_pdbx_validate_chiral.id              1 
_pdbx_validate_chiral.PDB_model_num   1 
_pdbx_validate_chiral.auth_atom_id    N1 
_pdbx_validate_chiral.label_alt_id    ? 
_pdbx_validate_chiral.auth_asym_id    A 
_pdbx_validate_chiral.auth_comp_id    Q4Y 
_pdbx_validate_chiral.auth_seq_id     401 
_pdbx_validate_chiral.PDB_ins_code    ? 
_pdbx_validate_chiral.details         PLANAR 
_pdbx_validate_chiral.omega           . 
# 
_pdbx_struct_special_symmetry.id              1 
_pdbx_struct_special_symmetry.PDB_model_num   1 
_pdbx_struct_special_symmetry.auth_asym_id    A 
_pdbx_struct_special_symmetry.auth_comp_id    HOH 
_pdbx_struct_special_symmetry.auth_seq_id     585 
_pdbx_struct_special_symmetry.PDB_ins_code    ? 
_pdbx_struct_special_symmetry.label_asym_id   C 
_pdbx_struct_special_symmetry.label_comp_id   HOH 
_pdbx_struct_special_symmetry.label_seq_id    . 
# 
_pdbx_entry_details.entry_id                 6UDU 
_pdbx_entry_details.has_ligand_of_interest   Y 
_pdbx_entry_details.compound_details         ? 
_pdbx_entry_details.source_details           ? 
_pdbx_entry_details.nonpolymer_details       ? 
_pdbx_entry_details.sequence_details         ? 
# 
_pdbx_unobs_or_zero_occ_residues.id               1 
_pdbx_unobs_or_zero_occ_residues.PDB_model_num    1 
_pdbx_unobs_or_zero_occ_residues.polymer_flag     Y 
_pdbx_unobs_or_zero_occ_residues.occupancy_flag   1 
_pdbx_unobs_or_zero_occ_residues.auth_asym_id     A 
_pdbx_unobs_or_zero_occ_residues.auth_comp_id     GLY 
_pdbx_unobs_or_zero_occ_residues.auth_seq_id      327 
_pdbx_unobs_or_zero_occ_residues.PDB_ins_code     ? 
_pdbx_unobs_or_zero_occ_residues.label_asym_id    A 
_pdbx_unobs_or_zero_occ_residues.label_comp_id    GLY 
_pdbx_unobs_or_zero_occ_residues.label_seq_id     157 
# 
loop_
_chem_comp_atom.comp_id 
_chem_comp_atom.atom_id 
_chem_comp_atom.type_symbol 
_chem_comp_atom.pdbx_aromatic_flag 
_chem_comp_atom.pdbx_stereo_config 
_chem_comp_atom.pdbx_ordinal 
ALA N    N  N N 1   
ALA CA   C  N S 2   
ALA C    C  N N 3   
ALA O    O  N N 4   
ALA CB   C  N N 5   
ALA OXT  O  N N 6   
ALA H    H  N N 7   
ALA H2   H  N N 8   
ALA HA   H  N N 9   
ALA HB1  H  N N 10  
ALA HB2  H  N N 11  
ALA HB3  H  N N 12  
ALA HXT  H  N N 13  
ARG N    N  N N 14  
ARG CA   C  N S 15  
ARG C    C  N N 16  
ARG O    O  N N 17  
ARG CB   C  N N 18  
ARG CG   C  N N 19  
ARG CD   C  N N 20  
ARG NE   N  N N 21  
ARG CZ   C  N N 22  
ARG NH1  N  N N 23  
ARG NH2  N  N N 24  
ARG OXT  O  N N 25  
ARG H    H  N N 26  
ARG H2   H  N N 27  
ARG HA   H  N N 28  
ARG HB2  H  N N 29  
ARG HB3  H  N N 30  
ARG HG2  H  N N 31  
ARG HG3  H  N N 32  
ARG HD2  H  N N 33  
ARG HD3  H  N N 34  
ARG HE   H  N N 35  
ARG HH11 H  N N 36  
ARG HH12 H  N N 37  
ARG HH21 H  N N 38  
ARG HH22 H  N N 39  
ARG HXT  H  N N 40  
ASN N    N  N N 41  
ASN CA   C  N S 42  
ASN C    C  N N 43  
ASN O    O  N N 44  
ASN CB   C  N N 45  
ASN CG   C  N N 46  
ASN OD1  O  N N 47  
ASN ND2  N  N N 48  
ASN OXT  O  N N 49  
ASN H    H  N N 50  
ASN H2   H  N N 51  
ASN HA   H  N N 52  
ASN HB2  H  N N 53  
ASN HB3  H  N N 54  
ASN HD21 H  N N 55  
ASN HD22 H  N N 56  
ASN HXT  H  N N 57  
ASP N    N  N N 58  
ASP CA   C  N S 59  
ASP C    C  N N 60  
ASP O    O  N N 61  
ASP CB   C  N N 62  
ASP CG   C  N N 63  
ASP OD1  O  N N 64  
ASP OD2  O  N N 65  
ASP OXT  O  N N 66  
ASP H    H  N N 67  
ASP H2   H  N N 68  
ASP HA   H  N N 69  
ASP HB2  H  N N 70  
ASP HB3  H  N N 71  
ASP HD2  H  N N 72  
ASP HXT  H  N N 73  
CYS N    N  N N 74  
CYS CA   C  N R 75  
CYS C    C  N N 76  
CYS O    O  N N 77  
CYS CB   C  N N 78  
CYS SG   S  N N 79  
CYS OXT  O  N N 80  
CYS H    H  N N 81  
CYS H2   H  N N 82  
CYS HA   H  N N 83  
CYS HB2  H  N N 84  
CYS HB3  H  N N 85  
CYS HG   H  N N 86  
CYS HXT  H  N N 87  
GLN N    N  N N 88  
GLN CA   C  N S 89  
GLN C    C  N N 90  
GLN O    O  N N 91  
GLN CB   C  N N 92  
GLN CG   C  N N 93  
GLN CD   C  N N 94  
GLN OE1  O  N N 95  
GLN NE2  N  N N 96  
GLN OXT  O  N N 97  
GLN H    H  N N 98  
GLN H2   H  N N 99  
GLN HA   H  N N 100 
GLN HB2  H  N N 101 
GLN HB3  H  N N 102 
GLN HG2  H  N N 103 
GLN HG3  H  N N 104 
GLN HE21 H  N N 105 
GLN HE22 H  N N 106 
GLN HXT  H  N N 107 
GLU N    N  N N 108 
GLU CA   C  N S 109 
GLU C    C  N N 110 
GLU O    O  N N 111 
GLU CB   C  N N 112 
GLU CG   C  N N 113 
GLU CD   C  N N 114 
GLU OE1  O  N N 115 
GLU OE2  O  N N 116 
GLU OXT  O  N N 117 
GLU H    H  N N 118 
GLU H2   H  N N 119 
GLU HA   H  N N 120 
GLU HB2  H  N N 121 
GLU HB3  H  N N 122 
GLU HG2  H  N N 123 
GLU HG3  H  N N 124 
GLU HE2  H  N N 125 
GLU HXT  H  N N 126 
GLY N    N  N N 127 
GLY CA   C  N N 128 
GLY C    C  N N 129 
GLY O    O  N N 130 
GLY OXT  O  N N 131 
GLY H    H  N N 132 
GLY H2   H  N N 133 
GLY HA2  H  N N 134 
GLY HA3  H  N N 135 
GLY HXT  H  N N 136 
HIS N    N  N N 137 
HIS CA   C  N S 138 
HIS C    C  N N 139 
HIS O    O  N N 140 
HIS CB   C  N N 141 
HIS CG   C  Y N 142 
HIS ND1  N  Y N 143 
HIS CD2  C  Y N 144 
HIS CE1  C  Y N 145 
HIS NE2  N  Y N 146 
HIS OXT  O  N N 147 
HIS H    H  N N 148 
HIS H2   H  N N 149 
HIS HA   H  N N 150 
HIS HB2  H  N N 151 
HIS HB3  H  N N 152 
HIS HD1  H  N N 153 
HIS HD2  H  N N 154 
HIS HE1  H  N N 155 
HIS HE2  H  N N 156 
HIS HXT  H  N N 157 
HOH O    O  N N 158 
HOH H1   H  N N 159 
HOH H2   H  N N 160 
ILE N    N  N N 161 
ILE CA   C  N S 162 
ILE C    C  N N 163 
ILE O    O  N N 164 
ILE CB   C  N S 165 
ILE CG1  C  N N 166 
ILE CG2  C  N N 167 
ILE CD1  C  N N 168 
ILE OXT  O  N N 169 
ILE H    H  N N 170 
ILE H2   H  N N 171 
ILE HA   H  N N 172 
ILE HB   H  N N 173 
ILE HG12 H  N N 174 
ILE HG13 H  N N 175 
ILE HG21 H  N N 176 
ILE HG22 H  N N 177 
ILE HG23 H  N N 178 
ILE HD11 H  N N 179 
ILE HD12 H  N N 180 
ILE HD13 H  N N 181 
ILE HXT  H  N N 182 
LEU N    N  N N 183 
LEU CA   C  N S 184 
LEU C    C  N N 185 
LEU O    O  N N 186 
LEU CB   C  N N 187 
LEU CG   C  N N 188 
LEU CD1  C  N N 189 
LEU CD2  C  N N 190 
LEU OXT  O  N N 191 
LEU H    H  N N 192 
LEU H2   H  N N 193 
LEU HA   H  N N 194 
LEU HB2  H  N N 195 
LEU HB3  H  N N 196 
LEU HG   H  N N 197 
LEU HD11 H  N N 198 
LEU HD12 H  N N 199 
LEU HD13 H  N N 200 
LEU HD21 H  N N 201 
LEU HD22 H  N N 202 
LEU HD23 H  N N 203 
LEU HXT  H  N N 204 
LYS N    N  N N 205 
LYS CA   C  N S 206 
LYS C    C  N N 207 
LYS O    O  N N 208 
LYS CB   C  N N 209 
LYS CG   C  N N 210 
LYS CD   C  N N 211 
LYS CE   C  N N 212 
LYS NZ   N  N N 213 
LYS OXT  O  N N 214 
LYS H    H  N N 215 
LYS H2   H  N N 216 
LYS HA   H  N N 217 
LYS HB2  H  N N 218 
LYS HB3  H  N N 219 
LYS HG2  H  N N 220 
LYS HG3  H  N N 221 
LYS HD2  H  N N 222 
LYS HD3  H  N N 223 
LYS HE2  H  N N 224 
LYS HE3  H  N N 225 
LYS HZ1  H  N N 226 
LYS HZ2  H  N N 227 
LYS HZ3  H  N N 228 
LYS HXT  H  N N 229 
MET N    N  N N 230 
MET CA   C  N S 231 
MET C    C  N N 232 
MET O    O  N N 233 
MET CB   C  N N 234 
MET CG   C  N N 235 
MET SD   S  N N 236 
MET CE   C  N N 237 
MET OXT  O  N N 238 
MET H    H  N N 239 
MET H2   H  N N 240 
MET HA   H  N N 241 
MET HB2  H  N N 242 
MET HB3  H  N N 243 
MET HG2  H  N N 244 
MET HG3  H  N N 245 
MET HE1  H  N N 246 
MET HE2  H  N N 247 
MET HE3  H  N N 248 
MET HXT  H  N N 249 
PHE N    N  N N 250 
PHE CA   C  N S 251 
PHE C    C  N N 252 
PHE O    O  N N 253 
PHE CB   C  N N 254 
PHE CG   C  Y N 255 
PHE CD1  C  Y N 256 
PHE CD2  C  Y N 257 
PHE CE1  C  Y N 258 
PHE CE2  C  Y N 259 
PHE CZ   C  Y N 260 
PHE OXT  O  N N 261 
PHE H    H  N N 262 
PHE H2   H  N N 263 
PHE HA   H  N N 264 
PHE HB2  H  N N 265 
PHE HB3  H  N N 266 
PHE HD1  H  N N 267 
PHE HD2  H  N N 268 
PHE HE1  H  N N 269 
PHE HE2  H  N N 270 
PHE HZ   H  N N 271 
PHE HXT  H  N N 272 
PRO N    N  N N 273 
PRO CA   C  N S 274 
PRO C    C  N N 275 
PRO O    O  N N 276 
PRO CB   C  N N 277 
PRO CG   C  N N 278 
PRO CD   C  N N 279 
PRO OXT  O  N N 280 
PRO H    H  N N 281 
PRO HA   H  N N 282 
PRO HB2  H  N N 283 
PRO HB3  H  N N 284 
PRO HG2  H  N N 285 
PRO HG3  H  N N 286 
PRO HD2  H  N N 287 
PRO HD3  H  N N 288 
PRO HXT  H  N N 289 
Q4Y C9   C  N N 290 
Q4Y C8   C  N N 291 
Q4Y C7   C  N N 292 
Q4Y C4   C  Y N 293 
Q4Y C3   C  Y N 294 
Q4Y C2   C  Y N 295 
Q4Y CL1  CL N N 296 
Q4Y C1   C  Y N 297 
Q4Y C6   C  Y N 298 
Q4Y C5   C  Y N 299 
Q4Y C10  C  N S 300 
Q4Y C14  C  N N 301 
Q4Y C11  C  N N 302 
Q4Y O1   O  N N 303 
Q4Y C12  C  Y N 304 
Q4Y C15  C  Y N 305 
Q4Y C16  C  Y N 306 
Q4Y C17  C  Y N 307 
Q4Y C18  C  Y N 308 
Q4Y C13  C  Y N 309 
Q4Y N1   N  N R 310 
Q4Y C21  C  N N 311 
Q4Y C30  C  N N 312 
Q4Y C25  C  N N 313 
Q4Y C26  C  N N 314 
Q4Y C27  C  N N 315 
Q4Y C29  C  N N 316 
Q4Y C28  C  N N 317 
Q4Y N2   N  N N 318 
Q4Y C24  C  N N 319 
Q4Y C23  C  N N 320 
Q4Y O5   O  N N 321 
Q4Y C22  C  N N 322 
Q4Y C19  C  N R 323 
Q4Y C20  C  N N 324 
Q4Y O4   O  N N 325 
Q4Y O3   O  N N 326 
Q4Y O2   O  N N 327 
Q4Y H1   H  N N 328 
Q4Y H2   H  N N 329 
Q4Y H3   H  N N 330 
Q4Y H4   H  N N 331 
Q4Y H5   H  N N 332 
Q4Y H6   H  N N 333 
Q4Y H7   H  N N 334 
Q4Y H8   H  N N 335 
Q4Y H9   H  N N 336 
Q4Y H10  H  N N 337 
Q4Y H11  H  N N 338 
Q4Y H12  H  N N 339 
Q4Y H13  H  N N 340 
Q4Y H14  H  N N 341 
Q4Y H15  H  N N 342 
Q4Y H16  H  N N 343 
Q4Y H17  H  N N 344 
Q4Y H18  H  N N 345 
Q4Y H19  H  N N 346 
Q4Y H20  H  N N 347 
Q4Y H21  H  N N 348 
Q4Y H22  H  N N 349 
Q4Y H23  H  N N 350 
Q4Y H24  H  N N 351 
Q4Y H25  H  N N 352 
Q4Y H26  H  N N 353 
Q4Y H27  H  N N 354 
Q4Y H28  H  N N 355 
Q4Y H29  H  N N 356 
Q4Y H30  H  N N 357 
Q4Y H31  H  N N 358 
Q4Y H32  H  N N 359 
Q4Y H33  H  N N 360 
Q4Y H34  H  N N 361 
Q4Y H35  H  N N 362 
SER N    N  N N 363 
SER CA   C  N S 364 
SER C    C  N N 365 
SER O    O  N N 366 
SER CB   C  N N 367 
SER OG   O  N N 368 
SER OXT  O  N N 369 
SER H    H  N N 370 
SER H2   H  N N 371 
SER HA   H  N N 372 
SER HB2  H  N N 373 
SER HB3  H  N N 374 
SER HG   H  N N 375 
SER HXT  H  N N 376 
THR N    N  N N 377 
THR CA   C  N S 378 
THR C    C  N N 379 
THR O    O  N N 380 
THR CB   C  N R 381 
THR OG1  O  N N 382 
THR CG2  C  N N 383 
THR OXT  O  N N 384 
THR H    H  N N 385 
THR H2   H  N N 386 
THR HA   H  N N 387 
THR HB   H  N N 388 
THR HG1  H  N N 389 
THR HG21 H  N N 390 
THR HG22 H  N N 391 
THR HG23 H  N N 392 
THR HXT  H  N N 393 
TRP N    N  N N 394 
TRP CA   C  N S 395 
TRP C    C  N N 396 
TRP O    O  N N 397 
TRP CB   C  N N 398 
TRP CG   C  Y N 399 
TRP CD1  C  Y N 400 
TRP CD2  C  Y N 401 
TRP NE1  N  Y N 402 
TRP CE2  C  Y N 403 
TRP CE3  C  Y N 404 
TRP CZ2  C  Y N 405 
TRP CZ3  C  Y N 406 
TRP CH2  C  Y N 407 
TRP OXT  O  N N 408 
TRP H    H  N N 409 
TRP H2   H  N N 410 
TRP HA   H  N N 411 
TRP HB2  H  N N 412 
TRP HB3  H  N N 413 
TRP HD1  H  N N 414 
TRP HE1  H  N N 415 
TRP HE3  H  N N 416 
TRP HZ2  H  N N 417 
TRP HZ3  H  N N 418 
TRP HH2  H  N N 419 
TRP HXT  H  N N 420 
TYR N    N  N N 421 
TYR CA   C  N S 422 
TYR C    C  N N 423 
TYR O    O  N N 424 
TYR CB   C  N N 425 
TYR CG   C  Y N 426 
TYR CD1  C  Y N 427 
TYR CD2  C  Y N 428 
TYR CE1  C  Y N 429 
TYR CE2  C  Y N 430 
TYR CZ   C  Y N 431 
TYR OH   O  N N 432 
TYR OXT  O  N N 433 
TYR H    H  N N 434 
TYR H2   H  N N 435 
TYR HA   H  N N 436 
TYR HB2  H  N N 437 
TYR HB3  H  N N 438 
TYR HD1  H  N N 439 
TYR HD2  H  N N 440 
TYR HE1  H  N N 441 
TYR HE2  H  N N 442 
TYR HH   H  N N 443 
TYR HXT  H  N N 444 
VAL N    N  N N 445 
VAL CA   C  N S 446 
VAL C    C  N N 447 
VAL O    O  N N 448 
VAL CB   C  N N 449 
VAL CG1  C  N N 450 
VAL CG2  C  N N 451 
VAL OXT  O  N N 452 
VAL H    H  N N 453 
VAL H2   H  N N 454 
VAL HA   H  N N 455 
VAL HB   H  N N 456 
VAL HG11 H  N N 457 
VAL HG12 H  N N 458 
VAL HG13 H  N N 459 
VAL HG21 H  N N 460 
VAL HG22 H  N N 461 
VAL HG23 H  N N 462 
VAL HXT  H  N N 463 
# 
loop_
_chem_comp_bond.comp_id 
_chem_comp_bond.atom_id_1 
_chem_comp_bond.atom_id_2 
_chem_comp_bond.value_order 
_chem_comp_bond.pdbx_aromatic_flag 
_chem_comp_bond.pdbx_stereo_config 
_chem_comp_bond.pdbx_ordinal 
ALA N   CA   sing N N 1   
ALA N   H    sing N N 2   
ALA N   H2   sing N N 3   
ALA CA  C    sing N N 4   
ALA CA  CB   sing N N 5   
ALA CA  HA   sing N N 6   
ALA C   O    doub N N 7   
ALA C   OXT  sing N N 8   
ALA CB  HB1  sing N N 9   
ALA CB  HB2  sing N N 10  
ALA CB  HB3  sing N N 11  
ALA OXT HXT  sing N N 12  
ARG N   CA   sing N N 13  
ARG N   H    sing N N 14  
ARG N   H2   sing N N 15  
ARG CA  C    sing N N 16  
ARG CA  CB   sing N N 17  
ARG CA  HA   sing N N 18  
ARG C   O    doub N N 19  
ARG C   OXT  sing N N 20  
ARG CB  CG   sing N N 21  
ARG CB  HB2  sing N N 22  
ARG CB  HB3  sing N N 23  
ARG CG  CD   sing N N 24  
ARG CG  HG2  sing N N 25  
ARG CG  HG3  sing N N 26  
ARG CD  NE   sing N N 27  
ARG CD  HD2  sing N N 28  
ARG CD  HD3  sing N N 29  
ARG NE  CZ   sing N N 30  
ARG NE  HE   sing N N 31  
ARG CZ  NH1  sing N N 32  
ARG CZ  NH2  doub N N 33  
ARG NH1 HH11 sing N N 34  
ARG NH1 HH12 sing N N 35  
ARG NH2 HH21 sing N N 36  
ARG NH2 HH22 sing N N 37  
ARG OXT HXT  sing N N 38  
ASN N   CA   sing N N 39  
ASN N   H    sing N N 40  
ASN N   H2   sing N N 41  
ASN CA  C    sing N N 42  
ASN CA  CB   sing N N 43  
ASN CA  HA   sing N N 44  
ASN C   O    doub N N 45  
ASN C   OXT  sing N N 46  
ASN CB  CG   sing N N 47  
ASN CB  HB2  sing N N 48  
ASN CB  HB3  sing N N 49  
ASN CG  OD1  doub N N 50  
ASN CG  ND2  sing N N 51  
ASN ND2 HD21 sing N N 52  
ASN ND2 HD22 sing N N 53  
ASN OXT HXT  sing N N 54  
ASP N   CA   sing N N 55  
ASP N   H    sing N N 56  
ASP N   H2   sing N N 57  
ASP CA  C    sing N N 58  
ASP CA  CB   sing N N 59  
ASP CA  HA   sing N N 60  
ASP C   O    doub N N 61  
ASP C   OXT  sing N N 62  
ASP CB  CG   sing N N 63  
ASP CB  HB2  sing N N 64  
ASP CB  HB3  sing N N 65  
ASP CG  OD1  doub N N 66  
ASP CG  OD2  sing N N 67  
ASP OD2 HD2  sing N N 68  
ASP OXT HXT  sing N N 69  
CYS N   CA   sing N N 70  
CYS N   H    sing N N 71  
CYS N   H2   sing N N 72  
CYS CA  C    sing N N 73  
CYS CA  CB   sing N N 74  
CYS CA  HA   sing N N 75  
CYS C   O    doub N N 76  
CYS C   OXT  sing N N 77  
CYS CB  SG   sing N N 78  
CYS CB  HB2  sing N N 79  
CYS CB  HB3  sing N N 80  
CYS SG  HG   sing N N 81  
CYS OXT HXT  sing N N 82  
GLN N   CA   sing N N 83  
GLN N   H    sing N N 84  
GLN N   H2   sing N N 85  
GLN CA  C    sing N N 86  
GLN CA  CB   sing N N 87  
GLN CA  HA   sing N N 88  
GLN C   O    doub N N 89  
GLN C   OXT  sing N N 90  
GLN CB  CG   sing N N 91  
GLN CB  HB2  sing N N 92  
GLN CB  HB3  sing N N 93  
GLN CG  CD   sing N N 94  
GLN CG  HG2  sing N N 95  
GLN CG  HG3  sing N N 96  
GLN CD  OE1  doub N N 97  
GLN CD  NE2  sing N N 98  
GLN NE2 HE21 sing N N 99  
GLN NE2 HE22 sing N N 100 
GLN OXT HXT  sing N N 101 
GLU N   CA   sing N N 102 
GLU N   H    sing N N 103 
GLU N   H2   sing N N 104 
GLU CA  C    sing N N 105 
GLU CA  CB   sing N N 106 
GLU CA  HA   sing N N 107 
GLU C   O    doub N N 108 
GLU C   OXT  sing N N 109 
GLU CB  CG   sing N N 110 
GLU CB  HB2  sing N N 111 
GLU CB  HB3  sing N N 112 
GLU CG  CD   sing N N 113 
GLU CG  HG2  sing N N 114 
GLU CG  HG3  sing N N 115 
GLU CD  OE1  doub N N 116 
GLU CD  OE2  sing N N 117 
GLU OE2 HE2  sing N N 118 
GLU OXT HXT  sing N N 119 
GLY N   CA   sing N N 120 
GLY N   H    sing N N 121 
GLY N   H2   sing N N 122 
GLY CA  C    sing N N 123 
GLY CA  HA2  sing N N 124 
GLY CA  HA3  sing N N 125 
GLY C   O    doub N N 126 
GLY C   OXT  sing N N 127 
GLY OXT HXT  sing N N 128 
HIS N   CA   sing N N 129 
HIS N   H    sing N N 130 
HIS N   H2   sing N N 131 
HIS CA  C    sing N N 132 
HIS CA  CB   sing N N 133 
HIS CA  HA   sing N N 134 
HIS C   O    doub N N 135 
HIS C   OXT  sing N N 136 
HIS CB  CG   sing N N 137 
HIS CB  HB2  sing N N 138 
HIS CB  HB3  sing N N 139 
HIS CG  ND1  sing Y N 140 
HIS CG  CD2  doub Y N 141 
HIS ND1 CE1  doub Y N 142 
HIS ND1 HD1  sing N N 143 
HIS CD2 NE2  sing Y N 144 
HIS CD2 HD2  sing N N 145 
HIS CE1 NE2  sing Y N 146 
HIS CE1 HE1  sing N N 147 
HIS NE2 HE2  sing N N 148 
HIS OXT HXT  sing N N 149 
HOH O   H1   sing N N 150 
HOH O   H2   sing N N 151 
ILE N   CA   sing N N 152 
ILE N   H    sing N N 153 
ILE N   H2   sing N N 154 
ILE CA  C    sing N N 155 
ILE CA  CB   sing N N 156 
ILE CA  HA   sing N N 157 
ILE C   O    doub N N 158 
ILE C   OXT  sing N N 159 
ILE CB  CG1  sing N N 160 
ILE CB  CG2  sing N N 161 
ILE CB  HB   sing N N 162 
ILE CG1 CD1  sing N N 163 
ILE CG1 HG12 sing N N 164 
ILE CG1 HG13 sing N N 165 
ILE CG2 HG21 sing N N 166 
ILE CG2 HG22 sing N N 167 
ILE CG2 HG23 sing N N 168 
ILE CD1 HD11 sing N N 169 
ILE CD1 HD12 sing N N 170 
ILE CD1 HD13 sing N N 171 
ILE OXT HXT  sing N N 172 
LEU N   CA   sing N N 173 
LEU N   H    sing N N 174 
LEU N   H2   sing N N 175 
LEU CA  C    sing N N 176 
LEU CA  CB   sing N N 177 
LEU CA  HA   sing N N 178 
LEU C   O    doub N N 179 
LEU C   OXT  sing N N 180 
LEU CB  CG   sing N N 181 
LEU CB  HB2  sing N N 182 
LEU CB  HB3  sing N N 183 
LEU CG  CD1  sing N N 184 
LEU CG  CD2  sing N N 185 
LEU CG  HG   sing N N 186 
LEU CD1 HD11 sing N N 187 
LEU CD1 HD12 sing N N 188 
LEU CD1 HD13 sing N N 189 
LEU CD2 HD21 sing N N 190 
LEU CD2 HD22 sing N N 191 
LEU CD2 HD23 sing N N 192 
LEU OXT HXT  sing N N 193 
LYS N   CA   sing N N 194 
LYS N   H    sing N N 195 
LYS N   H2   sing N N 196 
LYS CA  C    sing N N 197 
LYS CA  CB   sing N N 198 
LYS CA  HA   sing N N 199 
LYS C   O    doub N N 200 
LYS C   OXT  sing N N 201 
LYS CB  CG   sing N N 202 
LYS CB  HB2  sing N N 203 
LYS CB  HB3  sing N N 204 
LYS CG  CD   sing N N 205 
LYS CG  HG2  sing N N 206 
LYS CG  HG3  sing N N 207 
LYS CD  CE   sing N N 208 
LYS CD  HD2  sing N N 209 
LYS CD  HD3  sing N N 210 
LYS CE  NZ   sing N N 211 
LYS CE  HE2  sing N N 212 
LYS CE  HE3  sing N N 213 
LYS NZ  HZ1  sing N N 214 
LYS NZ  HZ2  sing N N 215 
LYS NZ  HZ3  sing N N 216 
LYS OXT HXT  sing N N 217 
MET N   CA   sing N N 218 
MET N   H    sing N N 219 
MET N   H2   sing N N 220 
MET CA  C    sing N N 221 
MET CA  CB   sing N N 222 
MET CA  HA   sing N N 223 
MET C   O    doub N N 224 
MET C   OXT  sing N N 225 
MET CB  CG   sing N N 226 
MET CB  HB2  sing N N 227 
MET CB  HB3  sing N N 228 
MET CG  SD   sing N N 229 
MET CG  HG2  sing N N 230 
MET CG  HG3  sing N N 231 
MET SD  CE   sing N N 232 
MET CE  HE1  sing N N 233 
MET CE  HE2  sing N N 234 
MET CE  HE3  sing N N 235 
MET OXT HXT  sing N N 236 
PHE N   CA   sing N N 237 
PHE N   H    sing N N 238 
PHE N   H2   sing N N 239 
PHE CA  C    sing N N 240 
PHE CA  CB   sing N N 241 
PHE CA  HA   sing N N 242 
PHE C   O    doub N N 243 
PHE C   OXT  sing N N 244 
PHE CB  CG   sing N N 245 
PHE CB  HB2  sing N N 246 
PHE CB  HB3  sing N N 247 
PHE CG  CD1  doub Y N 248 
PHE CG  CD2  sing Y N 249 
PHE CD1 CE1  sing Y N 250 
PHE CD1 HD1  sing N N 251 
PHE CD2 CE2  doub Y N 252 
PHE CD2 HD2  sing N N 253 
PHE CE1 CZ   doub Y N 254 
PHE CE1 HE1  sing N N 255 
PHE CE2 CZ   sing Y N 256 
PHE CE2 HE2  sing N N 257 
PHE CZ  HZ   sing N N 258 
PHE OXT HXT  sing N N 259 
PRO N   CA   sing N N 260 
PRO N   CD   sing N N 261 
PRO N   H    sing N N 262 
PRO CA  C    sing N N 263 
PRO CA  CB   sing N N 264 
PRO CA  HA   sing N N 265 
PRO C   O    doub N N 266 
PRO C   OXT  sing N N 267 
PRO CB  CG   sing N N 268 
PRO CB  HB2  sing N N 269 
PRO CB  HB3  sing N N 270 
PRO CG  CD   sing N N 271 
PRO CG  HG2  sing N N 272 
PRO CG  HG3  sing N N 273 
PRO CD  HD2  sing N N 274 
PRO CD  HD3  sing N N 275 
PRO OXT HXT  sing N N 276 
Q4Y CL1 C2   sing N N 277 
Q4Y C2  C1   doub Y N 278 
Q4Y C2  C3   sing Y N 279 
Q4Y C1  C6   sing Y N 280 
Q4Y C3  C4   doub Y N 281 
Q4Y C6  C5   doub Y N 282 
Q4Y C4  C5   sing Y N 283 
Q4Y C4  C7   sing N N 284 
Q4Y C11 O1   sing N N 285 
Q4Y C11 C10  sing N N 286 
Q4Y C5  C10  sing N N 287 
Q4Y C7  C8   sing N N 288 
Q4Y O1  C12  sing N N 289 
Q4Y C10 C9   sing N N 290 
Q4Y C10 C14  sing N N 291 
Q4Y C9  C8   sing N N 292 
Q4Y C15 C12  doub Y N 293 
Q4Y C15 C16  sing Y N 294 
Q4Y C12 C13  sing Y N 295 
Q4Y C16 C17  doub Y N 296 
Q4Y C14 N1   sing N N 297 
Q4Y C13 N1   sing N N 298 
Q4Y C13 C18  doub Y N 299 
Q4Y N1  C21  sing N N 300 
Q4Y O4  C20  doub N N 301 
Q4Y C17 C18  sing Y N 302 
Q4Y C17 C19  sing N N 303 
Q4Y O2  C19  sing N N 304 
Q4Y C20 C19  sing N N 305 
Q4Y C20 O3   sing N N 306 
Q4Y C21 C30  sing N N 307 
Q4Y C19 C22  sing N N 308 
Q4Y C30 C25  sing N N 309 
Q4Y O5  C23  doub N N 310 
Q4Y C22 C23  sing N N 311 
Q4Y C23 N2   sing N N 312 
Q4Y C25 C26  sing N N 313 
Q4Y N2  C24  sing N N 314 
Q4Y N2  C28  sing N N 315 
Q4Y C26 C27  sing N N 316 
Q4Y C27 C29  doub N E 317 
Q4Y C29 C28  sing N N 318 
Q4Y C9  H1   sing N N 319 
Q4Y C9  H2   sing N N 320 
Q4Y C8  H3   sing N N 321 
Q4Y C8  H4   sing N N 322 
Q4Y C7  H5   sing N N 323 
Q4Y C7  H6   sing N N 324 
Q4Y C3  H7   sing N N 325 
Q4Y C1  H8   sing N N 326 
Q4Y C6  H9   sing N N 327 
Q4Y C14 H10  sing N N 328 
Q4Y C14 H11  sing N N 329 
Q4Y C11 H12  sing N N 330 
Q4Y C11 H13  sing N N 331 
Q4Y C15 H14  sing N N 332 
Q4Y C16 H15  sing N N 333 
Q4Y C18 H16  sing N N 334 
Q4Y C21 H17  sing N N 335 
Q4Y C21 H18  sing N N 336 
Q4Y C30 H19  sing N N 337 
Q4Y C30 H20  sing N N 338 
Q4Y C25 H21  sing N N 339 
Q4Y C25 H22  sing N N 340 
Q4Y C26 H23  sing N N 341 
Q4Y C26 H24  sing N N 342 
Q4Y C27 H25  sing N N 343 
Q4Y C29 H26  sing N N 344 
Q4Y C28 H27  sing N N 345 
Q4Y C28 H28  sing N N 346 
Q4Y C24 H29  sing N N 347 
Q4Y C24 H30  sing N N 348 
Q4Y C24 H31  sing N N 349 
Q4Y C22 H32  sing N N 350 
Q4Y C22 H33  sing N N 351 
Q4Y O3  H34  sing N N 352 
Q4Y O2  H35  sing N N 353 
SER N   CA   sing N N 354 
SER N   H    sing N N 355 
SER N   H2   sing N N 356 
SER CA  C    sing N N 357 
SER CA  CB   sing N N 358 
SER CA  HA   sing N N 359 
SER C   O    doub N N 360 
SER C   OXT  sing N N 361 
SER CB  OG   sing N N 362 
SER CB  HB2  sing N N 363 
SER CB  HB3  sing N N 364 
SER OG  HG   sing N N 365 
SER OXT HXT  sing N N 366 
THR N   CA   sing N N 367 
THR N   H    sing N N 368 
THR N   H2   sing N N 369 
THR CA  C    sing N N 370 
THR CA  CB   sing N N 371 
THR CA  HA   sing N N 372 
THR C   O    doub N N 373 
THR C   OXT  sing N N 374 
THR CB  OG1  sing N N 375 
THR CB  CG2  sing N N 376 
THR CB  HB   sing N N 377 
THR OG1 HG1  sing N N 378 
THR CG2 HG21 sing N N 379 
THR CG2 HG22 sing N N 380 
THR CG2 HG23 sing N N 381 
THR OXT HXT  sing N N 382 
TRP N   CA   sing N N 383 
TRP N   H    sing N N 384 
TRP N   H2   sing N N 385 
TRP CA  C    sing N N 386 
TRP CA  CB   sing N N 387 
TRP CA  HA   sing N N 388 
TRP C   O    doub N N 389 
TRP C   OXT  sing N N 390 
TRP CB  CG   sing N N 391 
TRP CB  HB2  sing N N 392 
TRP CB  HB3  sing N N 393 
TRP CG  CD1  doub Y N 394 
TRP CG  CD2  sing Y N 395 
TRP CD1 NE1  sing Y N 396 
TRP CD1 HD1  sing N N 397 
TRP CD2 CE2  doub Y N 398 
TRP CD2 CE3  sing Y N 399 
TRP NE1 CE2  sing Y N 400 
TRP NE1 HE1  sing N N 401 
TRP CE2 CZ2  sing Y N 402 
TRP CE3 CZ3  doub Y N 403 
TRP CE3 HE3  sing N N 404 
TRP CZ2 CH2  doub Y N 405 
TRP CZ2 HZ2  sing N N 406 
TRP CZ3 CH2  sing Y N 407 
TRP CZ3 HZ3  sing N N 408 
TRP CH2 HH2  sing N N 409 
TRP OXT HXT  sing N N 410 
TYR N   CA   sing N N 411 
TYR N   H    sing N N 412 
TYR N   H2   sing N N 413 
TYR CA  C    sing N N 414 
TYR CA  CB   sing N N 415 
TYR CA  HA   sing N N 416 
TYR C   O    doub N N 417 
TYR C   OXT  sing N N 418 
TYR CB  CG   sing N N 419 
TYR CB  HB2  sing N N 420 
TYR CB  HB3  sing N N 421 
TYR CG  CD1  doub Y N 422 
TYR CG  CD2  sing Y N 423 
TYR CD1 CE1  sing Y N 424 
TYR CD1 HD1  sing N N 425 
TYR CD2 CE2  doub Y N 426 
TYR CD2 HD2  sing N N 427 
TYR CE1 CZ   doub Y N 428 
TYR CE1 HE1  sing N N 429 
TYR CE2 CZ   sing Y N 430 
TYR CE2 HE2  sing N N 431 
TYR CZ  OH   sing N N 432 
TYR OH  HH   sing N N 433 
TYR OXT HXT  sing N N 434 
VAL N   CA   sing N N 435 
VAL N   H    sing N N 436 
VAL N   H2   sing N N 437 
VAL CA  C    sing N N 438 
VAL CA  CB   sing N N 439 
VAL CA  HA   sing N N 440 
VAL C   O    doub N N 441 
VAL C   OXT  sing N N 442 
VAL CB  CG1  sing N N 443 
VAL CB  CG2  sing N N 444 
VAL CB  HB   sing N N 445 
VAL CG1 HG11 sing N N 446 
VAL CG1 HG12 sing N N 447 
VAL CG1 HG13 sing N N 448 
VAL CG2 HG21 sing N N 449 
VAL CG2 HG22 sing N N 450 
VAL CG2 HG23 sing N N 451 
VAL OXT HXT  sing N N 452 
# 
_pdbx_entity_instance_feature.ordinal        1 
_pdbx_entity_instance_feature.comp_id        Q4Y 
_pdbx_entity_instance_feature.asym_id        ? 
_pdbx_entity_instance_feature.seq_num        ? 
_pdbx_entity_instance_feature.auth_comp_id   Q4Y 
_pdbx_entity_instance_feature.auth_asym_id   ? 
_pdbx_entity_instance_feature.auth_seq_num   ? 
_pdbx_entity_instance_feature.feature_type   'SUBJECT OF INVESTIGATION' 
_pdbx_entity_instance_feature.details        ? 
# 
_atom_sites.entry_id                    6UDU 
_atom_sites.Cartn_transf_matrix[1][1]   ? 
_atom_sites.Cartn_transf_matrix[1][2]   ? 
_atom_sites.Cartn_transf_matrix[1][3]   ? 
_atom_sites.Cartn_transf_matrix[2][1]   ? 
_atom_sites.Cartn_transf_matrix[2][2]   ? 
_atom_sites.Cartn_transf_matrix[2][3]   ? 
_atom_sites.Cartn_transf_matrix[3][1]   ? 
_atom_sites.Cartn_transf_matrix[3][2]   ? 
_atom_sites.Cartn_transf_matrix[3][3]   ? 
_atom_sites.Cartn_transf_vector[1]      ? 
_atom_sites.Cartn_transf_vector[2]      ? 
_atom_sites.Cartn_transf_vector[3]      ? 
_atom_sites.fract_transf_matrix[1][1]   -0.00485825 
_atom_sites.fract_transf_matrix[1][2]   0.00158359 
_atom_sites.fract_transf_matrix[1][3]   0.02240776 
_atom_sites.fract_transf_matrix[2][1]   -0.01081453 
_atom_sites.fract_transf_matrix[2][2]   0.00144746 
_atom_sites.fract_transf_matrix[2][3]   -0.00244701 
_atom_sites.fract_transf_matrix[3][1]   -0.00166461 
_atom_sites.fract_transf_matrix[3][2]   -0.01165463 
_atom_sites.fract_transf_matrix[3][3]   0.00046274 
_atom_sites.fract_transf_vector[1]      0.160598 
_atom_sites.fract_transf_vector[2]      0.143346 
_atom_sites.fract_transf_vector[3]      1.109534 
_atom_sites.solution_primary            ? 
_atom_sites.solution_secondary          ? 
_atom_sites.solution_hydrogens          ? 
_atom_sites.special_details             ? 
# 
loop_
_atom_type.symbol 
C  
CL 
N  
O  
S  
# 
loop_
_atom_site.group_PDB 
_atom_site.id 
_atom_site.type_symbol 
_atom_site.label_atom_id 
_atom_site.label_alt_id 
_atom_site.label_comp_id 
_atom_site.label_asym_id 
_atom_site.label_entity_id 
_atom_site.label_seq_id 
_atom_site.pdbx_PDB_ins_code 
_atom_site.Cartn_x 
_atom_site.Cartn_y 
_atom_site.Cartn_z 
_atom_site.occupancy 
_atom_site.B_iso_or_equiv 
_atom_site.pdbx_formal_charge 
_atom_site.auth_seq_id 
_atom_site.auth_comp_id 
_atom_site.auth_asym_id 
_atom_site.auth_atom_id 
_atom_site.pdbx_PDB_model_num 
ATOM   1    N  N   . GLU A 1 1   ? 0.565   22.318  -5.745  1.00 66.37 ? 171 GLU A N   1 
ATOM   2    C  CA  . GLU A 1 1   ? -0.235  21.094  -5.422  1.00 63.53 ? 171 GLU A CA  1 
ATOM   3    C  C   . GLU A 1 1   ? 0.446   19.838  -5.963  1.00 55.64 ? 171 GLU A C   1 
ATOM   4    O  O   . GLU A 1 1   ? 0.804   19.770  -7.144  1.00 60.66 ? 171 GLU A O   1 
ATOM   5    C  CB  . GLU A 1 1   ? -1.642  21.179  -6.016  1.00 66.64 ? 171 GLU A CB  1 
ATOM   6    C  CG  . GLU A 1 1   ? -2.604  20.150  -5.422  1.00 71.01 ? 171 GLU A CG  1 
ATOM   7    C  CD  . GLU A 1 1   ? -3.436  19.412  -6.463  1.00 78.09 ? 171 GLU A CD  1 
ATOM   8    O  OE1 . GLU A 1 1   ? -3.595  19.923  -7.598  1.00 83.11 ? 171 GLU A OE1 1 
ATOM   9    O  OE2 . GLU A 1 1   ? -3.935  18.309  -6.142  1.00 77.78 ? 171 GLU A OE2 1 
ATOM   10   N  N   . ASP A 1 2   ? 0.587   18.837  -5.101  1.00 43.25 ? 172 ASP A N   1 
ATOM   11   C  CA  . ASP A 1 2   ? 1.246   17.591  -5.469  1.00 36.49 ? 172 ASP A CA  1 
ATOM   12   C  C   . ASP A 1 2   ? 0.202   16.506  -5.738  1.00 32.54 ? 172 ASP A C   1 
ATOM   13   O  O   . ASP A 1 2   ? -0.150  15.747  -4.836  1.00 29.17 ? 172 ASP A O   1 
ATOM   14   C  CB  . ASP A 1 2   ? 2.184   17.173  -4.337  1.00 33.52 ? 172 ASP A CB  1 
ATOM   15   C  CG  . ASP A 1 2   ? 3.098   16.016  -4.722  1.00 29.75 ? 172 ASP A CG  1 
ATOM   16   O  OD1 . ASP A 1 2   ? 2.800   15.304  -5.700  1.00 28.04 ? 172 ASP A OD1 1 
ATOM   17   O  OD2 . ASP A 1 2   ? 4.097   15.810  -3.997  1.00 28.38 ? 172 ASP A OD2 1 
ATOM   18   N  N   . GLU A 1 3   ? -0.264  16.411  -6.981  1.00 31.35 ? 173 GLU A N   1 
ATOM   19   C  CA  . GLU A 1 3   ? -1.369  15.504  -7.285  1.00 35.13 ? 173 GLU A CA  1 
ATOM   20   C  C   . GLU A 1 3   ? -1.016  14.032  -7.070  1.00 29.71 ? 173 GLU A C   1 
ATOM   21   O  O   . GLU A 1 3   ? -1.844  13.268  -6.571  1.00 27.76 ? 173 GLU A O   1 
ATOM   22   C  CB  . GLU A 1 3   ? -1.877  15.702  -8.715  1.00 39.05 ? 173 GLU A CB  1 
ATOM   23   C  CG  . GLU A 1 3   ? -3.086  14.845  -9.061  1.00 47.00 ? 173 GLU A CG  1 
ATOM   24   C  CD  . GLU A 1 3   ? -4.272  15.086  -8.134  1.00 55.51 ? 173 GLU A CD  1 
ATOM   25   O  OE1 . GLU A 1 3   ? -4.852  16.198  -8.178  1.00 62.40 ? 173 GLU A OE1 1 
ATOM   26   O  OE2 . GLU A 1 3   ? -4.626  14.163  -7.360  1.00 56.46 ? 173 GLU A OE2 1 
ATOM   27   N  N   . LEU A 1 4   ? 0.190   13.639  -7.470  1.00 26.99 ? 174 LEU A N   1 
ATOM   28   C  CA  . LEU A 1 4   ? 0.643   12.264  -7.308  1.00 26.16 ? 174 LEU A CA  1 
ATOM   29   C  C   . LEU A 1 4   ? 0.695   11.860  -5.827  1.00 24.83 ? 174 LEU A C   1 
ATOM   30   O  O   . LEU A 1 4   ? 0.239   10.785  -5.470  1.00 24.73 ? 174 LEU A O   1 
ATOM   31   C  CB  . LEU A 1 4   ? 2.010   12.053  -7.991  1.00 25.86 ? 174 LEU A CB  1 
ATOM   32   C  CG  . LEU A 1 4   ? 2.667   10.679  -7.779  1.00 28.66 ? 174 LEU A CG  1 
ATOM   33   C  CD1 . LEU A 1 4   ? 1.799   9.550   -8.338  1.00 28.28 ? 174 LEU A CD1 1 
ATOM   34   C  CD2 . LEU A 1 4   ? 4.065   10.657  -8.395  1.00 26.96 ? 174 LEU A CD2 1 
ATOM   35   N  N   . TYR A 1 5   ? 1.226   12.723  -4.966  1.00 24.88 ? 175 TYR A N   1 
ATOM   36   C  CA  . TYR A 1 5   ? 1.230   12.431  -3.535  1.00 24.73 ? 175 TYR A CA  1 
ATOM   37   C  C   . TYR A 1 5   ? -0.186  12.247  -2.993  1.00 25.41 ? 175 TYR A C   1 
ATOM   38   O  O   . TYR A 1 5   ? -0.473  11.272  -2.288  1.00 23.60 ? 175 TYR A O   1 
ATOM   39   C  CB  . TYR A 1 5   ? 1.911   13.525  -2.722  1.00 25.14 ? 175 TYR A CB  1 
ATOM   40   C  CG  . TYR A 1 5   ? 2.047   13.102  -1.278  1.00 26.75 ? 175 TYR A CG  1 
ATOM   41   C  CD1 . TYR A 1 5   ? 3.117   12.317  -0.882  1.00 28.84 ? 175 TYR A CD1 1 
ATOM   42   C  CD2 . TYR A 1 5   ? 1.085   13.440  -0.320  1.00 27.94 ? 175 TYR A CD2 1 
ATOM   43   C  CE1 . TYR A 1 5   ? 3.251   11.892  0.422   1.00 28.24 ? 175 TYR A CE1 1 
ATOM   44   C  CE2 . TYR A 1 5   ? 1.218   13.018  0.999   1.00 29.79 ? 175 TYR A CE2 1 
ATOM   45   C  CZ  . TYR A 1 5   ? 2.298   12.240  1.357   1.00 30.46 ? 175 TYR A CZ  1 
ATOM   46   O  OH  . TYR A 1 5   ? 2.454   11.803  2.654   1.00 36.68 ? 175 TYR A OH  1 
ATOM   47   N  N   . ARG A 1 6   ? -1.057  13.196  -3.313  1.00 26.70 ? 176 ARG A N   1 
ATOM   48   C  CA  . ARG A 1 6   ? -2.422  13.202  -2.773  1.00 27.23 ? 176 ARG A CA  1 
ATOM   49   C  C   . ARG A 1 6   ? -3.167  11.933  -3.190  1.00 24.31 ? 176 ARG A C   1 
ATOM   50   O  O   . ARG A 1 6   ? -3.857  11.285  -2.378  1.00 25.63 ? 176 ARG A O   1 
ATOM   51   C  CB  . ARG A 1 6   ? -3.156  14.456  -3.278  1.00 32.53 ? 176 ARG A CB  1 
ATOM   52   C  CG  . ARG A 1 6   ? -4.558  14.692  -2.705  1.00 40.52 ? 176 ARG A CG  1 
ATOM   53   C  CD  . ARG A 1 6   ? -5.486  15.343  -3.738  1.00 45.45 ? 176 ARG A CD  1 
ATOM   54   N  NE  . ARG A 1 6   ? -5.744  14.442  -4.870  1.00 48.79 ? 176 ARG A NE  1 
ATOM   55   C  CZ  . ARG A 1 6   ? -6.564  13.384  -4.840  1.00 50.34 ? 176 ARG A CZ  1 
ATOM   56   N  NH1 . ARG A 1 6   ? -7.247  13.062  -3.736  1.00 50.68 ? 176 ARG A NH1 1 
ATOM   57   N  NH2 . ARG A 1 6   ? -6.704  12.634  -5.929  1.00 50.45 ? 176 ARG A NH2 1 
ATOM   58   N  N   . GLN A 1 7   ? -3.048  11.592  -4.467  1.00 24.92 ? 177 GLN A N   1 
ATOM   59   C  CA  . GLN A 1 7   ? -3.679  10.400  -5.020  1.00 26.28 ? 177 GLN A CA  1 
ATOM   60   C  C   . GLN A 1 7   ? -3.101  9.129   -4.391  1.00 25.32 ? 177 GLN A C   1 
ATOM   61   O  O   . GLN A 1 7   ? -3.843  8.222   -4.016  1.00 24.58 ? 177 GLN A O   1 
ATOM   62   C  CB  . GLN A 1 7   ? -3.492  10.367  -6.526  1.00 28.35 ? 177 GLN A CB  1 
ATOM   63   C  CG  . GLN A 1 7   ? -4.081  9.135   -7.169  1.00 28.11 ? 177 GLN A CG  1 
ATOM   64   C  CD  . GLN A 1 7   ? -4.079  9.220   -8.670  1.00 30.61 ? 177 GLN A CD  1 
ATOM   65   O  OE1 . GLN A 1 7   ? -3.108  9.679   -9.277  1.00 28.50 ? 177 GLN A OE1 1 
ATOM   66   N  NE2 . GLN A 1 7   ? -5.172  8.757   -9.288  1.00 29.56 ? 177 GLN A NE2 1 
ATOM   67   N  N   . SER A 1 8   ? -1.775  9.075   -4.295  1.00 24.66 ? 178 SER A N   1 
ATOM   68   C  CA  . SER A 1 8   ? -1.094  7.953   -3.626  1.00 24.31 ? 178 SER A CA  1 
ATOM   69   C  C   . SER A 1 8   ? -1.600  7.765   -2.190  1.00 25.76 ? 178 SER A C   1 
ATOM   70   O  O   . SER A 1 8   ? -1.936  6.645   -1.778  1.00 25.34 ? 178 SER A O   1 
ATOM   71   C  CB  . SER A 1 8   ? 0.420   8.151   -3.647  1.00 25.93 ? 178 SER A CB  1 
ATOM   72   O  OG  . SER A 1 8   ? 0.900   8.219   -4.992  1.00 24.58 ? 178 SER A OG  1 
ATOM   73   N  N   . LEU A 1 9   ? -1.664  8.856   -1.434  1.00 26.40 ? 179 LEU A N   1 
ATOM   74   C  CA  . LEU A 1 9   ? -2.085  8.770   -0.047  1.00 26.67 ? 179 LEU A CA  1 
ATOM   75   C  C   . LEU A 1 9   ? -3.519  8.266   0.062   1.00 26.89 ? 179 LEU A C   1 
ATOM   76   O  O   . LEU A 1 9   ? -3.823  7.417   0.917   1.00 27.10 ? 179 LEU A O   1 
ATOM   77   C  CB  . LEU A 1 9   ? -1.936  10.124  0.636   1.00 27.08 ? 179 LEU A CB  1 
ATOM   78   C  CG  . LEU A 1 9   ? -2.245  10.154  2.143   1.00 28.22 ? 179 LEU A CG  1 
ATOM   79   C  CD1 . LEU A 1 9   ? -1.353  9.239   2.974   1.00 27.28 ? 179 LEU A CD1 1 
ATOM   80   C  CD2 . LEU A 1 9   ? -2.118  11.590  2.621   1.00 28.37 ? 179 LEU A CD2 1 
ATOM   81   N  N   . GLU A 1 10  ? -4.398  8.756   -0.804  1.00 26.90 ? 180 GLU A N   1 
ATOM   82   C  CA  . GLU A 1 10  ? -5.796  8.331   -0.771  1.00 28.84 ? 180 GLU A CA  1 
ATOM   83   C  C   . GLU A 1 10  ? -5.975  6.838   -1.085  1.00 29.03 ? 180 GLU A C   1 
ATOM   84   O  O   . GLU A 1 10  ? -6.754  6.146   -0.421  1.00 25.97 ? 180 GLU A O   1 
ATOM   85   C  CB  . GLU A 1 10  ? -6.633  9.160   -1.745  1.00 31.26 ? 180 GLU A CB  1 
ATOM   86   C  CG  . GLU A 1 10  ? -8.108  8.805   -1.692  1.00 36.40 ? 180 GLU A CG  1 
ATOM   87   C  CD  . GLU A 1 10  ? -8.996  9.929   -2.163  1.00 40.59 ? 180 GLU A CD  1 
ATOM   88   O  OE1 . GLU A 1 10  ? -8.811  10.380  -3.315  1.00 48.63 ? 180 GLU A OE1 1 
ATOM   89   O  OE2 . GLU A 1 10  ? -9.870  10.348  -1.376  1.00 45.59 ? 180 GLU A OE2 1 
ATOM   90   N  N   . ILE A 1 11  ? -5.266  6.341   -2.098  1.00 25.68 ? 181 ILE A N   1 
ATOM   91   C  CA  . ILE A 1 11  ? -5.352  4.934   -2.485  1.00 24.90 ? 181 ILE A CA  1 
ATOM   92   C  C   . ILE A 1 11  ? -4.793  4.036   -1.372  1.00 23.99 ? 181 ILE A C   1 
ATOM   93   O  O   . ILE A 1 11  ? -5.438  3.071   -0.941  1.00 25.63 ? 181 ILE A O   1 
ATOM   94   C  CB  . ILE A 1 11  ? -4.559  4.663   -3.788  1.00 23.07 ? 181 ILE A CB  1 
ATOM   95   C  CG1 . ILE A 1 11  ? -5.273  5.283   -5.001  1.00 24.52 ? 181 ILE A CG1 1 
ATOM   96   C  CG2 . ILE A 1 11  ? -4.367  3.161   -4.006  1.00 23.37 ? 181 ILE A CG2 1 
ATOM   97   C  CD1 . ILE A 1 11  ? -4.383  5.534   -6.213  1.00 22.66 ? 181 ILE A CD1 1 
ATOM   98   N  N   . ILE A 1 12  ? -3.596  4.363   -0.922  1.00 23.45 ? 182 ILE A N   1 
ATOM   99   C  CA  . ILE A 1 12  ? -2.887  3.576   0.111   1.00 22.21 ? 182 ILE A CA  1 
ATOM   100  C  C   . ILE A 1 12  ? -3.646  3.599   1.456   1.00 26.55 ? 182 ILE A C   1 
ATOM   101  O  O   . ILE A 1 12  ? -3.788  2.563   2.122   1.00 25.01 ? 182 ILE A O   1 
ATOM   102  C  CB  . ILE A 1 12  ? -1.427  4.046   0.256   1.00 23.90 ? 182 ILE A CB  1 
ATOM   103  C  CG1 . ILE A 1 12  ? -0.646  3.665   -1.007  1.00 23.17 ? 182 ILE A CG1 1 
ATOM   104  C  CG2 . ILE A 1 12  ? -0.736  3.387   1.455   1.00 21.88 ? 182 ILE A CG2 1 
ATOM   105  C  CD1 . ILE A 1 12  ? 0.753   4.263   -1.112  1.00 23.48 ? 182 ILE A CD1 1 
ATOM   106  N  N   . SER A 1 13  ? -4.156  4.767   1.829   1.00 25.33 ? 183 SER A N   1 
ATOM   107  C  CA  . SER A 1 13  ? -4.898  4.910   3.084   1.00 27.96 ? 183 SER A CA  1 
ATOM   108  C  C   . SER A 1 13  ? -6.172  4.106   3.052   1.00 25.31 ? 183 SER A C   1 
ATOM   109  O  O   . SER A 1 13  ? -6.478  3.385   4.004   1.00 26.62 ? 183 SER A O   1 
ATOM   110  C  CB  . SER A 1 13  ? -5.252  6.376   3.358   1.00 28.95 ? 183 SER A CB  1 
ATOM   111  O  OG  . SER A 1 13  ? -4.099  7.091   3.735   1.00 37.19 ? 183 SER A OG  1 
ATOM   112  N  N   . ARG A 1 14  ? -6.931  4.255   1.976   1.00 27.70 ? 184 ARG A N   1 
ATOM   113  C  CA  . ARG A 1 14  ? -8.156  3.472   1.796   1.00 27.38 ? 184 ARG A CA  1 
ATOM   114  C  C   . ARG A 1 14  ? -7.922  1.948   1.852   1.00 27.73 ? 184 ARG A C   1 
ATOM   115  O  O   . ARG A 1 14  ? -8.641  1.223   2.548   1.00 27.15 ? 184 ARG A O   1 
ATOM   116  C  CB  . ARG A 1 14  ? -8.863  3.864   0.504   1.00 30.27 ? 184 ARG A CB  1 
ATOM   117  C  CG  . ARG A 1 14  ? -9.626  5.167   0.663   1.00 35.56 ? 184 ARG A CG  1 
ATOM   118  C  CD  . ARG A 1 14  ? -10.457 5.481   -0.559  1.00 37.76 ? 184 ARG A CD  1 
ATOM   119  N  NE  . ARG A 1 14  ? -11.000 6.829   -0.460  1.00 37.59 ? 184 ARG A NE  1 
ATOM   120  C  CZ  . ARG A 1 14  ? -12.292 7.150   -0.492  1.00 38.67 ? 184 ARG A CZ  1 
ATOM   121  N  NH1 . ARG A 1 14  ? -13.237 6.221   -0.637  1.00 34.00 ? 184 ARG A NH1 1 
ATOM   122  N  NH2 . ARG A 1 14  ? -12.639 8.427   -0.393  1.00 36.76 ? 184 ARG A NH2 1 
ATOM   123  N  N   . TYR A 1 15  ? -6.916  1.461   1.135   1.00 25.07 ? 185 TYR A N   1 
ATOM   124  C  CA  . TYR A 1 15  ? -6.623  0.029   1.144   1.00 25.11 ? 185 TYR A CA  1 
ATOM   125  C  C   . TYR A 1 15  ? -6.269  -0.463  2.540   1.00 24.32 ? 185 TYR A C   1 
ATOM   126  O  O   . TYR A 1 15  ? -6.787  -1.478  2.979   1.00 25.56 ? 185 TYR A O   1 
ATOM   127  C  CB  . TYR A 1 15  ? -5.491  -0.315  0.162   1.00 25.64 ? 185 TYR A CB  1 
ATOM   128  C  CG  . TYR A 1 15  ? -5.191  -1.799  0.062   1.00 25.00 ? 185 TYR A CG  1 
ATOM   129  C  CD1 . TYR A 1 15  ? -6.167  -2.722  -0.334  1.00 28.51 ? 185 TYR A CD1 1 
ATOM   130  C  CD2 . TYR A 1 15  ? -3.926  -2.288  0.347   1.00 25.69 ? 185 TYR A CD2 1 
ATOM   131  C  CE1 . TYR A 1 15  ? -5.888  -4.081  -0.416  1.00 26.45 ? 185 TYR A CE1 1 
ATOM   132  C  CE2 . TYR A 1 15  ? -3.636  -3.641  0.260   1.00 25.60 ? 185 TYR A CE2 1 
ATOM   133  C  CZ  . TYR A 1 15  ? -4.609  -4.536  -0.123  1.00 27.64 ? 185 TYR A CZ  1 
ATOM   134  O  OH  . TYR A 1 15  ? -4.286  -5.882  -0.211  1.00 29.84 ? 185 TYR A OH  1 
ATOM   135  N  N   . LEU A 1 16  ? -5.383  0.251   3.222   1.00 23.26 ? 186 LEU A N   1 
ATOM   136  C  CA  . LEU A 1 16  ? -4.979  -0.156  4.575   1.00 25.75 ? 186 LEU A CA  1 
ATOM   137  C  C   . LEU A 1 16  ? -6.171  -0.170  5.549   1.00 25.76 ? 186 LEU A C   1 
ATOM   138  O  O   . LEU A 1 16  ? -6.312  -1.101  6.329   1.00 26.07 ? 186 LEU A O   1 
ATOM   139  C  CB  . LEU A 1 16  ? -3.843  0.709   5.117   1.00 25.67 ? 186 LEU A CB  1 
ATOM   140  C  CG  . LEU A 1 16  ? -2.429  0.141   4.905   1.00 26.38 ? 186 LEU A CG  1 
ATOM   141  C  CD1 . LEU A 1 16  ? -2.155  -0.186  3.437   1.00 24.09 ? 186 LEU A CD1 1 
ATOM   142  C  CD2 . LEU A 1 16  ? -1.392  1.090   5.483   1.00 28.52 ? 186 LEU A CD2 1 
ATOM   143  N  N   . ARG A 1 17  ? -7.038  0.831   5.457   1.00 28.29 ? 187 ARG A N   1 
ATOM   144  C  CA  . ARG A 1 17  ? -8.188  0.916   6.357   1.00 30.88 ? 187 ARG A CA  1 
ATOM   145  C  C   . ARG A 1 17  ? -9.240  -0.152  6.082   1.00 32.44 ? 187 ARG A C   1 
ATOM   146  O  O   . ARG A 1 17  ? -9.858  -0.697  7.010   1.00 31.91 ? 187 ARG A O   1 
ATOM   147  C  CB  . ARG A 1 17  ? -8.817  2.309   6.269   1.00 34.29 ? 187 ARG A CB  1 
ATOM   148  C  CG  . ARG A 1 17  ? -8.020  3.366   7.014   1.00 38.81 ? 187 ARG A CG  1 
ATOM   149  C  CD  . ARG A 1 17  ? -8.773  4.680   7.145   1.00 44.04 ? 187 ARG A CD  1 
ATOM   150  N  NE  . ARG A 1 17  ? -8.497  5.577   6.026   1.00 49.82 ? 187 ARG A NE  1 
ATOM   151  C  CZ  . ARG A 1 17  ? -9.279  5.765   4.962   1.00 53.21 ? 187 ARG A CZ  1 
ATOM   152  N  NH1 . ARG A 1 17  ? -10.446 5.125   4.820   1.00 52.14 ? 187 ARG A NH1 1 
ATOM   153  N  NH2 . ARG A 1 17  ? -8.885  6.620   4.020   1.00 49.95 ? 187 ARG A NH2 1 
ATOM   154  N  N   . GLU A 1 18  ? -9.453  -0.428  4.801   1.00 31.68 ? 188 GLU A N   1 
ATOM   155  C  CA  . GLU A 1 18  ? -10.422 -1.419  4.343   1.00 32.93 ? 188 GLU A CA  1 
ATOM   156  C  C   . GLU A 1 18  ? -9.933  -2.815  4.731   1.00 32.40 ? 188 GLU A C   1 
ATOM   157  O  O   . GLU A 1 18  ? -10.716 -3.647  5.189   1.00 31.17 ? 188 GLU A O   1 
ATOM   158  C  CB  . GLU A 1 18  ? -10.593 -1.240  2.837   1.00 36.08 ? 188 GLU A CB  1 
ATOM   159  C  CG  . GLU A 1 18  ? -11.166 -2.367  2.025   1.00 42.32 ? 188 GLU A CG  1 
ATOM   160  C  CD  . GLU A 1 18  ? -11.169 -1.993  0.553   1.00 44.53 ? 188 GLU A CD  1 
ATOM   161  O  OE1 . GLU A 1 18  ? -11.707 -0.916  0.214   1.00 39.29 ? 188 GLU A OE1 1 
ATOM   162  O  OE2 . GLU A 1 18  ? -10.615 -2.756  -0.270  1.00 44.09 ? 188 GLU A OE2 1 
ATOM   163  N  N   . GLN A 1 19  ? -8.631  -3.049  4.591   1.00 30.55 ? 189 GLN A N   1 
ATOM   164  C  CA  . GLN A 1 19  ? -8.019  -4.305  5.036   1.00 30.64 ? 189 GLN A CA  1 
ATOM   165  C  C   . GLN A 1 19  ? -8.129  -4.512  6.547   1.00 31.25 ? 189 GLN A C   1 
ATOM   166  O  O   . GLN A 1 19  ? -8.395  -5.615  6.993   1.00 34.44 ? 189 GLN A O   1 
ATOM   167  C  CB  . GLN A 1 19  ? -6.553  -4.362  4.610   1.00 28.25 ? 189 GLN A CB  1 
ATOM   168  C  CG  . GLN A 1 19  ? -6.394  -4.588  3.121   1.00 28.40 ? 189 GLN A CG  1 
ATOM   169  C  CD  . GLN A 1 19  ? -6.382  -6.063  2.768   1.00 31.18 ? 189 GLN A CD  1 
ATOM   170  O  OE1 . GLN A 1 19  ? -5.556  -6.829  3.280   1.00 29.10 ? 189 GLN A OE1 1 
ATOM   171  N  NE2 . GLN A 1 19  ? -7.306  -6.473  1.910   1.00 29.40 ? 189 GLN A NE2 1 
ATOM   172  N  N   . ALA A 1 20  ? -7.935  -3.446  7.314   1.00 32.25 ? 190 ALA A N   1 
ATOM   173  C  CA  . ALA A 1 20  ? -8.019  -3.501  8.775   1.00 36.12 ? 190 ALA A CA  1 
ATOM   174  C  C   . ALA A 1 20  ? -9.446  -3.701  9.278   1.00 36.39 ? 190 ALA A C   1 
ATOM   175  O  O   . ALA A 1 20  ? -9.670  -4.492  10.186  1.00 37.35 ? 190 ALA A O   1 
ATOM   176  C  CB  . ALA A 1 20  ? -7.426  -2.240  9.391   1.00 33.77 ? 190 ALA A CB  1 
ATOM   177  N  N   . THR A 1 21  ? -10.402 -2.984  8.691   1.00 36.56 ? 191 THR A N   1 
ATOM   178  C  CA  . THR A 1 21  ? -11.773 -2.936  9.219   1.00 34.24 ? 191 THR A CA  1 
ATOM   179  C  C   . THR A 1 21  ? -12.726 -3.920  8.532   1.00 37.82 ? 191 THR A C   1 
ATOM   180  O  O   . THR A 1 21  ? -13.790 -4.247  9.065   1.00 36.36 ? 191 THR A O   1 
ATOM   181  C  CB  . THR A 1 21  ? -12.364 -1.524  9.076   1.00 36.39 ? 191 THR A CB  1 
ATOM   182  O  OG1 . THR A 1 21  ? -12.623 -1.252  7.693   1.00 35.86 ? 191 THR A OG1 1 
ATOM   183  C  CG2 . THR A 1 21  ? -11.416 -0.479  9.647   1.00 34.05 ? 191 THR A CG2 1 
ATOM   184  N  N   . GLY A 1 22  ? -12.357 -4.375  7.340   1.00 37.79 ? 192 GLY A N   1 
ATOM   185  C  CA  . GLY A 1 22  ? -13.211 -5.259  6.546   1.00 35.72 ? 192 GLY A CA  1 
ATOM   186  C  C   . GLY A 1 22  ? -14.430 -4.594  5.929   1.00 36.11 ? 192 GLY A C   1 
ATOM   187  O  O   . GLY A 1 22  ? -15.341 -5.280  5.483   1.00 36.44 ? 192 GLY A O   1 
ATOM   188  N  N   . ALA A 1 23  ? -14.440 -3.263  5.890   1.00 37.58 ? 193 ALA A N   1 
ATOM   189  C  CA  . ALA A 1 23  ? -15.558 -2.494  5.340   1.00 40.35 ? 193 ALA A CA  1 
ATOM   190  C  C   . ALA A 1 23  ? -15.046 -1.523  4.288   1.00 39.76 ? 193 ALA A C   1 
ATOM   191  O  O   . ALA A 1 23  ? -13.982 -0.937  4.452   1.00 37.36 ? 193 ALA A O   1 
ATOM   192  C  CB  . ALA A 1 23  ? -16.271 -1.729  6.452   1.00 41.14 ? 193 ALA A CB  1 
ATOM   193  N  N   . LYS A 1 24  ? -15.813 -1.357  3.219   1.00 38.93 ? 194 LYS A N   1 
ATOM   194  C  CA  . LYS A 1 24  ? -15.469 -0.439  2.141   1.00 43.00 ? 194 LYS A CA  1 
ATOM   195  C  C   . LYS A 1 24  ? -15.817 0.988   2.570   1.00 40.95 ? 194 LYS A C   1 
ATOM   196  O  O   . LYS A 1 24  ? -16.859 1.209   3.179   1.00 39.10 ? 194 LYS A O   1 
ATOM   197  C  CB  . LYS A 1 24  ? -16.254 -0.832  0.889   1.00 46.89 ? 194 LYS A CB  1 
ATOM   198  C  CG  . LYS A 1 24  ? -15.861 -0.095  -0.378  1.00 54.49 ? 194 LYS A CG  1 
ATOM   199  C  CD  . LYS A 1 24  ? -16.609 -0.622  -1.602  1.00 60.28 ? 194 LYS A CD  1 
ATOM   200  C  CE  . LYS A 1 24  ? -16.441 -2.129  -1.768  1.00 67.81 ? 194 LYS A CE  1 
ATOM   201  N  NZ  . LYS A 1 24  ? -16.687 -2.592  -3.163  1.00 73.95 ? 194 LYS A NZ  1 
ATOM   202  N  N   . ASP A 1 25  ? -14.934 1.946   2.300   1.00 37.50 ? 195 ASP A N   1 
ATOM   203  C  CA  . ASP A 1 25  ? -15.254 3.369   2.539   1.00 36.92 ? 195 ASP A CA  1 
ATOM   204  C  C   . ASP A 1 25  ? -16.105 3.888   1.386   1.00 36.79 ? 195 ASP A C   1 
ATOM   205  O  O   . ASP A 1 25  ? -15.698 3.843   0.233   1.00 37.22 ? 195 ASP A O   1 
ATOM   206  C  CB  . ASP A 1 25  ? -13.979 4.203   2.677   1.00 36.26 ? 195 ASP A CB  1 
ATOM   207  C  CG  . ASP A 1 25  ? -14.249 5.676   2.980   1.00 37.53 ? 195 ASP A CG  1 
ATOM   208  O  OD1 . ASP A 1 25  ? -15.415 6.142   2.919   1.00 39.41 ? 195 ASP A OD1 1 
ATOM   209  O  OD2 . ASP A 1 25  ? -13.262 6.382   3.266   1.00 40.62 ? 195 ASP A OD2 1 
ATOM   210  N  N   . THR A 1 26  ? -17.280 4.401   1.719   1.00 37.23 ? 196 THR A N   1 
ATOM   211  C  CA  . THR A 1 26  ? -18.273 4.809   0.732   1.00 40.15 ? 196 THR A CA  1 
ATOM   212  C  C   . THR A 1 26  ? -18.068 6.239   0.186   1.00 36.32 ? 196 THR A C   1 
ATOM   213  O  O   . THR A 1 26  ? -18.695 6.633   -0.807  1.00 40.31 ? 196 THR A O   1 
ATOM   214  C  CB  . THR A 1 26  ? -19.695 4.689   1.346   1.00 42.92 ? 196 THR A CB  1 
ATOM   215  O  OG1 . THR A 1 26  ? -20.641 5.346   0.497   1.00 54.03 ? 196 THR A OG1 1 
ATOM   216  C  CG2 . THR A 1 26  ? -19.740 5.306   2.743   1.00 42.93 ? 196 THR A CG2 1 
ATOM   217  N  N   . LYS A 1 27  ? -17.196 7.014   0.821   1.00 33.73 ? 197 LYS A N   1 
ATOM   218  C  CA  . LYS A 1 27  ? -16.956 8.388   0.405   1.00 32.68 ? 197 LYS A CA  1 
ATOM   219  C  C   . LYS A 1 27  ? -16.350 8.426   -0.986  1.00 31.46 ? 197 LYS A C   1 
ATOM   220  O  O   . LYS A 1 27  ? -15.563 7.559   -1.336  1.00 30.86 ? 197 LYS A O   1 
ATOM   221  C  CB  . LYS A 1 27  ? -15.979 9.075   1.348   1.00 35.35 ? 197 LYS A CB  1 
ATOM   222  C  CG  . LYS A 1 27  ? -16.494 9.268   2.755   1.00 40.91 ? 197 LYS A CG  1 
ATOM   223  C  CD  . LYS A 1 27  ? -15.368 9.780   3.639   1.00 45.51 ? 197 LYS A CD  1 
ATOM   224  C  CE  . LYS A 1 27  ? -15.759 9.749   5.102   1.00 51.47 ? 197 LYS A CE  1 
ATOM   225  N  NZ  . LYS A 1 27  ? -14.624 10.213  5.942   1.00 53.56 ? 197 LYS A NZ  1 
ATOM   226  N  N   . PRO A 1 28  ? -16.691 9.447   -1.772  1.00 29.88 ? 198 PRO A N   1 
ATOM   227  C  CA  . PRO A 1 28  ? -16.026 9.591   -3.060  1.00 31.84 ? 198 PRO A CA  1 
ATOM   228  C  C   . PRO A 1 28  ? -14.526 9.806   -2.916  1.00 31.19 ? 198 PRO A C   1 
ATOM   229  O  O   . PRO A 1 28  ? -14.048 10.300  -1.888  1.00 29.14 ? 198 PRO A O   1 
ATOM   230  C  CB  . PRO A 1 28  ? -16.665 10.850  -3.669  1.00 35.66 ? 198 PRO A CB  1 
ATOM   231  C  CG  . PRO A 1 28  ? -17.928 11.068  -2.911  1.00 35.41 ? 198 PRO A CG  1 
ATOM   232  C  CD  . PRO A 1 28  ? -17.759 10.443  -1.565  1.00 33.69 ? 198 PRO A CD  1 
ATOM   233  N  N   . MET A 1 29  ? -13.796 9.447   -3.961  1.00 33.59 ? 199 MET A N   1 
ATOM   234  C  CA  . MET A 1 29  ? -12.400 9.810   -4.078  1.00 36.64 ? 199 MET A CA  1 
ATOM   235  C  C   . MET A 1 29  ? -12.307 11.300  -4.380  1.00 40.83 ? 199 MET A C   1 
ATOM   236  O  O   . MET A 1 29  ? -13.295 11.937  -4.744  1.00 41.05 ? 199 MET A O   1 
ATOM   237  C  CB  . MET A 1 29  ? -11.752 9.022   -5.217  1.00 39.89 ? 199 MET A CB  1 
ATOM   238  C  CG  . MET A 1 29  ? -11.823 7.512   -5.065  1.00 43.43 ? 199 MET A CG  1 
ATOM   239  S  SD  . MET A 1 29  ? -10.722 6.950   -3.771  1.00 49.85 ? 199 MET A SD  1 
ATOM   240  C  CE  . MET A 1 29  ? -10.669 5.202   -4.145  1.00 47.19 ? 199 MET A CE  1 
ATOM   241  N  N   . GLY A 1 30  ? -11.112 11.855  -4.242  1.00 45.09 ? 200 GLY A N   1 
ATOM   242  C  CA  . GLY A 1 30  ? -10.870 13.247  -4.620  1.00 49.51 ? 200 GLY A CA  1 
ATOM   243  C  C   . GLY A 1 30  ? -10.663 13.377  -6.117  1.00 48.97 ? 200 GLY A C   1 
ATOM   244  O  O   . GLY A 1 30  ? -11.379 12.767  -6.915  1.00 48.23 ? 200 GLY A O   1 
ATOM   245  N  N   . ARG A 1 31  ? -9.671  14.175  -6.495  1.00 55.60 ? 201 ARG A N   1 
ATOM   246  C  CA  . ARG A 1 31  ? -9.304  14.367  -7.899  1.00 58.45 ? 201 ARG A CA  1 
ATOM   247  C  C   . ARG A 1 31  ? -8.952  13.022  -8.540  1.00 52.91 ? 201 ARG A C   1 
ATOM   248  O  O   . ARG A 1 31  ? -8.447  12.124  -7.863  1.00 54.62 ? 201 ARG A O   1 
ATOM   249  C  CB  . ARG A 1 31  ? -8.100  15.316  -8.002  1.00 67.32 ? 201 ARG A CB  1 
ATOM   250  C  CG  . ARG A 1 31  ? -8.120  16.268  -9.191  1.00 73.05 ? 201 ARG A CG  1 
ATOM   251  C  CD  . ARG A 1 31  ? -7.874  17.703  -8.741  1.00 77.54 ? 201 ARG A CD  1 
ATOM   252  N  NE  . ARG A 1 31  ? -8.914  18.140  -7.800  1.00 82.84 ? 201 ARG A NE  1 
ATOM   253  C  CZ  . ARG A 1 31  ? -8.731  18.448  -6.512  1.00 81.20 ? 201 ARG A CZ  1 
ATOM   254  N  NH1 . ARG A 1 31  ? -9.777  18.827  -5.782  1.00 78.55 ? 201 ARG A NH1 1 
ATOM   255  N  NH2 . ARG A 1 31  ? -7.529  18.387  -5.941  1.00 82.22 ? 201 ARG A NH2 1 
ATOM   256  N  N   . SER A 1 32  ? -9.235  12.888  -9.831  1.00 46.33 ? 202 SER A N   1 
ATOM   257  C  CA  . SER A 1 32  ? -8.891  11.676  -10.578 1.00 43.59 ? 202 SER A CA  1 
ATOM   258  C  C   . SER A 1 32  ? -9.508  10.426  -9.948  1.00 40.44 ? 202 SER A C   1 
ATOM   259  O  O   . SER A 1 32  ? -8.861  9.378   -9.862  1.00 35.53 ? 202 SER A O   1 
ATOM   260  C  CB  . SER A 1 32  ? -7.364  11.518  -10.663 1.00 44.64 ? 202 SER A CB  1 
ATOM   261  O  OG  . SER A 1 32  ? -6.746  12.752  -10.977 1.00 49.75 ? 202 SER A OG  1 
ATOM   262  N  N   . GLY A 1 33  ? -10.764 10.540  -9.527  1.00 36.52 ? 203 GLY A N   1 
ATOM   263  C  CA  . GLY A 1 33  ? -11.424 9.471   -8.799  1.00 37.88 ? 203 GLY A CA  1 
ATOM   264  C  C   . GLY A 1 33  ? -11.550 8.168   -9.563  1.00 37.07 ? 203 GLY A C   1 
ATOM   265  O  O   . GLY A 1 33  ? -11.423 7.097   -8.976  1.00 38.85 ? 203 GLY A O   1 
ATOM   266  N  N   . ALA A 1 34  ? -11.805 8.245   -10.869 1.00 34.30 ? 204 ALA A N   1 
ATOM   267  C  CA  . ALA A 1 34  ? -11.982 7.035   -11.678 1.00 35.83 ? 204 ALA A CA  1 
ATOM   268  C  C   . ALA A 1 34  ? -10.722 6.169   -11.672 1.00 34.70 ? 204 ALA A C   1 
ATOM   269  O  O   . ALA A 1 34  ? -10.806 4.950   -11.525 1.00 32.65 ? 204 ALA A O   1 
ATOM   270  C  CB  . ALA A 1 34  ? -12.381 7.380   -13.106 1.00 37.23 ? 204 ALA A CB  1 
ATOM   271  N  N   . THR A 1 35  ? -9.564  6.804   -11.831 1.00 34.72 ? 205 THR A N   1 
ATOM   272  C  CA  . THR A 1 35  ? -8.286  6.090   -11.748 1.00 33.08 ? 205 THR A CA  1 
ATOM   273  C  C   . THR A 1 35  ? -8.006  5.585   -10.327 1.00 32.37 ? 205 THR A C   1 
ATOM   274  O  O   . THR A 1 35  ? -7.620  4.424   -10.162 1.00 31.41 ? 205 THR A O   1 
ATOM   275  C  CB  . THR A 1 35  ? -7.114  6.960   -12.233 1.00 35.09 ? 205 THR A CB  1 
ATOM   276  O  OG1 . THR A 1 35  ? -7.283  7.206   -13.634 1.00 36.30 ? 205 THR A OG1 1 
ATOM   277  C  CG2 . THR A 1 35  ? -5.788  6.247   -12.002 1.00 33.32 ? 205 THR A CG2 1 
ATOM   278  N  N   . SER A 1 36  ? -8.217  6.429   -9.318  1.00 31.20 ? 206 SER A N   1 
ATOM   279  C  CA  . SER A 1 36  ? -8.028  6.003   -7.922  1.00 33.56 ? 206 SER A CA  1 
ATOM   280  C  C   . SER A 1 36  ? -8.942  4.837   -7.544  1.00 32.06 ? 206 SER A C   1 
ATOM   281  O  O   . SER A 1 36  ? -8.518  3.916   -6.847  1.00 30.97 ? 206 SER A O   1 
ATOM   282  C  CB  . SER A 1 36  ? -8.258  7.154   -6.950  1.00 34.06 ? 206 SER A CB  1 
ATOM   283  O  OG  . SER A 1 36  ? -7.322  8.170   -7.184  1.00 35.14 ? 206 SER A OG  1 
ATOM   284  N  N   . ARG A 1 37  ? -10.188 4.869   -8.008  1.00 32.79 ? 207 ARG A N   1 
ATOM   285  C  CA  . ARG A 1 37  ? -11.118 3.743   -7.798  1.00 35.99 ? 207 ARG A CA  1 
ATOM   286  C  C   . ARG A 1 37  ? -10.589 2.445   -8.404  1.00 33.27 ? 207 ARG A C   1 
ATOM   287  O  O   . ARG A 1 37  ? -10.640 1.389   -7.768  1.00 30.41 ? 207 ARG A O   1 
ATOM   288  C  CB  . ARG A 1 37  ? -12.506 4.037   -8.401  1.00 39.85 ? 207 ARG A CB  1 
ATOM   289  C  CG  . ARG A 1 37  ? -13.431 4.862   -7.526  1.00 44.66 ? 207 ARG A CG  1 
ATOM   290  C  CD  . ARG A 1 37  ? -14.887 4.819   -8.012  1.00 46.67 ? 207 ARG A CD  1 
ATOM   291  N  NE  . ARG A 1 37  ? -15.072 5.408   -9.346  1.00 48.31 ? 207 ARG A NE  1 
ATOM   292  C  CZ  . ARG A 1 37  ? -15.096 6.716   -9.620  1.00 50.49 ? 207 ARG A CZ  1 
ATOM   293  N  NH1 . ARG A 1 37  ? -14.939 7.624   -8.663  1.00 53.11 ? 207 ARG A NH1 1 
ATOM   294  N  NH2 . ARG A 1 37  ? -15.269 7.125   -10.875 1.00 50.17 ? 207 ARG A NH2 1 
ATOM   295  N  N   . LYS A 1 38  ? -10.105 2.523   -9.642  1.00 31.76 ? 208 LYS A N   1 
ATOM   296  C  CA  . LYS A 1 38  ? -9.589  1.348   -10.343 1.00 32.03 ? 208 LYS A CA  1 
ATOM   297  C  C   . LYS A 1 38  ? -8.303  0.849   -9.692  1.00 28.99 ? 208 LYS A C   1 
ATOM   298  O  O   . LYS A 1 38  ? -8.077  -0.357  -9.620  1.00 28.71 ? 208 LYS A O   1 
ATOM   299  C  CB  . LYS A 1 38  ? -9.342  1.651   -11.818 1.00 34.08 ? 208 LYS A CB  1 
ATOM   300  C  CG  . LYS A 1 38  ? -10.627 1.782   -12.629 1.00 40.82 ? 208 LYS A CG  1 
ATOM   301  C  CD  . LYS A 1 38  ? -10.332 2.161   -14.069 1.00 45.34 ? 208 LYS A CD  1 
ATOM   302  C  CE  . LYS A 1 38  ? -11.607 2.210   -14.897 1.00 50.61 ? 208 LYS A CE  1 
ATOM   303  N  NZ  . LYS A 1 38  ? -11.327 2.540   -16.322 1.00 51.78 ? 208 LYS A NZ  1 
ATOM   304  N  N   . ALA A 1 39  ? -7.475  1.781   -9.228  1.00 27.82 ? 209 ALA A N   1 
ATOM   305  C  CA  . ALA A 1 39  ? -6.236  1.430   -8.514  1.00 27.73 ? 209 ALA A CA  1 
ATOM   306  C  C   . ALA A 1 39  ? -6.558  0.669   -7.224  1.00 28.16 ? 209 ALA A C   1 
ATOM   307  O  O   . ALA A 1 39  ? -5.974  -0.382  -6.970  1.00 25.55 ? 209 ALA A O   1 
ATOM   308  C  CB  . ALA A 1 39  ? -5.408  2.677   -8.220  1.00 27.33 ? 209 ALA A CB  1 
ATOM   309  N  N   . LEU A 1 40  ? -7.511  1.167   -6.440  1.00 27.96 ? 210 LEU A N   1 
ATOM   310  C  CA  . LEU A 1 40  ? -7.925  0.485   -5.201  1.00 27.45 ? 210 LEU A CA  1 
ATOM   311  C  C   . LEU A 1 40  ? -8.484  -0.901  -5.510  1.00 27.61 ? 210 LEU A C   1 
ATOM   312  O  O   . LEU A 1 40  ? -8.148  -1.881  -4.831  1.00 28.96 ? 210 LEU A O   1 
ATOM   313  C  CB  . LEU A 1 40  ? -8.939  1.340   -4.418  1.00 29.14 ? 210 LEU A CB  1 
ATOM   314  C  CG  . LEU A 1 40  ? -9.476  0.795   -3.090  1.00 30.63 ? 210 LEU A CG  1 
ATOM   315  C  CD1 . LEU A 1 40  ? -8.349  0.386   -2.148  1.00 30.42 ? 210 LEU A CD1 1 
ATOM   316  C  CD2 . LEU A 1 40  ? -10.380 1.817   -2.410  1.00 31.71 ? 210 LEU A CD2 1 
ATOM   317  N  N   . GLU A 1 41  ? -9.296  -1.008  -6.564  1.00 28.91 ? 211 GLU A N   1 
ATOM   318  C  CA  . GLU A 1 41  ? -9.846  -2.304  -6.984  1.00 30.55 ? 211 GLU A CA  1 
ATOM   319  C  C   . GLU A 1 41  ? -8.750  -3.277  -7.415  1.00 29.53 ? 211 GLU A C   1 
ATOM   320  O  O   . GLU A 1 41  ? -8.836  -4.482  -7.141  1.00 31.60 ? 211 GLU A O   1 
ATOM   321  C  CB  . GLU A 1 41  ? -10.892 -2.123  -8.100  1.00 35.13 ? 211 GLU A CB  1 
ATOM   322  C  CG  . GLU A 1 41  ? -12.168 -1.446  -7.599  1.00 40.99 ? 211 GLU A CG  1 
ATOM   323  C  CD  . GLU A 1 41  ? -13.023 -0.806  -8.693  1.00 46.07 ? 211 GLU A CD  1 
ATOM   324  O  OE1 . GLU A 1 41  ? -12.682 -0.912  -9.898  1.00 48.99 ? 211 GLU A OE1 1 
ATOM   325  O  OE2 . GLU A 1 41  ? -14.055 -0.186  -8.333  1.00 46.32 ? 211 GLU A OE2 1 
ATOM   326  N  N   . THR A 1 42  ? -7.700  -2.752  -8.043  1.00 27.97 ? 212 THR A N   1 
ATOM   327  C  CA  . THR A 1 42  ? -6.530  -3.547  -8.412  1.00 28.22 ? 212 THR A CA  1 
ATOM   328  C  C   . THR A 1 42  ? -5.763  -4.043  -7.187  1.00 29.33 ? 212 THR A C   1 
ATOM   329  O  O   . THR A 1 42  ? -5.417  -5.224  -7.118  1.00 29.16 ? 212 THR A O   1 
ATOM   330  C  CB  . THR A 1 42  ? -5.577  -2.767  -9.338  1.00 28.98 ? 212 THR A CB  1 
ATOM   331  O  OG1 . THR A 1 42  ? -6.278  -2.395  -10.523 1.00 30.49 ? 212 THR A OG1 1 
ATOM   332  C  CG2 . THR A 1 42  ? -4.363  -3.605  -9.713  1.00 26.28 ? 212 THR A CG2 1 
ATOM   333  N  N   . LEU A 1 43  ? -5.493  -3.158  -6.230  1.00 28.88 ? 213 LEU A N   1 
ATOM   334  C  CA  . LEU A 1 43  ? -4.879  -3.579  -4.954  1.00 30.06 ? 213 LEU A CA  1 
ATOM   335  C  C   . LEU A 1 43  ? -5.685  -4.650  -4.215  1.00 35.77 ? 213 LEU A C   1 
ATOM   336  O  O   . LEU A 1 43  ? -5.100  -5.556  -3.611  1.00 37.53 ? 213 LEU A O   1 
ATOM   337  C  CB  . LEU A 1 43  ? -4.679  -2.399  -4.011  1.00 29.63 ? 213 LEU A CB  1 
ATOM   338  C  CG  . LEU A 1 43  ? -3.474  -1.525  -4.290  1.00 28.44 ? 213 LEU A CG  1 
ATOM   339  C  CD1 . LEU A 1 43  ? -3.488  -0.329  -3.354  1.00 28.64 ? 213 LEU A CD1 1 
ATOM   340  C  CD2 . LEU A 1 43  ? -2.192  -2.332  -4.119  1.00 26.49 ? 213 LEU A CD2 1 
ATOM   341  N  N   . ARG A 1 44  ? -7.011  -4.533  -4.240  1.00 35.33 ? 214 ARG A N   1 
ATOM   342  C  CA  . ARG A 1 44  ? -7.874  -5.548  -3.625  1.00 42.38 ? 214 ARG A CA  1 
ATOM   343  C  C   . ARG A 1 44  ? -7.596  -6.921  -4.195  1.00 44.03 ? 214 ARG A C   1 
ATOM   344  O  O   . ARG A 1 44  ? -7.456  -7.896  -3.461  1.00 45.86 ? 214 ARG A O   1 
ATOM   345  C  CB  . ARG A 1 44  ? -9.341  -5.245  -3.873  1.00 43.53 ? 214 ARG A CB  1 
ATOM   346  C  CG  . ARG A 1 44  ? -9.982  -4.359  -2.845  1.00 44.40 ? 214 ARG A CG  1 
ATOM   347  C  CD  . ARG A 1 44  ? -11.413 -4.077  -3.248  1.00 43.04 ? 214 ARG A CD  1 
ATOM   348  N  NE  . ARG A 1 44  ? -11.857 -2.880  -2.567  1.00 41.44 ? 214 ARG A NE  1 
ATOM   349  C  CZ  . ARG A 1 44  ? -12.624 -1.934  -3.093  1.00 41.37 ? 214 ARG A CZ  1 
ATOM   350  N  NH1 . ARG A 1 44  ? -13.081 -2.021  -4.340  1.00 44.01 ? 214 ARG A NH1 1 
ATOM   351  N  NH2 . ARG A 1 44  ? -12.937 -0.887  -2.349  1.00 44.26 ? 214 ARG A NH2 1 
ATOM   352  N  N   . ARG A 1 45  ? -7.559  -6.984  -5.520  1.00 39.85 ? 215 ARG A N   1 
ATOM   353  C  CA  . ARG A 1 45  ? -7.305  -8.217  -6.226  1.00 42.56 ? 215 ARG A CA  1 
ATOM   354  C  C   . ARG A 1 45  ? -5.884  -8.694  -5.949  1.00 43.13 ? 215 ARG A C   1 
ATOM   355  O  O   . ARG A 1 45  ? -5.681  -9.800  -5.445  1.00 45.22 ? 215 ARG A O   1 
ATOM   356  C  CB  . ARG A 1 45  ? -7.550  -8.001  -7.730  1.00 44.17 ? 215 ARG A CB  1 
ATOM   357  C  CG  . ARG A 1 45  ? -7.140  -9.148  -8.637  1.00 46.94 ? 215 ARG A CG  1 
ATOM   358  C  CD  . ARG A 1 45  ? -7.761  -9.012  -10.026 1.00 48.90 ? 215 ARG A CD  1 
ATOM   359  N  NE  . ARG A 1 45  ? -7.607  -7.666  -10.596 1.00 49.47 ? 215 ARG A NE  1 
ATOM   360  C  CZ  . ARG A 1 45  ? -6.581  -7.247  -11.342 1.00 52.50 ? 215 ARG A CZ  1 
ATOM   361  N  NH1 . ARG A 1 45  ? -5.564  -8.054  -11.638 1.00 52.04 ? 215 ARG A NH1 1 
ATOM   362  N  NH2 . ARG A 1 45  ? -6.574  -5.998  -11.799 1.00 52.53 ? 215 ARG A NH2 1 
ATOM   363  N  N   . VAL A 1 46  ? -4.899  -7.848  -6.234  1.00 35.88 ? 216 VAL A N   1 
ATOM   364  C  CA  . VAL A 1 46  ? -3.518  -8.297  -6.267  1.00 35.96 ? 216 VAL A CA  1 
ATOM   365  C  C   . VAL A 1 46  ? -2.846  -8.343  -4.892  1.00 38.17 ? 216 VAL A C   1 
ATOM   366  O  O   . VAL A 1 46  ? -2.033  -9.239  -4.634  1.00 36.52 ? 216 VAL A O   1 
ATOM   367  C  CB  . VAL A 1 46  ? -2.675  -7.451  -7.235  1.00 37.47 ? 216 VAL A CB  1 
ATOM   368  C  CG1 . VAL A 1 46  ? -1.248  -7.970  -7.292  1.00 38.70 ? 216 VAL A CG1 1 
ATOM   369  C  CG2 . VAL A 1 46  ? -3.286  -7.487  -8.626  1.00 36.10 ? 216 VAL A CG2 1 
ATOM   370  N  N   . GLY A 1 47  ? -3.180  -7.394  -4.017  1.00 34.14 ? 217 GLY A N   1 
ATOM   371  C  CA  . GLY A 1 47  ? -2.560  -7.310  -2.695  1.00 33.51 ? 217 GLY A CA  1 
ATOM   372  C  C   . GLY A 1 47  ? -2.862  -8.493  -1.793  1.00 33.84 ? 217 GLY A C   1 
ATOM   373  O  O   . GLY A 1 47  ? -1.983  -9.002  -1.084  1.00 31.60 ? 217 GLY A O   1 
ATOM   374  N  N   . ASP A 1 48  ? -4.113  -8.930  -1.827  1.00 34.01 ? 218 ASP A N   1 
ATOM   375  C  CA  . ASP A 1 48  ? -4.566  -10.061 -1.043  1.00 38.22 ? 218 ASP A CA  1 
ATOM   376  C  C   . ASP A 1 48  ? -3.793  -11.341 -1.431  1.00 34.95 ? 218 ASP A C   1 
ATOM   377  O  O   . ASP A 1 48  ? -3.431  -12.144 -0.573  1.00 34.56 ? 218 ASP A O   1 
ATOM   378  C  CB  . ASP A 1 48  ? -6.081  -10.239 -1.220  1.00 44.50 ? 218 ASP A CB  1 
ATOM   379  C  CG  . ASP A 1 48  ? -6.892  -8.990  -0.777  1.00 50.41 ? 218 ASP A CG  1 
ATOM   380  O  OD1 . ASP A 1 48  ? -6.419  -7.824  -0.942  1.00 46.86 ? 218 ASP A OD1 1 
ATOM   381  O  OD2 . ASP A 1 48  ? -8.022  -9.187  -0.279  1.00 50.43 ? 218 ASP A OD2 1 
ATOM   382  N  N   . GLY A 1 49  ? -3.513  -11.493 -2.723  1.00 34.64 ? 219 GLY A N   1 
ATOM   383  C  CA  . GLY A 1 49  ? -2.751  -12.635 -3.225  1.00 31.99 ? 219 GLY A CA  1 
ATOM   384  C  C   . GLY A 1 49  ? -1.314  -12.621 -2.756  1.00 28.18 ? 219 GLY A C   1 
ATOM   385  O  O   . GLY A 1 49  ? -0.756  -13.660 -2.420  1.00 27.24 ? 219 GLY A O   1 
ATOM   386  N  N   . VAL A 1 50  ? -0.703  -11.441 -2.734  1.00 27.30 ? 220 VAL A N   1 
ATOM   387  C  CA  . VAL A 1 50  ? 0.670   -11.319 -2.271  1.00 26.16 ? 220 VAL A CA  1 
ATOM   388  C  C   . VAL A 1 50  ? 0.753   -11.754 -0.802  1.00 24.04 ? 220 VAL A C   1 
ATOM   389  O  O   . VAL A 1 50  ? 1.629   -12.526 -0.429  1.00 24.13 ? 220 VAL A O   1 
ATOM   390  C  CB  . VAL A 1 50  ? 1.200   -9.885  -2.457  1.00 28.94 ? 220 VAL A CB  1 
ATOM   391  C  CG1 . VAL A 1 50  ? 2.564   -9.725  -1.804  1.00 26.04 ? 220 VAL A CG1 1 
ATOM   392  C  CG2 . VAL A 1 50  ? 1.250   -9.551  -3.949  1.00 30.59 ? 220 VAL A CG2 1 
ATOM   393  N  N   . GLN A 1 51  ? -0.198  -11.307 0.020   1.00 24.91 ? 221 GLN A N   1 
ATOM   394  C  CA  . GLN A 1 51  ? -0.184  -11.656 1.453   1.00 24.42 ? 221 GLN A CA  1 
ATOM   395  C  C   . GLN A 1 51  ? -0.303  -13.159 1.687   1.00 24.64 ? 221 GLN A C   1 
ATOM   396  O  O   . GLN A 1 51  ? 0.253   -13.695 2.644   1.00 24.90 ? 221 GLN A O   1 
ATOM   397  C  CB  . GLN A 1 51  ? -1.315  -10.939 2.182   1.00 23.77 ? 221 GLN A CB  1 
ATOM   398  C  CG  . GLN A 1 51  ? -1.184  -9.424  2.159   1.00 25.89 ? 221 GLN A CG  1 
ATOM   399  C  CD  . GLN A 1 51  ? -2.353  -8.716  2.822   1.00 31.32 ? 221 GLN A CD  1 
ATOM   400  O  OE1 . GLN A 1 51  ? -2.652  -8.961  3.988   1.00 33.64 ? 221 GLN A OE1 1 
ATOM   401  N  NE2 . GLN A 1 51  ? -3.010  -7.825  2.080   1.00 30.08 ? 221 GLN A NE2 1 
ATOM   402  N  N   . ARG A 1 52  ? -1.039  -13.833 0.812   1.00 25.36 ? 222 ARG A N   1 
ATOM   403  C  CA  . ARG A 1 52  ? -1.255  -15.266 0.943   1.00 26.84 ? 222 ARG A CA  1 
ATOM   404  C  C   . ARG A 1 52  ? -0.099  -16.051 0.320   1.00 25.49 ? 222 ARG A C   1 
ATOM   405  O  O   . ARG A 1 52  ? 0.420   -16.983 0.938   1.00 23.98 ? 222 ARG A O   1 
ATOM   406  C  CB  . ARG A 1 52  ? -2.581  -15.643 0.302   1.00 29.08 ? 222 ARG A CB  1 
ATOM   407  C  CG  . ARG A 1 52  ? -3.798  -15.011 0.985   1.00 35.45 ? 222 ARG A CG  1 
ATOM   408  C  CD  . ARG A 1 52  ? -4.311  -15.885 2.108   1.00 40.66 ? 222 ARG A CD  1 
ATOM   409  N  NE  . ARG A 1 52  ? -3.410  -15.889 3.249   1.00 48.44 ? 222 ARG A NE  1 
ATOM   410  C  CZ  . ARG A 1 52  ? -3.456  -16.768 4.244   1.00 53.83 ? 222 ARG A CZ  1 
ATOM   411  N  NH1 . ARG A 1 52  ? -4.368  -17.746 4.266   1.00 55.50 ? 222 ARG A NH1 1 
ATOM   412  N  NH2 . ARG A 1 52  ? -2.576  -16.662 5.230   1.00 53.11 ? 222 ARG A NH2 1 
ATOM   413  N  N   . ASN A 1 53  ? 0.326   -15.655 -0.881  1.00 24.48 ? 223 ASN A N   1 
ATOM   414  C  CA  . ASN A 1 53  ? 1.482   -16.306 -1.529  1.00 23.75 ? 223 ASN A CA  1 
ATOM   415  C  C   . ASN A 1 53  ? 2.765   -16.224 -0.711  1.00 24.23 ? 223 ASN A C   1 
ATOM   416  O  O   . ASN A 1 53  ? 3.588   -17.124 -0.773  1.00 26.21 ? 223 ASN A O   1 
ATOM   417  C  CB  . ASN A 1 53  ? 1.730   -15.718 -2.927  1.00 22.07 ? 223 ASN A CB  1 
ATOM   418  C  CG  . ASN A 1 53  ? 0.709   -16.182 -3.942  1.00 27.10 ? 223 ASN A CG  1 
ATOM   419  O  OD1 . ASN A 1 53  ? 0.219   -17.315 -3.868  1.00 28.68 ? 223 ASN A OD1 1 
ATOM   420  N  ND2 . ASN A 1 53  ? 0.368   -15.311 -4.889  1.00 27.78 ? 223 ASN A ND2 1 
ATOM   421  N  N   . HIS A 1 54  ? 2.910   -15.160 0.076   1.00 24.22 ? 224 HIS A N   1 
ATOM   422  C  CA  . HIS A 1 54  ? 4.073   -14.958 0.932   1.00 24.79 ? 224 HIS A CA  1 
ATOM   423  C  C   . HIS A 1 54  ? 3.764   -14.963 2.402   1.00 23.30 ? 224 HIS A C   1 
ATOM   424  O  O   . HIS A 1 54  ? 4.453   -14.318 3.202   1.00 24.20 ? 224 HIS A O   1 
ATOM   425  C  CB  . HIS A 1 54  ? 4.800   -13.705 0.471   1.00 24.81 ? 224 HIS A CB  1 
ATOM   426  C  CG  . HIS A 1 54  ? 5.214   -13.799 -0.978  1.00 26.07 ? 224 HIS A CG  1 
ATOM   427  N  ND1 . HIS A 1 54  ? 6.383   -14.358 -1.363  1.00 27.53 ? 224 HIS A ND1 1 
ATOM   428  C  CD2 . HIS A 1 54  ? 4.516   -13.500 -2.152  1.00 26.71 ? 224 HIS A CD2 1 
ATOM   429  C  CE1 . HIS A 1 54  ? 6.456   -14.346 -2.712  1.00 30.91 ? 224 HIS A CE1 1 
ATOM   430  N  NE2 . HIS A 1 54  ? 5.306   -13.848 -3.193  1.00 27.27 ? 224 HIS A NE2 1 
ATOM   431  N  N   . GLU A 1 55  ? 2.789   -15.776 2.781   1.00 25.80 ? 225 GLU A N   1 
ATOM   432  C  CA  . GLU A 1 55  ? 2.282   -15.815 4.149   1.00 27.92 ? 225 GLU A CA  1 
ATOM   433  C  C   . GLU A 1 55  ? 3.396   -16.022 5.156   1.00 28.00 ? 225 GLU A C   1 
ATOM   434  O  O   . GLU A 1 55  ? 3.535   -15.254 6.094   1.00 27.51 ? 225 GLU A O   1 
ATOM   435  C  CB  . GLU A 1 55  ? 1.261   -16.942 4.300   1.00 32.02 ? 225 GLU A CB  1 
ATOM   436  C  CG  . GLU A 1 55  ? 0.764   -17.145 5.731   1.00 35.52 ? 225 GLU A CG  1 
ATOM   437  C  CD  . GLU A 1 55  ? -0.105  -18.382 5.878   1.00 39.35 ? 225 GLU A CD  1 
ATOM   438  O  OE1 . GLU A 1 55  ? 0.379   -19.516 5.639   1.00 38.49 ? 225 GLU A OE1 1 
ATOM   439  O  OE2 . GLU A 1 55  ? -1.282  -18.207 6.242   1.00 38.76 ? 225 GLU A OE2 1 
ATOM   440  N  N   . THR A 1 56  ? 4.167   -17.087 4.965   1.00 29.84 ? 226 THR A N   1 
ATOM   441  C  CA  . THR A 1 56  ? 5.275   -17.429 5.858   1.00 30.90 ? 226 THR A CA  1 
ATOM   442  C  C   . THR A 1 56  ? 6.284   -16.298 6.014   1.00 30.41 ? 226 THR A C   1 
ATOM   443  O  O   . THR A 1 56  ? 6.675   -15.957 7.138   1.00 30.10 ? 226 THR A O   1 
ATOM   444  C  CB  . THR A 1 56  ? 6.011   -18.680 5.325   1.00 33.05 ? 226 THR A CB  1 
ATOM   445  O  OG1 . THR A 1 56  ? 5.043   -19.702 5.048   1.00 34.32 ? 226 THR A OG1 1 
ATOM   446  C  CG2 . THR A 1 56  ? 7.051   -19.183 6.334   1.00 32.39 ? 226 THR A CG2 1 
ATOM   447  N  N   . ALA A 1 57  ? 6.713   -15.725 4.890   1.00 26.86 ? 227 ALA A N   1 
ATOM   448  C  CA  . ALA A 1 57  ? 7.681   -14.631 4.903   1.00 26.81 ? 227 ALA A CA  1 
ATOM   449  C  C   . ALA A 1 57  ? 7.086   -13.374 5.538   1.00 25.67 ? 227 ALA A C   1 
ATOM   450  O  O   . ALA A 1 57  ? 7.765   -12.658 6.271   1.00 27.86 ? 227 ALA A O   1 
ATOM   451  C  CB  . ALA A 1 57  ? 8.194   -14.342 3.498   1.00 25.97 ? 227 ALA A CB  1 
ATOM   452  N  N   . PHE A 1 58  ? 5.816   -13.113 5.261   1.00 24.72 ? 228 PHE A N   1 
ATOM   453  C  CA  . PHE A 1 58  ? 5.138   -11.960 5.865   1.00 25.44 ? 228 PHE A CA  1 
ATOM   454  C  C   . PHE A 1 58  ? 5.113   -12.107 7.392   1.00 28.81 ? 228 PHE A C   1 
ATOM   455  O  O   . PHE A 1 58  ? 5.581   -11.208 8.109   1.00 27.76 ? 228 PHE A O   1 
ATOM   456  C  CB  . PHE A 1 58  ? 3.737   -11.787 5.294   1.00 23.52 ? 228 PHE A CB  1 
ATOM   457  C  CG  . PHE A 1 58  ? 3.671   -10.873 4.087   1.00 22.45 ? 228 PHE A CG  1 
ATOM   458  C  CD1 . PHE A 1 58  ? 4.662   -10.898 3.115   1.00 24.14 ? 228 PHE A CD1 1 
ATOM   459  C  CD2 . PHE A 1 58  ? 2.614   -9.987  3.931   1.00 23.80 ? 228 PHE A CD2 1 
ATOM   460  C  CE1 . PHE A 1 58  ? 4.601   -10.064 2.008   1.00 24.79 ? 228 PHE A CE1 1 
ATOM   461  C  CE2 . PHE A 1 58  ? 2.550   -9.143  2.835   1.00 23.73 ? 228 PHE A CE2 1 
ATOM   462  C  CZ  . PHE A 1 58  ? 3.546   -9.183  1.866   1.00 24.61 ? 228 PHE A CZ  1 
ATOM   463  N  N   . GLN A 1 59  ? 4.625   -13.256 7.864   1.00 28.64 ? 229 GLN A N   1 
ATOM   464  C  CA  . GLN A 1 59  ? 4.561   -13.564 9.306   1.00 31.74 ? 229 GLN A CA  1 
ATOM   465  C  C   . GLN A 1 59  ? 5.942   -13.436 9.963   1.00 31.53 ? 229 GLN A C   1 
ATOM   466  O  O   . GLN A 1 59  ? 6.068   -12.828 11.027  1.00 31.98 ? 229 GLN A O   1 
ATOM   467  C  CB  . GLN A 1 59  ? 3.969   -14.968 9.548   1.00 32.04 ? 229 GLN A CB  1 
ATOM   468  C  CG  . GLN A 1 59  ? 2.467   -15.081 9.282   1.00 38.41 ? 229 GLN A CG  1 
ATOM   469  C  CD  . GLN A 1 59  ? 1.832   -16.425 9.696   1.00 45.83 ? 229 GLN A CD  1 
ATOM   470  O  OE1 . GLN A 1 59  ? 2.226   -17.052 10.694  1.00 46.05 ? 229 GLN A OE1 1 
ATOM   471  N  NE2 . GLN A 1 59  ? 0.805   -16.842 8.949   1.00 42.42 ? 229 GLN A NE2 1 
ATOM   472  N  N   . GLY A 1 60  ? 6.968   -13.988 9.316   1.00 31.00 ? 230 GLY A N   1 
ATOM   473  C  CA  . GLY A 1 60  ? 8.349   -13.926 9.808   1.00 32.66 ? 230 GLY A CA  1 
ATOM   474  C  C   . GLY A 1 60  ? 8.886   -12.512 9.958   1.00 33.09 ? 230 GLY A C   1 
ATOM   475  O  O   . GLY A 1 60  ? 9.500   -12.168 10.974  1.00 32.33 ? 230 GLY A O   1 
ATOM   476  N  N   . MET A 1 61  ? 8.628   -11.672 8.960   1.00 31.48 ? 231 MET A N   1 
ATOM   477  C  CA  . MET A 1 61  ? 9.049   -10.265 9.020   1.00 32.85 ? 231 MET A CA  1 
ATOM   478  C  C   . MET A 1 61  ? 8.287   -9.493  10.095  1.00 30.46 ? 231 MET A C   1 
ATOM   479  O  O   . MET A 1 61  ? 8.891   -8.685  10.803  1.00 34.86 ? 231 MET A O   1 
ATOM   480  C  CB  . MET A 1 61  ? 8.875   -9.590  7.652   1.00 31.39 ? 231 MET A CB  1 
ATOM   481  C  CG  . MET A 1 61  ? 9.284   -8.121  7.592   1.00 29.53 ? 231 MET A CG  1 
ATOM   482  S  SD  . MET A 1 61  ? 11.003  -7.806  8.057   1.00 35.64 ? 231 MET A SD  1 
ATOM   483  C  CE  . MET A 1 61  ? 11.866  -8.497  6.651   1.00 36.09 ? 231 MET A CE  1 
ATOM   484  N  N   . LEU A 1 62  ? 6.977   -9.718  10.199  1.00 29.69 ? 232 LEU A N   1 
ATOM   485  C  CA  . LEU A 1 62  ? 6.156   -9.064  11.230  1.00 31.01 ? 232 LEU A CA  1 
ATOM   486  C  C   . LEU A 1 62  ? 6.711   -9.394  12.617  1.00 36.23 ? 232 LEU A C   1 
ATOM   487  O  O   . LEU A 1 62  ? 6.942   -8.497  13.430  1.00 35.01 ? 232 LEU A O   1 
ATOM   488  C  CB  . LEU A 1 62  ? 4.677   -9.470  11.133  1.00 30.80 ? 232 LEU A CB  1 
ATOM   489  C  CG  . LEU A 1 62  ? 3.676   -8.769  12.081  1.00 32.63 ? 232 LEU A CG  1 
ATOM   490  C  CD1 . LEU A 1 62  ? 3.600   -7.262  11.834  1.00 30.88 ? 232 LEU A CD1 1 
ATOM   491  C  CD2 . LEU A 1 62  ? 2.282   -9.377  11.975  1.00 32.89 ? 232 LEU A CD2 1 
ATOM   492  N  N   . ARG A 1 63  ? 6.967   -10.671 12.871  1.00 37.37 ? 233 ARG A N   1 
ATOM   493  C  CA  . ARG A 1 63  ? 7.482   -11.078 14.181  1.00 41.51 ? 233 ARG A CA  1 
ATOM   494  C  C   . ARG A 1 63  ? 8.837   -10.442 14.445  1.00 39.28 ? 233 ARG A C   1 
ATOM   495  O  O   . ARG A 1 63  ? 9.093   -9.975  15.554  1.00 42.52 ? 233 ARG A O   1 
ATOM   496  C  CB  . ARG A 1 63  ? 7.566   -12.602 14.312  1.00 46.05 ? 233 ARG A CB  1 
ATOM   497  C  CG  . ARG A 1 63  ? 8.146   -13.030 15.656  1.00 51.66 ? 233 ARG A CG  1 
ATOM   498  C  CD  . ARG A 1 63  ? 7.749   -14.438 16.070  1.00 56.09 ? 233 ARG A CD  1 
ATOM   499  N  NE  . ARG A 1 63  ? 8.275   -14.753 17.403  1.00 55.66 ? 233 ARG A NE  1 
ATOM   500  C  CZ  . ARG A 1 63  ? 9.550   -15.048 17.673  1.00 58.57 ? 233 ARG A CZ  1 
ATOM   501  N  NH1 . ARG A 1 63  ? 10.475  -15.080 16.712  1.00 61.94 ? 233 ARG A NH1 1 
ATOM   502  N  NH2 . ARG A 1 63  ? 9.911   -15.311 18.923  1.00 54.35 ? 233 ARG A NH2 1 
ATOM   503  N  N   . LYS A 1 64  ? 9.687   -10.388 13.424  1.00 39.37 ? 234 LYS A N   1 
ATOM   504  C  CA  . LYS A 1 64  ? 10.993  -9.748  13.540  1.00 39.32 ? 234 LYS A CA  1 
ATOM   505  C  C   . LYS A 1 64  ? 10.871  -8.249  13.853  1.00 40.68 ? 234 LYS A C   1 
ATOM   506  O  O   . LYS A 1 64  ? 11.658  -7.711  14.641  1.00 41.84 ? 234 LYS A O   1 
ATOM   507  C  CB  . LYS A 1 64  ? 11.823  -9.967  12.273  1.00 42.38 ? 234 LYS A CB  1 
ATOM   508  C  CG  . LYS A 1 64  ? 13.168  -9.259  12.304  1.00 47.15 ? 234 LYS A CG  1 
ATOM   509  C  CD  . LYS A 1 64  ? 14.119  -9.739  11.220  1.00 53.04 ? 234 LYS A CD  1 
ATOM   510  C  CE  . LYS A 1 64  ? 15.376  -8.875  11.194  1.00 57.68 ? 234 LYS A CE  1 
ATOM   511  N  NZ  . LYS A 1 64  ? 16.344  -9.269  10.126  1.00 59.69 ? 234 LYS A NZ  1 
ATOM   512  N  N   . LEU A 1 65  ? 9.882   -7.583  13.263  1.00 34.58 ? 235 LEU A N   1 
ATOM   513  C  CA  . LEU A 1 65  ? 9.677   -6.146  13.492  1.00 37.47 ? 235 LEU A CA  1 
ATOM   514  C  C   . LEU A 1 65  ? 9.188   -5.839  14.918  1.00 40.23 ? 235 LEU A C   1 
ATOM   515  O  O   . LEU A 1 65  ? 9.533   -4.797  15.485  1.00 39.60 ? 235 LEU A O   1 
ATOM   516  C  CB  . LEU A 1 65  ? 8.700   -5.566  12.463  1.00 33.37 ? 235 LEU A CB  1 
ATOM   517  C  CG  . LEU A 1 65  ? 9.195   -5.538  11.015  1.00 30.29 ? 235 LEU A CG  1 
ATOM   518  C  CD1 . LEU A 1 65  ? 8.055   -5.263  10.033  1.00 30.04 ? 235 LEU A CD1 1 
ATOM   519  C  CD2 . LEU A 1 65  ? 10.307  -4.514  10.857  1.00 32.59 ? 235 LEU A CD2 1 
ATOM   520  N  N   . ASP A 1 66  ? 8.359   -6.730  15.467  1.00 42.19 ? 236 ASP A N   1 
ATOM   521  C  CA  . ASP A 1 66  ? 7.871   -6.633  16.856  1.00 46.17 ? 236 ASP A CA  1 
ATOM   522  C  C   . ASP A 1 66  ? 7.162   -5.302  17.146  1.00 45.46 ? 236 ASP A C   1 
ATOM   523  O  O   . ASP A 1 66  ? 7.649   -4.477  17.923  1.00 49.59 ? 236 ASP A O   1 
ATOM   524  C  CB  . ASP A 1 66  ? 9.029   -6.863  17.838  1.00 46.63 ? 236 ASP A CB  1 
ATOM   525  C  CG  . ASP A 1 66  ? 8.560   -7.040  19.280  1.00 52.64 ? 236 ASP A CG  1 
ATOM   526  O  OD1 . ASP A 1 66  ? 7.335   -7.094  19.520  1.00 50.63 ? 236 ASP A OD1 1 
ATOM   527  O  OD2 . ASP A 1 66  ? 9.427   -7.122  20.175  1.00 54.51 ? 236 ASP A OD2 1 
ATOM   528  N  N   . ILE A 1 67  ? 5.999   -5.122  16.527  1.00 45.29 ? 237 ILE A N   1 
ATOM   529  C  CA  . ILE A 1 67  ? 5.260   -3.855  16.555  1.00 43.12 ? 237 ILE A CA  1 
ATOM   530  C  C   . ILE A 1 67  ? 4.236   -3.870  17.692  1.00 46.79 ? 237 ILE A C   1 
ATOM   531  O  O   . ILE A 1 67  ? 3.266   -4.648  17.676  1.00 46.85 ? 237 ILE A O   1 
ATOM   532  C  CB  . ILE A 1 67  ? 4.555   -3.593  15.205  1.00 39.91 ? 237 ILE A CB  1 
ATOM   533  C  CG1 . ILE A 1 67  ? 5.565   -3.647  14.060  1.00 36.42 ? 237 ILE A CG1 1 
ATOM   534  C  CG2 . ILE A 1 67  ? 3.855   -2.242  15.210  1.00 39.10 ? 237 ILE A CG2 1 
ATOM   535  C  CD1 . ILE A 1 67  ? 4.927   -3.719  12.686  1.00 34.37 ? 237 ILE A CD1 1 
ATOM   536  N  N   . LYS A 1 68  ? 4.467   -3.016  18.687  1.00 52.78 ? 238 LYS A N   1 
ATOM   537  C  CA  . LYS A 1 68  ? 3.624   -2.956  19.889  1.00 55.13 ? 238 LYS A CA  1 
ATOM   538  C  C   . LYS A 1 68  ? 2.901   -1.615  20.067  1.00 56.57 ? 238 LYS A C   1 
ATOM   539  O  O   . LYS A 1 68  ? 1.839   -1.563  20.694  1.00 56.39 ? 238 LYS A O   1 
ATOM   540  C  CB  . LYS A 1 68  ? 4.475   -3.231  21.129  1.00 56.39 ? 238 LYS A CB  1 
ATOM   541  C  CG  . LYS A 1 68  ? 5.100   -4.620  21.158  1.00 56.86 ? 238 LYS A CG  1 
ATOM   542  C  CD  . LYS A 1 68  ? 6.328   -4.676  22.054  1.00 57.71 ? 238 LYS A CD  1 
ATOM   543  C  CE  . LYS A 1 68  ? 7.502   -3.916  21.452  1.00 60.05 ? 238 LYS A CE  1 
ATOM   544  N  NZ  . LYS A 1 68  ? 8.791   -4.240  22.120  1.00 62.96 ? 238 LYS A NZ  1 
ATOM   545  N  N   . ASN A 1 69  ? 3.465   -0.540  19.518  1.00 57.66 ? 239 ASN A N   1 
ATOM   546  C  CA  . ASN A 1 69  ? 2.998   0.809   19.833  1.00 59.01 ? 239 ASN A CA  1 
ATOM   547  C  C   . ASN A 1 69  ? 3.395   1.854   18.790  1.00 59.07 ? 239 ASN A C   1 
ATOM   548  O  O   . ASN A 1 69  ? 4.064   1.541   17.805  1.00 56.04 ? 239 ASN A O   1 
ATOM   549  C  CB  . ASN A 1 69  ? 3.554   1.208   21.203  1.00 59.07 ? 239 ASN A CB  1 
ATOM   550  C  CG  . ASN A 1 69  ? 5.067   1.142   21.258  1.00 57.31 ? 239 ASN A CG  1 
ATOM   551  O  OD1 . ASN A 1 69  ? 5.763   1.694   20.401  1.00 62.22 ? 239 ASN A OD1 1 
ATOM   552  N  ND2 . ASN A 1 69  ? 5.586   0.477   22.274  1.00 54.20 ? 239 ASN A ND2 1 
ATOM   553  N  N   . GLU A 1 70  ? 2.984   3.098   19.036  1.00 58.78 ? 240 GLU A N   1 
ATOM   554  C  CA  . GLU A 1 70  ? 3.261   4.237   18.154  1.00 58.23 ? 240 GLU A CA  1 
ATOM   555  C  C   . GLU A 1 70  ? 4.732   4.390   17.743  1.00 55.05 ? 240 GLU A C   1 
ATOM   556  O  O   . GLU A 1 70  ? 5.016   4.690   16.584  1.00 50.27 ? 240 GLU A O   1 
ATOM   557  C  CB  . GLU A 1 70  ? 2.787   5.527   18.831  1.00 61.79 ? 240 GLU A CB  1 
ATOM   558  C  CG  . GLU A 1 70  ? 2.962   6.785   17.999  1.00 67.07 ? 240 GLU A CG  1 
ATOM   559  C  CD  . GLU A 1 70  ? 2.511   8.034   18.732  1.00 71.52 ? 240 GLU A CD  1 
ATOM   560  O  OE1 . GLU A 1 70  ? 2.649   8.080   19.977  1.00 70.91 ? 240 GLU A OE1 1 
ATOM   561  O  OE2 . GLU A 1 70  ? 2.023   8.970   18.060  1.00 74.11 ? 240 GLU A OE2 1 
ATOM   562  N  N   . ASP A 1 71  ? 5.653   4.198   18.689  1.00 50.64 ? 241 ASP A N   1 
ATOM   563  C  CA  . ASP A 1 71  ? 7.083   4.410   18.433  1.00 53.17 ? 241 ASP A CA  1 
ATOM   564  C  C   . ASP A 1 71  ? 7.675   3.344   17.524  1.00 48.30 ? 241 ASP A C   1 
ATOM   565  O  O   . ASP A 1 71  ? 8.552   3.642   16.719  1.00 43.91 ? 241 ASP A O   1 
ATOM   566  C  CB  . ASP A 1 71  ? 7.878   4.451   19.742  1.00 57.53 ? 241 ASP A CB  1 
ATOM   567  C  CG  . ASP A 1 71  ? 7.570   5.686   20.583  1.00 66.32 ? 241 ASP A CG  1 
ATOM   568  O  OD1 . ASP A 1 71  ? 7.002   6.671   20.051  1.00 64.57 ? 241 ASP A OD1 1 
ATOM   569  O  OD2 . ASP A 1 71  ? 7.904   5.671   21.789  1.00 75.18 ? 241 ASP A OD2 1 
ATOM   570  N  N   . ASP A 1 72  ? 7.206   2.106   17.672  1.00 44.72 ? 242 ASP A N   1 
ATOM   571  C  CA  . ASP A 1 72  ? 7.584   1.026   16.757  1.00 43.78 ? 242 ASP A CA  1 
ATOM   572  C  C   . ASP A 1 72  ? 7.063   1.305   15.344  1.00 39.22 ? 242 ASP A C   1 
ATOM   573  O  O   . ASP A 1 72  ? 7.771   1.072   14.370  1.00 43.55 ? 242 ASP A O   1 
ATOM   574  C  CB  . ASP A 1 72  ? 7.050   -0.328  17.244  1.00 46.36 ? 242 ASP A CB  1 
ATOM   575  C  CG  . ASP A 1 72  ? 7.667   -0.771  18.569  1.00 48.07 ? 242 ASP A CG  1 
ATOM   576  O  OD1 . ASP A 1 72  ? 8.872   -0.521  18.792  1.00 50.56 ? 242 ASP A OD1 1 
ATOM   577  O  OD2 . ASP A 1 72  ? 6.939   -1.386  19.379  1.00 50.23 ? 242 ASP A OD2 1 
ATOM   578  N  N   . VAL A 1 73  ? 5.837   1.807   15.242  1.00 37.66 ? 243 VAL A N   1 
ATOM   579  C  CA  . VAL A 1 73  ? 5.236   2.100   13.938  1.00 36.08 ? 243 VAL A CA  1 
ATOM   580  C  C   . VAL A 1 73  ? 6.016   3.226   13.254  1.00 37.87 ? 243 VAL A C   1 
ATOM   581  O  O   . VAL A 1 73  ? 6.272   3.171   12.045  1.00 33.40 ? 243 VAL A O   1 
ATOM   582  C  CB  . VAL A 1 73  ? 3.747   2.453   14.055  1.00 38.15 ? 243 VAL A CB  1 
ATOM   583  C  CG1 . VAL A 1 73  ? 3.183   2.841   12.695  1.00 35.74 ? 243 VAL A CG1 1 
ATOM   584  C  CG2 . VAL A 1 73  ? 2.970   1.276   14.653  1.00 35.67 ? 243 VAL A CG2 1 
ATOM   585  N  N   . LYS A 1 74  ? 6.440   4.217   14.041  1.00 36.34 ? 244 LYS A N   1 
ATOM   586  C  CA  . LYS A 1 74  ? 7.302   5.282   13.534  1.00 37.59 ? 244 LYS A CA  1 
ATOM   587  C  C   . LYS A 1 74  ? 8.643   4.769   13.004  1.00 37.62 ? 244 LYS A C   1 
ATOM   588  O  O   . LYS A 1 74  ? 9.151   5.290   12.014  1.00 36.88 ? 244 LYS A O   1 
ATOM   589  C  CB  . LYS A 1 74  ? 7.530   6.346   14.615  1.00 39.69 ? 244 LYS A CB  1 
ATOM   590  C  CG  . LYS A 1 74  ? 6.317   7.239   14.805  1.00 44.97 ? 244 LYS A CG  1 
ATOM   591  C  CD  . LYS A 1 74  ? 6.534   8.324   15.854  1.00 50.96 ? 244 LYS A CD  1 
ATOM   592  C  CE  . LYS A 1 74  ? 5.258   9.136   16.053  1.00 54.62 ? 244 LYS A CE  1 
ATOM   593  N  NZ  . LYS A 1 74  ? 5.417   10.280  16.993  1.00 60.74 ? 244 LYS A NZ  1 
ATOM   594  N  N   . SER A 1 75  ? 9.208   3.750   13.650  1.00 36.92 ? 245 SER A N   1 
ATOM   595  C  CA  . SER A 1 75  ? 10.511  3.206   13.249  1.00 38.62 ? 245 SER A CA  1 
ATOM   596  C  C   . SER A 1 75  ? 10.483  2.459   11.904  1.00 34.19 ? 245 SER A C   1 
ATOM   597  O  O   . SER A 1 75  ? 11.534  2.146   11.350  1.00 35.25 ? 245 SER A O   1 
ATOM   598  C  CB  . SER A 1 75  ? 11.060  2.270   14.325  1.00 42.89 ? 245 SER A CB  1 
ATOM   599  O  OG  . SER A 1 75  ? 10.365  1.037   14.314  1.00 49.13 ? 245 SER A OG  1 
ATOM   600  N  N   . LEU A 1 76  ? 9.289   2.172   11.394  1.00 32.07 ? 246 LEU A N   1 
ATOM   601  C  CA  . LEU A 1 76  ? 9.152   1.425   10.135  1.00 30.42 ? 246 LEU A CA  1 
ATOM   602  C  C   . LEU A 1 76  ? 9.604   2.196   8.893   1.00 30.11 ? 246 LEU A C   1 
ATOM   603  O  O   . LEU A 1 76  ? 9.996   1.579   7.917   1.00 26.82 ? 246 LEU A O   1 
ATOM   604  C  CB  . LEU A 1 76  ? 7.712   0.970   9.941   1.00 30.19 ? 246 LEU A CB  1 
ATOM   605  C  CG  . LEU A 1 76  ? 7.193   -0.016  10.983  1.00 28.57 ? 246 LEU A CG  1 
ATOM   606  C  CD1 . LEU A 1 76  ? 5.722   -0.279  10.717  1.00 27.71 ? 246 LEU A CD1 1 
ATOM   607  C  CD2 . LEU A 1 76  ? 8.025   -1.293  10.965  1.00 29.07 ? 246 LEU A CD2 1 
ATOM   608  N  N   . SER A 1 77  ? 9.546   3.523   8.907   1.00 31.79 ? 247 SER A N   1 
ATOM   609  C  CA  . SER A 1 77  ? 10.003  4.293   7.748   1.00 31.59 ? 247 SER A CA  1 
ATOM   610  C  C   . SER A 1 77  ? 11.447  3.962   7.387   1.00 28.23 ? 247 SER A C   1 
ATOM   611  O  O   . SER A 1 77  ? 11.761  3.727   6.227   1.00 26.64 ? 247 SER A O   1 
ATOM   612  C  CB  . SER A 1 77  ? 9.857   5.797   7.986   1.00 36.23 ? 247 SER A CB  1 
ATOM   613  O  OG  . SER A 1 77  ? 8.490   6.126   8.142   1.00 42.51 ? 247 SER A OG  1 
ATOM   614  N  N   . ARG A 1 78  ? 12.319  3.921   8.381   1.00 27.69 ? 248 ARG A N   1 
ATOM   615  C  CA  . ARG A 1 78  ? 13.716  3.556   8.151   1.00 28.73 ? 248 ARG A CA  1 
ATOM   616  C  C   . ARG A 1 78  ? 13.855  2.168   7.526   1.00 25.00 ? 248 ARG A C   1 
ATOM   617  O  O   . ARG A 1 78  ? 14.706  1.942   6.675   1.00 24.65 ? 248 ARG A O   1 
ATOM   618  C  CB  . ARG A 1 78  ? 14.508  3.606   9.469   1.00 33.78 ? 248 ARG A CB  1 
ATOM   619  C  CG  . ARG A 1 78  ? 15.983  3.315   9.284   1.00 43.19 ? 248 ARG A CG  1 
ATOM   620  C  CD  . ARG A 1 78  ? 16.780  3.244   10.580  1.00 50.46 ? 248 ARG A CD  1 
ATOM   621  N  NE  . ARG A 1 78  ? 18.169  2.910   10.255  1.00 60.09 ? 248 ARG A NE  1 
ATOM   622  C  CZ  . ARG A 1 78  ? 19.143  2.693   11.137  1.00 67.08 ? 248 ARG A CZ  1 
ATOM   623  N  NH1 . ARG A 1 78  ? 18.913  2.763   12.450  1.00 69.99 ? 248 ARG A NH1 1 
ATOM   624  N  NH2 . ARG A 1 78  ? 20.362  2.405   10.690  1.00 66.30 ? 248 ARG A NH2 1 
ATOM   625  N  N   . VAL A 1 79  ? 13.034  1.234   7.979   1.00 23.85 ? 249 VAL A N   1 
ATOM   626  C  CA  . VAL A 1 79  ? 13.084  -0.128  7.485   1.00 23.72 ? 249 VAL A CA  1 
ATOM   627  C  C   . VAL A 1 79  ? 12.556  -0.174  6.050   1.00 22.24 ? 249 VAL A C   1 
ATOM   628  O  O   . VAL A 1 79  ? 13.130  -0.860  5.201   1.00 22.32 ? 249 VAL A O   1 
ATOM   629  C  CB  . VAL A 1 79  ? 12.271  -1.084  8.389   1.00 26.35 ? 249 VAL A CB  1 
ATOM   630  C  CG1 . VAL A 1 79  ? 12.412  -2.508  7.900   1.00 26.00 ? 249 VAL A CG1 1 
ATOM   631  C  CG2 . VAL A 1 79  ? 12.751  -0.975  9.843   1.00 25.82 ? 249 VAL A CG2 1 
ATOM   632  N  N   . MET A 1 80  ? 11.491  0.571   5.772   1.00 22.52 ? 250 MET A N   1 
ATOM   633  C  CA  . MET A 1 80  ? 10.972  0.651   4.383   1.00 22.15 ? 250 MET A CA  1 
ATOM   634  C  C   . MET A 1 80  ? 12.017  1.215   3.404   1.00 22.75 ? 250 MET A C   1 
ATOM   635  O  O   . MET A 1 80  ? 12.192  0.719   2.287   1.00 22.17 ? 250 MET A O   1 
ATOM   636  C  CB  . MET A 1 80  ? 9.711   1.500   4.336   1.00 24.49 ? 250 MET A CB  1 
ATOM   637  C  CG  . MET A 1 80  ? 8.508   0.835   4.991   1.00 27.37 ? 250 MET A CG  1 
ATOM   638  S  SD  . MET A 1 80  ? 7.018   1.796   4.727   1.00 33.52 ? 250 MET A SD  1 
ATOM   639  C  CE  . MET A 1 80  ? 7.010   2.940   6.105   1.00 33.34 ? 250 MET A CE  1 
ATOM   640  N  N   . ILE A 1 81  ? 12.691  2.278   3.810   1.00 23.31 ? 251 ILE A N   1 
ATOM   641  C  CA  . ILE A 1 81  ? 13.767  2.854   3.007   1.00 24.00 ? 251 ILE A CA  1 
ATOM   642  C  C   . ILE A 1 81  ? 14.858  1.816   2.750   1.00 23.86 ? 251 ILE A C   1 
ATOM   643  O  O   . ILE A 1 81  ? 15.317  1.644   1.619   1.00 25.19 ? 251 ILE A O   1 
ATOM   644  C  CB  . ILE A 1 81  ? 14.342  4.117   3.698   1.00 27.03 ? 251 ILE A CB  1 
ATOM   645  C  CG1 . ILE A 1 81  ? 13.300  5.250   3.721   1.00 27.88 ? 251 ILE A CG1 1 
ATOM   646  C  CG2 . ILE A 1 81  ? 15.585  4.607   2.994   1.00 26.88 ? 251 ILE A CG2 1 
ATOM   647  C  CD1 . ILE A 1 81  ? 13.021  5.843   2.363   1.00 32.22 ? 251 ILE A CD1 1 
ATOM   648  N  N   . HIS A 1 82  ? 15.252  1.111   3.805   1.00 22.74 ? 252 HIS A N   1 
ATOM   649  C  CA  . HIS A 1 82  ? 16.255  0.058   3.736   1.00 23.91 ? 252 HIS A CA  1 
ATOM   650  C  C   . HIS A 1 82  ? 15.907  -1.053  2.780   1.00 22.62 ? 252 HIS A C   1 
ATOM   651  O  O   . HIS A 1 82  ? 16.726  -1.418  1.945   1.00 26.75 ? 252 HIS A O   1 
ATOM   652  C  CB  . HIS A 1 82  ? 16.478  -0.494  5.144   1.00 28.14 ? 252 HIS A CB  1 
ATOM   653  C  CG  . HIS A 1 82  ? 17.659  -1.414  5.277   1.00 33.64 ? 252 HIS A CG  1 
ATOM   654  N  ND1 . HIS A 1 82  ? 18.807  -1.028  5.853   1.00 41.87 ? 252 HIS A ND1 1 
ATOM   655  C  CD2 . HIS A 1 82  ? 17.826  -2.746  4.920   1.00 40.02 ? 252 HIS A CD2 1 
ATOM   656  C  CE1 . HIS A 1 82  ? 19.679  -2.057  5.840   1.00 38.86 ? 252 HIS A CE1 1 
ATOM   657  N  NE2 . HIS A 1 82  ? 19.077  -3.103  5.267   1.00 38.09 ? 252 HIS A NE2 1 
ATOM   658  N  N   . VAL A 1 83  ? 14.702  -1.609  2.912   1.00 20.06 ? 253 VAL A N   1 
ATOM   659  C  CA  . VAL A 1 83  ? 14.288  -2.769  2.147   1.00 20.83 ? 253 VAL A CA  1 
ATOM   660  C  C   . VAL A 1 83  ? 13.686  -2.411  0.776   1.00 22.03 ? 253 VAL A C   1 
ATOM   661  O  O   . VAL A 1 83  ? 14.136  -2.933  -0.258  1.00 21.25 ? 253 VAL A O   1 
ATOM   662  C  CB  . VAL A 1 83  ? 13.309  -3.638  2.945   1.00 21.71 ? 253 VAL A CB  1 
ATOM   663  C  CG1 . VAL A 1 83  ? 12.760  -4.773  2.094   1.00 21.95 ? 253 VAL A CG1 1 
ATOM   664  C  CG2 . VAL A 1 83  ? 14.017  -4.186  4.176   1.00 22.53 ? 253 VAL A CG2 1 
ATOM   665  N  N   . PHE A 1 84  ? 12.697  -1.525  0.764   1.00 21.83 ? 254 PHE A N   1 
ATOM   666  C  CA  . PHE A 1 84  ? 12.018  -1.182  -0.490  1.00 21.57 ? 254 PHE A CA  1 
ATOM   667  C  C   . PHE A 1 84  ? 12.841  -0.242  -1.369  1.00 22.42 ? 254 PHE A C   1 
ATOM   668  O  O   . PHE A 1 84  ? 13.099  -0.554  -2.541  1.00 21.87 ? 254 PHE A O   1 
ATOM   669  C  CB  . PHE A 1 84  ? 10.615  -0.600  -0.249  1.00 22.01 ? 254 PHE A CB  1 
ATOM   670  C  CG  . PHE A 1 84  ? 10.016  0.013   -1.483  1.00 20.95 ? 254 PHE A CG  1 
ATOM   671  C  CD1 . PHE A 1 84  ? 9.540   -0.794  -2.489  1.00 21.45 ? 254 PHE A CD1 1 
ATOM   672  C  CD2 . PHE A 1 84  ? 10.036  1.383   -1.677  1.00 21.57 ? 254 PHE A CD2 1 
ATOM   673  C  CE1 . PHE A 1 84  ? 9.047   -0.257  -3.653  1.00 22.14 ? 254 PHE A CE1 1 
ATOM   674  C  CE2 . PHE A 1 84  ? 9.541   1.935   -2.848  1.00 21.67 ? 254 PHE A CE2 1 
ATOM   675  C  CZ  . PHE A 1 84  ? 9.023   1.110   -3.822  1.00 21.45 ? 254 PHE A CZ  1 
ATOM   676  N  N   . SER A 1 85  ? 13.241  0.918   -0.827  1.00 22.23 ? 255 SER A N   1 
ATOM   677  C  CA  . SER A 1 85  ? 13.870  1.955   -1.651  1.00 22.26 ? 255 SER A CA  1 
ATOM   678  C  C   . SER A 1 85  ? 15.207  1.489   -2.220  1.00 22.84 ? 255 SER A C   1 
ATOM   679  O  O   . SER A 1 85  ? 15.499  1.750   -3.390  1.00 21.03 ? 255 SER A O   1 
ATOM   680  C  CB  . SER A 1 85  ? 14.052  3.289   -0.909  1.00 23.86 ? 255 SER A CB  1 
ATOM   681  O  OG  . SER A 1 85  ? 12.807  3.802   -0.472  1.00 22.33 ? 255 SER A OG  1 
ATOM   682  N  N   . ASP A 1 86  ? 15.988  0.784   -1.412  1.00 22.22 ? 256 ASP A N   1 
ATOM   683  C  CA  . ASP A 1 86  ? 17.316  0.335   -1.827  1.00 22.49 ? 256 ASP A CA  1 
ATOM   684  C  C   . ASP A 1 86  ? 17.231  -1.003  -2.550  1.00 25.68 ? 256 ASP A C   1 
ATOM   685  O  O   . ASP A 1 86  ? 17.757  -2.010  -2.111  1.00 25.59 ? 256 ASP A O   1 
ATOM   686  C  CB  . ASP A 1 86  ? 18.232  0.245   -0.617  1.00 23.95 ? 256 ASP A CB  1 
ATOM   687  C  CG  . ASP A 1 86  ? 19.689  0.078   -0.991  1.00 27.31 ? 256 ASP A CG  1 
ATOM   688  O  OD1 . ASP A 1 86  ? 20.072  0.370   -2.143  1.00 27.76 ? 256 ASP A OD1 1 
ATOM   689  O  OD2 . ASP A 1 86  ? 20.457  -0.346  -0.108  1.00 27.35 ? 256 ASP A OD2 1 
ATOM   690  N  N   . GLY A 1 87  ? 16.563  -0.992  -3.688  1.00 27.12 ? 257 GLY A N   1 
ATOM   691  C  CA  . GLY A 1 87  ? 16.451  -2.176  -4.523  1.00 27.97 ? 257 GLY A CA  1 
ATOM   692  C  C   . GLY A 1 87  ? 15.808  -1.776  -5.831  1.00 27.26 ? 257 GLY A C   1 
ATOM   693  O  O   . GLY A 1 87  ? 15.488  -0.610  -6.042  1.00 27.58 ? 257 GLY A O   1 
ATOM   694  N  N   . VAL A 1 88  ? 15.580  -2.751  -6.697  1.00 26.74 ? 258 VAL A N   1 
ATOM   695  C  CA  . VAL A 1 88  ? 15.042  -2.467  -8.032  1.00 27.56 ? 258 VAL A CA  1 
ATOM   696  C  C   . VAL A 1 88  ? 13.610  -1.979  -7.918  1.00 27.44 ? 258 VAL A C   1 
ATOM   697  O  O   . VAL A 1 88  ? 12.869  -2.459  -7.082  1.00 27.31 ? 258 VAL A O   1 
ATOM   698  C  CB  . VAL A 1 88  ? 15.056  -3.724  -8.918  1.00 30.17 ? 258 VAL A CB  1 
ATOM   699  C  CG1 . VAL A 1 88  ? 14.570  -3.382  -10.320 1.00 34.32 ? 258 VAL A CG1 1 
ATOM   700  C  CG2 . VAL A 1 88  ? 16.461  -4.314  -8.974  1.00 31.55 ? 258 VAL A CG2 1 
ATOM   701  N  N   . THR A 1 89  ? 13.210  -1.028  -8.752  1.00 24.15 ? 259 THR A N   1 
ATOM   702  C  CA  . THR A 1 89  ? 11.827  -0.550  -8.707  1.00 24.86 ? 259 THR A CA  1 
ATOM   703  C  C   . THR A 1 89  ? 11.037  -1.238  -9.802  1.00 24.20 ? 259 THR A C   1 
ATOM   704  O  O   . THR A 1 89  ? 11.423  -1.201  -10.970 1.00 24.19 ? 259 THR A O   1 
ATOM   705  C  CB  . THR A 1 89  ? 11.734  0.968   -8.888  1.00 27.23 ? 259 THR A CB  1 
ATOM   706  O  OG1 . THR A 1 89  ? 12.678  1.587   -8.010  1.00 28.32 ? 259 THR A OG1 1 
ATOM   707  C  CG2 . THR A 1 89  ? 10.301  1.471   -8.557  1.00 25.39 ? 259 THR A CG2 1 
ATOM   708  N  N   . ASN A 1 90  ? 9.970   -1.914  -9.406  1.00 23.02 ? 260 ASN A N   1 
ATOM   709  C  CA  . ASN A 1 90  ? 8.975   -2.423  -10.346 1.00 21.68 ? 260 ASN A CA  1 
ATOM   710  C  C   . ASN A 1 90  ? 7.650   -2.505  -9.622  1.00 23.44 ? 260 ASN A C   1 
ATOM   711  O  O   . ASN A 1 90  ? 7.593   -2.362  -8.395  1.00 21.77 ? 260 ASN A O   1 
ATOM   712  C  CB  . ASN A 1 90  ? 9.393   -3.763  -10.956 1.00 23.20 ? 260 ASN A CB  1 
ATOM   713  C  CG  . ASN A 1 90  ? 9.727   -4.817  -9.909  1.00 22.54 ? 260 ASN A CG  1 
ATOM   714  O  OD1 . ASN A 1 90  ? 8.899   -5.127  -9.053  1.00 22.88 ? 260 ASN A OD1 1 
ATOM   715  N  ND2 . ASN A 1 90  ? 10.906  -5.403  -10.005 1.00 21.20 ? 260 ASN A ND2 1 
ATOM   716  N  N   . TRP A 1 91  ? 6.571   -2.676  -10.378 1.00 20.76 ? 261 TRP A N   1 
ATOM   717  C  CA  . TRP A 1 91  ? 5.239   -2.657  -9.781  1.00 21.23 ? 261 TRP A CA  1 
ATOM   718  C  C   . TRP A 1 91  ? 5.049   -3.741  -8.737  1.00 21.10 ? 261 TRP A C   1 
ATOM   719  O  O   . TRP A 1 91  ? 4.384   -3.512  -7.726  1.00 20.23 ? 261 TRP A O   1 
ATOM   720  C  CB  . TRP A 1 91  ? 4.158   -2.752  -10.859 1.00 21.21 ? 261 TRP A CB  1 
ATOM   721  C  CG  . TRP A 1 91  ? 3.936   -1.453  -11.616 1.00 22.57 ? 261 TRP A CG  1 
ATOM   722  C  CD1 . TRP A 1 91  ? 4.023   -1.238  -13.002 1.00 25.20 ? 261 TRP A CD1 1 
ATOM   723  C  CD2 . TRP A 1 91  ? 3.572   -0.145  -11.051 1.00 22.97 ? 261 TRP A CD2 1 
ATOM   724  N  NE1 . TRP A 1 91  ? 3.736   0.067   -13.314 1.00 24.10 ? 261 TRP A NE1 1 
ATOM   725  C  CE2 . TRP A 1 91  ? 3.456   0.779   -12.187 1.00 23.01 ? 261 TRP A CE2 1 
ATOM   726  C  CE3 . TRP A 1 91  ? 3.344   0.337   -9.767  1.00 22.79 ? 261 TRP A CE3 1 
ATOM   727  C  CZ2 . TRP A 1 91  ? 3.128   2.114   -12.011 1.00 23.64 ? 261 TRP A CZ2 1 
ATOM   728  C  CZ3 . TRP A 1 91  ? 3.007   1.683   -9.607  1.00 22.82 ? 261 TRP A CZ3 1 
ATOM   729  C  CH2 . TRP A 1 91  ? 2.895   2.550   -10.709 1.00 23.06 ? 261 TRP A CH2 1 
ATOM   730  N  N   . GLY A 1 92  ? 5.661   -4.902  -8.946  1.00 19.57 ? 262 GLY A N   1 
ATOM   731  C  CA  . GLY A 1 92  ? 5.595   -6.007  -7.991  1.00 21.03 ? 262 GLY A CA  1 
ATOM   732  C  C   . GLY A 1 92  ? 6.108   -5.606  -6.614  1.00 21.64 ? 262 GLY A C   1 
ATOM   733  O  O   . GLY A 1 92  ? 5.473   -5.889  -5.607  1.00 21.05 ? 262 GLY A O   1 
ATOM   734  N  N   . ARG A 1 93  ? 7.258   -4.946  -6.577  1.00 20.59 ? 263 ARG A N   1 
ATOM   735  C  CA  . ARG A 1 93  ? 7.855   -4.556  -5.295  1.00 21.36 ? 263 ARG A CA  1 
ATOM   736  C  C   . ARG A 1 93  ? 7.045   -3.448  -4.607  1.00 21.49 ? 263 ARG A C   1 
ATOM   737  O  O   . ARG A 1 93  ? 6.968   -3.397  -3.372  1.00 22.23 ? 263 ARG A O   1 
ATOM   738  C  CB  . ARG A 1 93  ? 9.315   -4.170  -5.479  1.00 22.08 ? 263 ARG A CB  1 
ATOM   739  C  CG  . ARG A 1 93  ? 10.145  -5.359  -5.924  1.00 22.38 ? 263 ARG A CG  1 
ATOM   740  C  CD  . ARG A 1 93  ? 11.632  -5.124  -5.795  1.00 23.77 ? 263 ARG A CD  1 
ATOM   741  N  NE  . ARG A 1 93  ? 12.030  -5.122  -4.388  1.00 23.73 ? 263 ARG A NE  1 
ATOM   742  C  CZ  . ARG A 1 93  ? 12.502  -4.085  -3.713  1.00 24.43 ? 263 ARG A CZ  1 
ATOM   743  N  NH1 . ARG A 1 93  ? 12.819  -4.261  -2.433  1.00 25.33 ? 263 ARG A NH1 1 
ATOM   744  N  NH2 . ARG A 1 93  ? 12.696  -2.885  -4.289  1.00 24.29 ? 263 ARG A NH2 1 
ATOM   745  N  N   . ILE A 1 94  ? 6.430   -2.584  -5.412  1.00 20.21 ? 264 ILE A N   1 
ATOM   746  C  CA  . ILE A 1 94  ? 5.509   -1.569  -4.907  1.00 19.22 ? 264 ILE A CA  1 
ATOM   747  C  C   . ILE A 1 94  ? 4.261   -2.220  -4.296  1.00 20.91 ? 264 ILE A C   1 
ATOM   748  O  O   . ILE A 1 94  ? 3.780   -1.806  -3.229  1.00 19.85 ? 264 ILE A O   1 
ATOM   749  C  CB  . ILE A 1 94  ? 5.151   -0.554  -6.029  1.00 19.58 ? 264 ILE A CB  1 
ATOM   750  C  CG1 . ILE A 1 94  ? 6.385   0.310   -6.353  1.00 21.16 ? 264 ILE A CG1 1 
ATOM   751  C  CG2 . ILE A 1 94  ? 3.979   0.305   -5.601  1.00 20.48 ? 264 ILE A CG2 1 
ATOM   752  C  CD1 . ILE A 1 94  ? 6.309   1.110   -7.653  1.00 22.05 ? 264 ILE A CD1 1 
ATOM   753  N  N   . VAL A 1 95  ? 3.731   -3.239  -4.963  1.00 20.00 ? 265 VAL A N   1 
ATOM   754  C  CA  . VAL A 1 95  ? 2.614   -3.998  -4.399  1.00 20.07 ? 265 VAL A CA  1 
ATOM   755  C  C   . VAL A 1 95  ? 3.003   -4.692  -3.075  1.00 21.36 ? 265 VAL A C   1 
ATOM   756  O  O   . VAL A 1 95  ? 2.203   -4.721  -2.123  1.00 22.35 ? 265 VAL A O   1 
ATOM   757  C  CB  . VAL A 1 95  ? 2.023   -5.008  -5.413  1.00 21.57 ? 265 VAL A CB  1 
ATOM   758  C  CG1 . VAL A 1 95  ? 0.959   -5.891  -4.747  1.00 21.92 ? 265 VAL A CG1 1 
ATOM   759  C  CG2 . VAL A 1 95  ? 1.422   -4.267  -6.590  1.00 23.75 ? 265 VAL A CG2 1 
ATOM   760  N  N   . THR A 1 96  ? 4.222   -5.210  -2.987  1.00 21.54 ? 266 THR A N   1 
ATOM   761  C  CA  . THR A 1 96  ? 4.666   -5.829  -1.733  1.00 22.84 ? 266 THR A CA  1 
ATOM   762  C  C   . THR A 1 96  ? 4.769   -4.788  -0.624  1.00 21.61 ? 266 THR A C   1 
ATOM   763  O  O   . THR A 1 96  ? 4.365   -5.037  0.515   1.00 22.04 ? 266 THR A O   1 
ATOM   764  C  CB  . THR A 1 96  ? 6.005   -6.541  -1.889  1.00 23.27 ? 266 THR A CB  1 
ATOM   765  O  OG1 . THR A 1 96  ? 5.837   -7.608  -2.841  1.00 25.78 ? 266 THR A OG1 1 
ATOM   766  C  CG2 . THR A 1 96  ? 6.488   -7.072  -0.521  1.00 23.38 ? 266 THR A CG2 1 
ATOM   767  N  N   . LEU A 1 97  ? 5.297   -3.616  -0.963  1.00 19.92 ? 267 LEU A N   1 
ATOM   768  C  CA  . LEU A 1 97  ? 5.384   -2.519  -0.001  1.00 18.99 ? 267 LEU A CA  1 
ATOM   769  C  C   . LEU A 1 97  ? 4.011   -2.214  0.576   1.00 20.20 ? 267 LEU A C   1 
ATOM   770  O  O   . LEU A 1 97  ? 3.836   -2.138  1.806   1.00 21.52 ? 267 LEU A O   1 
ATOM   771  C  CB  . LEU A 1 97  ? 5.963   -1.281  -0.664  1.00 18.84 ? 267 LEU A CB  1 
ATOM   772  C  CG  . LEU A 1 97  ? 5.931   0.031   0.103   1.00 19.11 ? 267 LEU A CG  1 
ATOM   773  C  CD1 . LEU A 1 97  ? 6.942   -0.016  1.255   1.00 19.71 ? 267 LEU A CD1 1 
ATOM   774  C  CD2 . LEU A 1 97  ? 6.189   1.235   -0.805  1.00 19.44 ? 267 LEU A CD2 1 
ATOM   775  N  N   . ILE A 1 98  ? 3.039   -2.025  -0.311  1.00 19.59 ? 268 ILE A N   1 
ATOM   776  C  CA  . ILE A 1 98  ? 1.693   -1.652  0.115   1.00 21.35 ? 268 ILE A CA  1 
ATOM   777  C  C   . ILE A 1 98  ? 0.973   -2.840  0.778   1.00 21.63 ? 268 ILE A C   1 
ATOM   778  O  O   . ILE A 1 98  ? 0.278   -2.650  1.774   1.00 24.11 ? 268 ILE A O   1 
ATOM   779  C  CB  . ILE A 1 98  ? 0.849   -1.092  -1.056  1.00 21.38 ? 268 ILE A CB  1 
ATOM   780  C  CG1 . ILE A 1 98  ? 1.464   0.212   -1.589  1.00 22.05 ? 268 ILE A CG1 1 
ATOM   781  C  CG2 . ILE A 1 98  ? -0.604  -0.889  -0.601  1.00 22.64 ? 268 ILE A CG2 1 
ATOM   782  C  CD1 . ILE A 1 98  ? 0.968   0.649   -2.960  1.00 21.77 ? 268 ILE A CD1 1 
ATOM   783  N  N   . SER A 1 99  ? 1.167   -4.056  0.261   1.00 21.65 ? 269 SER A N   1 
ATOM   784  C  CA  . SER A 1 99  ? 0.497   -5.261  0.806   1.00 23.19 ? 269 SER A CA  1 
ATOM   785  C  C   . SER A 1 99  ? 1.010   -5.632  2.198   1.00 23.05 ? 269 SER A C   1 
ATOM   786  O  O   . SER A 1 99  ? 0.238   -6.060  3.073   1.00 23.88 ? 269 SER A O   1 
ATOM   787  C  CB  . SER A 1 99  ? 0.685   -6.453  -0.128  1.00 26.14 ? 269 SER A CB  1 
ATOM   788  O  OG  . SER A 1 99  ? 0.080   -6.171  -1.378  1.00 34.25 ? 269 SER A OG  1 
ATOM   789  N  N   . PHE A 1 100 ? 2.319   -5.513  2.385   1.00 22.36 ? 270 PHE A N   1 
ATOM   790  C  CA  . PHE A 1 100 ? 2.892   -5.683  3.720   1.00 21.82 ? 270 PHE A CA  1 
ATOM   791  C  C   . PHE A 1 100 ? 2.368   -4.585  4.657   1.00 22.92 ? 270 PHE A C   1 
ATOM   792  O  O   . PHE A 1 100 ? 2.111   -4.836  5.836   1.00 23.08 ? 270 PHE A O   1 
ATOM   793  C  CB  . PHE A 1 100 ? 4.409   -5.727  3.721   1.00 22.13 ? 270 PHE A CB  1 
ATOM   794  C  CG  . PHE A 1 100 ? 4.964   -6.209  5.033   1.00 21.92 ? 270 PHE A CG  1 
ATOM   795  C  CD1 . PHE A 1 100 ? 4.922   -7.547  5.360   1.00 23.15 ? 270 PHE A CD1 1 
ATOM   796  C  CD2 . PHE A 1 100 ? 5.454   -5.310  5.962   1.00 21.87 ? 270 PHE A CD2 1 
ATOM   797  C  CE1 . PHE A 1 100 ? 5.393   -7.993  6.585   1.00 25.40 ? 270 PHE A CE1 1 
ATOM   798  C  CE2 . PHE A 1 100 ? 5.935   -5.740  7.174   1.00 23.18 ? 270 PHE A CE2 1 
ATOM   799  C  CZ  . PHE A 1 100 ? 5.902   -7.080  7.493   1.00 25.69 ? 270 PHE A CZ  1 
ATOM   800  N  N   . GLY A 1 101 ? 2.153   -3.388  4.113   1.00 23.07 ? 271 GLY A N   1 
ATOM   801  C  CA  . GLY A 1 101 ? 1.528   -2.311  4.866   1.00 23.76 ? 271 GLY A CA  1 
ATOM   802  C  C   . GLY A 1 101 ? 0.157   -2.698  5.383   1.00 22.90 ? 271 GLY A C   1 
ATOM   803  O  O   . GLY A 1 101 ? -0.173  -2.439  6.558   1.00 24.55 ? 271 GLY A O   1 
ATOM   804  N  N   . ALA A 1 102 ? -0.640  -3.322  4.519   1.00 22.45 ? 272 ALA A N   1 
ATOM   805  C  CA  . ALA A 1 102 ? -1.979  -3.786  4.890   1.00 23.12 ? 272 ALA A CA  1 
ATOM   806  C  C   . ALA A 1 102 ? -1.877  -4.862  5.956   1.00 24.54 ? 272 ALA A C   1 
ATOM   807  O  O   . ALA A 1 102 ? -2.686  -4.898  6.893   1.00 23.65 ? 272 ALA A O   1 
ATOM   808  C  CB  . ALA A 1 102 ? -2.732  -4.322  3.677   1.00 23.28 ? 272 ALA A CB  1 
ATOM   809  N  N   . PHE A 1 103 ? -0.878  -5.733  5.799   1.00 23.95 ? 273 PHE A N   1 
ATOM   810  C  CA  . PHE A 1 103 ? -0.602  -6.814  6.754   1.00 23.98 ? 273 PHE A CA  1 
ATOM   811  C  C   . PHE A 1 103 ? -0.281  -6.234  8.129   1.00 25.10 ? 273 PHE A C   1 
ATOM   812  O  O   . PHE A 1 103 ? -0.804  -6.718  9.149   1.00 25.11 ? 273 PHE A O   1 
ATOM   813  C  CB  . PHE A 1 103 ? 0.544   -7.683  6.227   1.00 25.24 ? 273 PHE A CB  1 
ATOM   814  C  CG  . PHE A 1 103 ? 0.721   -8.985  6.953   1.00 27.55 ? 273 PHE A CG  1 
ATOM   815  C  CD1 . PHE A 1 103 ? -0.129  -10.054 6.699   1.00 31.09 ? 273 PHE A CD1 1 
ATOM   816  C  CD2 . PHE A 1 103 ? 1.768   -9.161  7.844   1.00 29.12 ? 273 PHE A CD2 1 
ATOM   817  C  CE1 . PHE A 1 103 ? 0.039   -11.264 7.364   1.00 30.78 ? 273 PHE A CE1 1 
ATOM   818  C  CE2 . PHE A 1 103 ? 1.945   -10.367 8.507   1.00 29.60 ? 273 PHE A CE2 1 
ATOM   819  C  CZ  . PHE A 1 103 ? 1.076   -11.418 8.263   1.00 30.06 ? 273 PHE A CZ  1 
ATOM   820  N  N   . VAL A 1 104 ? 0.531   -5.178  8.156   1.00 23.99 ? 274 VAL A N   1 
ATOM   821  C  CA  . VAL A 1 104 ? 0.854   -4.469  9.404   1.00 25.96 ? 274 VAL A CA  1 
ATOM   822  C  C   . VAL A 1 104 ? -0.396  -3.781  9.965   1.00 26.28 ? 274 VAL A C   1 
ATOM   823  O  O   . VAL A 1 104 ? -0.645  -3.833  11.163  1.00 28.10 ? 274 VAL A O   1 
ATOM   824  C  CB  . VAL A 1 104 ? 2.007   -3.454  9.220   1.00 25.40 ? 274 VAL A CB  1 
ATOM   825  C  CG1 . VAL A 1 104 ? 2.206   -2.601  10.478  1.00 29.26 ? 274 VAL A CG1 1 
ATOM   826  C  CG2 . VAL A 1 104 ? 3.296   -4.174  8.878   1.00 25.01 ? 274 VAL A CG2 1 
ATOM   827  N  N   . ALA A 1 105 ? -1.196  -3.162  9.101   1.00 25.85 ? 275 ALA A N   1 
ATOM   828  C  CA  . ALA A 1 105 ? -2.407  -2.477  9.554   1.00 27.31 ? 275 ALA A CA  1 
ATOM   829  C  C   . ALA A 1 105 ? -3.374  -3.426  10.261  1.00 29.98 ? 275 ALA A C   1 
ATOM   830  O  O   . ALA A 1 105 ? -3.926  -3.091  11.325  1.00 30.88 ? 275 ALA A O   1 
ATOM   831  C  CB  . ALA A 1 105 ? -3.108  -1.802  8.391   1.00 26.33 ? 275 ALA A CB  1 
ATOM   832  N  N   . LYS A 1 106 ? -3.592  -4.593  9.662   1.00 27.59 ? 276 LYS A N   1 
ATOM   833  C  CA  . LYS A 1 106 ? -4.433  -5.628  10.264  1.00 28.96 ? 276 LYS A CA  1 
ATOM   834  C  C   . LYS A 1 106 ? -3.882  -6.038  11.624  1.00 29.71 ? 276 LYS A C   1 
ATOM   835  O  O   . LYS A 1 106 ? -4.643  -6.241  12.577  1.00 30.37 ? 276 LYS A O   1 
ATOM   836  C  CB  . LYS A 1 106 ? -4.548  -6.840  9.339   1.00 30.07 ? 276 LYS A CB  1 
ATOM   837  C  CG  . LYS A 1 106 ? -5.445  -6.581  8.128   1.00 31.17 ? 276 LYS A CG  1 
ATOM   838  C  CD  . LYS A 1 106 ? -5.732  -7.845  7.335   1.00 36.54 ? 276 LYS A CD  1 
ATOM   839  C  CE  . LYS A 1 106 ? -4.571  -8.238  6.443   1.00 37.31 ? 276 LYS A CE  1 
ATOM   840  N  NZ  . LYS A 1 106 ? -4.959  -9.352  5.530   1.00 39.65 ? 276 LYS A NZ  1 
ATOM   841  N  N   . HIS A 1 107 ? -2.565  -6.119  11.726  1.00 29.25 ? 277 HIS A N   1 
ATOM   842  C  CA  . HIS A 1 107 ? -1.931  -6.416  13.015  1.00 32.43 ? 277 HIS A CA  1 
ATOM   843  C  C   . HIS A 1 107 ? -2.170  -5.327  14.037  1.00 35.69 ? 277 HIS A C   1 
ATOM   844  O  O   . HIS A 1 107 ? -2.412  -5.617  15.214  1.00 35.75 ? 277 HIS A O   1 
ATOM   845  C  CB  . HIS A 1 107 ? -0.449  -6.663  12.839  1.00 32.79 ? 277 HIS A CB  1 
ATOM   846  C  CG  . HIS A 1 107 ? 0.321   -6.664  14.124  1.00 37.40 ? 277 HIS A CG  1 
ATOM   847  N  ND1 . HIS A 1 107 ? 0.316   -7.710  14.963  1.00 36.58 ? 277 HIS A ND1 1 
ATOM   848  C  CD2 . HIS A 1 107 ? 1.120   -5.688  14.711  1.00 39.69 ? 277 HIS A CD2 1 
ATOM   849  C  CE1 . HIS A 1 107 ? 1.085   -7.424  16.031  1.00 38.14 ? 277 HIS A CE1 1 
ATOM   850  N  NE2 . HIS A 1 107 ? 1.573   -6.188  15.875  1.00 40.59 ? 277 HIS A NE2 1 
ATOM   851  N  N   . LEU A 1 108 ? -2.119  -4.071  13.599  1.00 32.74 ? 278 LEU A N   1 
ATOM   852  C  CA  . LEU A 1 108 ? -2.393  -2.937  14.493  1.00 36.29 ? 278 LEU A CA  1 
ATOM   853  C  C   . LEU A 1 108 ? -3.846  -2.955  14.994  1.00 35.41 ? 278 LEU A C   1 
ATOM   854  O  O   . LEU A 1 108 ? -4.104  -2.623  16.146  1.00 37.43 ? 278 LEU A O   1 
ATOM   855  C  CB  . LEU A 1 108 ? -2.060  -1.600  13.812  1.00 35.14 ? 278 LEU A CB  1 
ATOM   856  C  CG  . LEU A 1 108 ? -0.587  -1.370  13.461  1.00 36.26 ? 278 LEU A CG  1 
ATOM   857  C  CD1 . LEU A 1 108 ? -0.408  -0.120  12.601  1.00 33.00 ? 278 LEU A CD1 1 
ATOM   858  C  CD2 . LEU A 1 108 ? 0.284   -1.276  14.705  1.00 37.97 ? 278 LEU A CD2 1 
ATOM   859  N  N   . LYS A 1 109 ? -4.784  -3.330  14.131  1.00 36.27 ? 279 LYS A N   1 
ATOM   860  C  CA  . LYS A 1 109 ? -6.176  -3.542  14.532  1.00 40.85 ? 279 LYS A CA  1 
ATOM   861  C  C   . LYS A 1 109 ? -6.263  -4.601  15.628  1.00 43.85 ? 279 LYS A C   1 
ATOM   862  O  O   . LYS A 1 109 ? -6.971  -4.403  16.619  1.00 42.69 ? 279 LYS A O   1 
ATOM   863  C  CB  . LYS A 1 109 ? -7.018  -3.980  13.323  1.00 46.13 ? 279 LYS A CB  1 
ATOM   864  C  CG  . LYS A 1 109 ? -8.464  -4.361  13.616  1.00 48.57 ? 279 LYS A CG  1 
ATOM   865  C  CD  . LYS A 1 109 ? -9.312  -3.132  13.877  1.00 54.97 ? 279 LYS A CD  1 
ATOM   866  C  CE  . LYS A 1 109 ? -10.796 -3.456  13.957  1.00 56.87 ? 279 LYS A CE  1 
ATOM   867  N  NZ  . LYS A 1 109 ? -11.610 -2.256  13.605  1.00 61.55 ? 279 LYS A NZ  1 
ATOM   868  N  N   . THR A 1 110 ? -5.546  -5.714  15.446  1.00 41.69 ? 280 THR A N   1 
ATOM   869  C  CA  . THR A 1 110 ? -5.597  -6.840  16.396  1.00 42.16 ? 280 THR A CA  1 
ATOM   870  C  C   . THR A 1 110 ? -5.034  -6.462  17.766  1.00 44.53 ? 280 THR A C   1 
ATOM   871  O  O   . THR A 1 110 ? -5.590  -6.878  18.787  1.00 46.87 ? 280 THR A O   1 
ATOM   872  C  CB  . THR A 1 110 ? -4.857  -8.112  15.898  1.00 42.30 ? 280 THR A CB  1 
ATOM   873  O  OG1 . THR A 1 110 ? -3.439  -7.917  15.949  1.00 48.57 ? 280 THR A OG1 1 
ATOM   874  C  CG2 . THR A 1 110 ? -5.285  -8.479  14.491  1.00 39.68 ? 280 THR A CG2 1 
ATOM   875  N  N   . ILE A 1 111 ? -3.942  -5.696  17.803  1.00 43.97 ? 281 ILE A N   1 
ATOM   876  C  CA  . ILE A 1 111 ? -3.445  -5.168  19.084  1.00 44.79 ? 281 ILE A CA  1 
ATOM   877  C  C   . ILE A 1 111 ? -4.125  -3.829  19.487  1.00 45.92 ? 281 ILE A C   1 
ATOM   878  O  O   . ILE A 1 111 ? -3.588  -3.071  20.288  1.00 50.67 ? 281 ILE A O   1 
ATOM   879  C  CB  . ILE A 1 111 ? -1.893  -5.093  19.145  1.00 43.03 ? 281 ILE A CB  1 
ATOM   880  C  CG1 . ILE A 1 111 ? -1.315  -4.053  18.182  1.00 39.66 ? 281 ILE A CG1 1 
ATOM   881  C  CG2 . ILE A 1 111 ? -1.271  -6.454  18.853  1.00 43.33 ? 281 ILE A CG2 1 
ATOM   882  C  CD1 . ILE A 1 111 ? 0.195   -4.029  18.202  1.00 38.87 ? 281 ILE A CD1 1 
ATOM   883  N  N   . ASN A 1 112 ? -5.315  -3.558  18.948  1.00 49.80 ? 282 ASN A N   1 
ATOM   884  C  CA  . ASN A 1 112 ? -6.129  -2.393  19.348  1.00 57.12 ? 282 ASN A CA  1 
ATOM   885  C  C   . ASN A 1 112 ? -5.438  -1.024  19.164  1.00 55.80 ? 282 ASN A C   1 
ATOM   886  O  O   . ASN A 1 112 ? -5.758  -0.060  19.871  1.00 49.61 ? 282 ASN A O   1 
ATOM   887  C  CB  . ASN A 1 112 ? -6.596  -2.568  20.811  1.00 63.91 ? 282 ASN A CB  1 
ATOM   888  C  CG  . ASN A 1 112 ? -7.840  -1.758  21.142  1.00 68.48 ? 282 ASN A CG  1 
ATOM   889  O  OD1 . ASN A 1 112 ? -8.607  -1.373  20.258  1.00 79.16 ? 282 ASN A OD1 1 
ATOM   890  N  ND2 . ASN A 1 112 ? -8.054  -1.505  22.432  1.00 72.55 ? 282 ASN A ND2 1 
ATOM   891  N  N   . GLN A 1 113 ? -4.507  -0.946  18.206  1.00 50.88 ? 283 GLN A N   1 
ATOM   892  C  CA  . GLN A 1 113 ? -3.771  0.288   17.898  1.00 48.06 ? 283 GLN A CA  1 
ATOM   893  C  C   . GLN A 1 113 ? -4.197  0.862   16.551  1.00 42.34 ? 283 GLN A C   1 
ATOM   894  O  O   . GLN A 1 113 ? -3.343  1.296   15.768  1.00 42.05 ? 283 GLN A O   1 
ATOM   895  C  CB  . GLN A 1 113 ? -2.266  0.012   17.860  1.00 50.41 ? 283 GLN A CB  1 
ATOM   896  C  CG  . GLN A 1 113 ? -1.675  -0.460  19.169  1.00 57.34 ? 283 GLN A CG  1 
ATOM   897  C  CD  . GLN A 1 113 ? -1.539  0.664   20.163  1.00 62.82 ? 283 GLN A CD  1 
ATOM   898  O  OE1 . GLN A 1 113 ? -0.688  1.543   20.005  1.00 61.54 ? 283 GLN A OE1 1 
ATOM   899  N  NE2 . GLN A 1 113 ? -2.382  0.652   21.193  1.00 65.99 ? 283 GLN A NE2 1 
ATOM   900  N  N   . GLU A 1 114 ? -5.505  0.872   16.287  1.00 40.36 ? 284 GLU A N   1 
ATOM   901  C  CA  . GLU A 1 114 ? -6.050  1.351   15.010  1.00 44.55 ? 284 GLU A CA  1 
ATOM   902  C  C   . GLU A 1 114 ? -5.646  2.775   14.665  1.00 43.21 ? 284 GLU A C   1 
ATOM   903  O  O   . GLU A 1 114 ? -5.607  3.128   13.487  1.00 42.08 ? 284 GLU A O   1 
ATOM   904  C  CB  . GLU A 1 114 ? -7.579  1.294   15.001  1.00 52.50 ? 284 GLU A CB  1 
ATOM   905  C  CG  . GLU A 1 114 ? -8.174  -0.093  14.897  1.00 60.50 ? 284 GLU A CG  1 
ATOM   906  C  CD  . GLU A 1 114 ? -9.691  -0.067  14.989  1.00 65.72 ? 284 GLU A CD  1 
ATOM   907  O  OE1 . GLU A 1 114 ? -10.234 -0.579  15.992  1.00 68.04 ? 284 GLU A OE1 1 
ATOM   908  O  OE2 . GLU A 1 114 ? -10.336 0.472   14.061  1.00 69.16 ? 284 GLU A OE2 1 
ATOM   909  N  N   . SER A 1 115 ? -5.368  3.590   15.682  1.00 37.72 ? 285 SER A N   1 
ATOM   910  C  CA  . SER A 1 115 ? -5.032  4.995   15.467  1.00 37.60 ? 285 SER A CA  1 
ATOM   911  C  C   . SER A 1 115 ? -3.719  5.175   14.714  1.00 33.20 ? 285 SER A C   1 
ATOM   912  O  O   . SER A 1 115 ? -3.489  6.236   14.145  1.00 35.13 ? 285 SER A O   1 
ATOM   913  C  CB  . SER A 1 115 ? -4.953  5.740   16.800  1.00 38.42 ? 285 SER A CB  1 
ATOM   914  O  OG  . SER A 1 115 ? -3.957  5.159   17.618  1.00 44.27 ? 285 SER A OG  1 
ATOM   915  N  N   . CYS A 1 116 ? -2.860  4.156   14.723  1.00 33.10 ? 286 CYS A N   1 
ATOM   916  C  CA  . CYS A 1 116 ? -1.575  4.227   14.015  1.00 30.71 ? 286 CYS A CA  1 
ATOM   917  C  C   . CYS A 1 116 ? -1.664  3.881   12.528  1.00 30.34 ? 286 CYS A C   1 
ATOM   918  O  O   . CYS A 1 116 ? -0.660  3.989   11.816  1.00 30.64 ? 286 CYS A O   1 
ATOM   919  C  CB  . CYS A 1 116 ? -0.545  3.321   14.677  1.00 31.24 ? 286 CYS A CB  1 
ATOM   920  S  SG  . CYS A 1 116 ? 0.069   3.971   16.240  0.50 31.24 ? 286 CYS A SG  1 
ATOM   921  N  N   . ILE A 1 117 ? -2.841  3.484   12.059  1.00 28.21 ? 287 ILE A N   1 
ATOM   922  C  CA  . ILE A 1 117 ? -3.005  3.050   10.675  1.00 29.56 ? 287 ILE A CA  1 
ATOM   923  C  C   . ILE A 1 117 ? -2.838  4.199   9.689   1.00 32.42 ? 287 ILE A C   1 
ATOM   924  O  O   . ILE A 1 117 ? -2.136  4.060   8.679   1.00 29.23 ? 287 ILE A O   1 
ATOM   925  C  CB  . ILE A 1 117 ? -4.345  2.316   10.466  1.00 29.92 ? 287 ILE A CB  1 
ATOM   926  C  CG1 . ILE A 1 117 ? -4.301  0.996   11.236  1.00 31.58 ? 287 ILE A CG1 1 
ATOM   927  C  CG2 . ILE A 1 117 ? -4.622  2.050   8.989   1.00 27.99 ? 287 ILE A CG2 1 
ATOM   928  C  CD1 . ILE A 1 117 ? -5.555  0.156   11.105  1.00 31.22 ? 287 ILE A CD1 1 
ATOM   929  N  N   . GLU A 1 118 ? -3.466  5.340   9.958   1.00 33.31 ? 288 GLU A N   1 
ATOM   930  C  CA  . GLU A 1 118 ? -3.342  6.448   9.014   1.00 34.57 ? 288 GLU A CA  1 
ATOM   931  C  C   . GLU A 1 118 ? -1.916  7.013   8.983   1.00 32.92 ? 288 GLU A C   1 
ATOM   932  O  O   . GLU A 1 118 ? -1.403  7.286   7.900   1.00 28.67 ? 288 GLU A O   1 
ATOM   933  C  CB  . GLU A 1 118 ? -4.433  7.505   9.234   1.00 40.15 ? 288 GLU A CB  1 
ATOM   934  C  CG  . GLU A 1 118 ? -5.799  6.962   8.795   1.00 45.99 ? 288 GLU A CG  1 
ATOM   935  C  CD  . GLU A 1 118 ? -6.919  7.987   8.805   1.00 52.20 ? 288 GLU A CD  1 
ATOM   936  O  OE1 . GLU A 1 118 ? -6.676  9.155   8.434   1.00 62.93 ? 288 GLU A OE1 1 
ATOM   937  O  OE2 . GLU A 1 118 ? -8.060  7.608   9.157   1.00 58.65 ? 288 GLU A OE2 1 
ATOM   938  N  N   . PRO A 1 119 ? -1.259  7.155   10.155  1.00 29.90 ? 289 PRO A N   1 
ATOM   939  C  CA  . PRO A 1 119 ? 0.158   7.525   10.141  1.00 30.21 ? 289 PRO A CA  1 
ATOM   940  C  C   . PRO A 1 119 ? 1.018   6.551   9.341   1.00 30.84 ? 289 PRO A C   1 
ATOM   941  O  O   . PRO A 1 119 ? 1.953   6.973   8.643   1.00 29.09 ? 289 PRO A O   1 
ATOM   942  C  CB  . PRO A 1 119 ? 0.565   7.461   11.619  1.00 32.54 ? 289 PRO A CB  1 
ATOM   943  C  CG  . PRO A 1 119 ? -0.698  7.634   12.384  1.00 33.99 ? 289 PRO A CG  1 
ATOM   944  C  CD  . PRO A 1 119 ? -1.861  7.319   11.494  1.00 33.94 ? 289 PRO A CD  1 
ATOM   945  N  N   . LEU A 1 120 ? 0.716   5.257   9.458   1.00 29.71 ? 290 LEU A N   1 
ATOM   946  C  CA  . LEU A 1 120 ? 1.471   4.238   8.732   1.00 28.78 ? 290 LEU A CA  1 
ATOM   947  C  C   . LEU A 1 120 ? 1.270   4.436   7.219   1.00 27.84 ? 290 LEU A C   1 
ATOM   948  O  O   . LEU A 1 120 ? 2.227   4.346   6.427   1.00 25.95 ? 290 LEU A O   1 
ATOM   949  C  CB  . LEU A 1 120 ? 1.035   2.842   9.175   1.00 28.11 ? 290 LEU A CB  1 
ATOM   950  C  CG  . LEU A 1 120 ? 1.548   1.627   8.400   1.00 30.45 ? 290 LEU A CG  1 
ATOM   951  C  CD1 . LEU A 1 120 ? 3.039   1.457   8.627   1.00 29.69 ? 290 LEU A CD1 1 
ATOM   952  C  CD2 . LEU A 1 120 ? 0.792   0.374   8.798   1.00 30.35 ? 290 LEU A CD2 1 
ATOM   953  N  N   . ALA A 1 121 ? 0.032   4.711   6.822   1.00 27.20 ? 291 ALA A N   1 
ATOM   954  C  CA  . ALA A 1 121 ? -0.278  4.918   5.409   1.00 26.54 ? 291 ALA A CA  1 
ATOM   955  C  C   . ALA A 1 121 ? 0.494   6.121   4.882   1.00 27.75 ? 291 ALA A C   1 
ATOM   956  O  O   . ALA A 1 121 ? 1.031   6.095   3.777   1.00 25.44 ? 291 ALA A O   1 
ATOM   957  C  CB  . ALA A 1 121 ? -1.765  5.094   5.196   1.00 28.00 ? 291 ALA A CB  1 
ATOM   958  N  N   . GLU A 1 122 ? 0.597   7.159   5.702   1.00 25.58 ? 292 GLU A N   1 
ATOM   959  C  CA  . GLU A 1 122 ? 1.343   8.341   5.320   1.00 27.20 ? 292 GLU A CA  1 
ATOM   960  C  C   . GLU A 1 122 ? 2.820   8.013   5.156   1.00 24.46 ? 292 GLU A C   1 
ATOM   961  O  O   . GLU A 1 122 ? 3.456   8.499   4.227   1.00 24.92 ? 292 GLU A O   1 
ATOM   962  C  CB  . GLU A 1 122 ? 1.157   9.437   6.372   1.00 31.73 ? 292 GLU A CB  1 
ATOM   963  C  CG  . GLU A 1 122 ? 1.733   10.788  6.011   1.00 38.64 ? 292 GLU A CG  1 
ATOM   964  C  CD  . GLU A 1 122 ? 1.362   11.836  7.048   1.00 45.38 ? 292 GLU A CD  1 
ATOM   965  O  OE1 . GLU A 1 122 ? 1.900   11.774  8.174   1.00 51.01 ? 292 GLU A OE1 1 
ATOM   966  O  OE2 . GLU A 1 122 ? 0.519   12.700  6.734   1.00 48.56 ? 292 GLU A OE2 1 
ATOM   967  N  N   . SER A 1 123 ? 3.364   7.196   6.060   1.00 24.32 ? 293 SER A N   1 
ATOM   968  C  CA  . SER A 1 123 ? 4.776   6.812   6.001   1.00 24.85 ? 293 SER A CA  1 
ATOM   969  C  C   . SER A 1 123 ? 5.089   6.021   4.734   1.00 21.65 ? 293 SER A C   1 
ATOM   970  O  O   . SER A 1 123 ? 6.109   6.268   4.073   1.00 23.19 ? 293 SER A O   1 
ATOM   971  C  CB  . SER A 1 123 ? 5.168   5.987   7.230   1.00 28.15 ? 293 SER A CB  1 
ATOM   972  O  OG  . SER A 1 123 ? 5.197   6.839   8.360   1.00 35.08 ? 293 SER A OG  1 
ATOM   973  N  N   . ILE A 1 124 ? 4.219   5.071   4.413   1.00 21.77 ? 294 ILE A N   1 
ATOM   974  C  CA  . ILE A 1 124 ? 4.361   4.255   3.204   1.00 21.89 ? 294 ILE A CA  1 
ATOM   975  C  C   . ILE A 1 124 ? 4.313   5.158   1.968   1.00 21.62 ? 294 ILE A C   1 
ATOM   976  O  O   . ILE A 1 124 ? 5.152   5.041   1.057   1.00 21.20 ? 294 ILE A O   1 
ATOM   977  C  CB  . ILE A 1 124 ? 3.251   3.193   3.096   1.00 23.47 ? 294 ILE A CB  1 
ATOM   978  C  CG1 . ILE A 1 124 ? 3.384   2.123   4.189   1.00 23.54 ? 294 ILE A CG1 1 
ATOM   979  C  CG2 . ILE A 1 124 ? 3.270   2.526   1.718   1.00 21.29 ? 294 ILE A CG2 1 
ATOM   980  C  CD1 . ILE A 1 124 ? 2.157   1.224   4.268   1.00 24.52 ? 294 ILE A CD1 1 
ATOM   981  N  N   . THR A 1 125 ? 3.332   6.049   1.941   1.00 21.35 ? 295 THR A N   1 
ATOM   982  C  CA  . THR A 1 125 ? 3.174   6.993   0.826   1.00 21.53 ? 295 THR A CA  1 
ATOM   983  C  C   . THR A 1 125 ? 4.417   7.872   0.687   1.00 22.56 ? 295 THR A C   1 
ATOM   984  O  O   . THR A 1 125 ? 4.874   8.128   -0.434  1.00 22.33 ? 295 THR A O   1 
ATOM   985  C  CB  . THR A 1 125 ? 1.920   7.869   1.003   1.00 23.12 ? 295 THR A CB  1 
ATOM   986  O  OG1 . THR A 1 125 ? 0.763   7.031   1.172   1.00 22.47 ? 295 THR A OG1 1 
ATOM   987  C  CG2 . THR A 1 125 ? 1.692   8.751   -0.225  1.00 22.17 ? 295 THR A CG2 1 
ATOM   988  N  N   . ASP A 1 126 ? 4.975   8.325   1.817   1.00 21.02 ? 296 ASP A N   1 
ATOM   989  C  CA  . ASP A 1 126 ? 6.181   9.164   1.783   1.00 22.44 ? 296 ASP A CA  1 
ATOM   990  C  C   . ASP A 1 126 ? 7.332   8.415   1.152   1.00 20.99 ? 296 ASP A C   1 
ATOM   991  O  O   . ASP A 1 126 ? 8.000   8.936   0.259   1.00 22.32 ? 296 ASP A O   1 
ATOM   992  C  CB  . ASP A 1 126 ? 6.584   9.633   3.176   1.00 22.13 ? 296 ASP A CB  1 
ATOM   993  C  CG  . ASP A 1 126 ? 5.694   10.753  3.714   1.00 27.18 ? 296 ASP A CG  1 
ATOM   994  O  OD1 . ASP A 1 126 ? 5.019   11.459  2.944   1.00 28.10 ? 296 ASP A OD1 1 
ATOM   995  O  OD2 . ASP A 1 126 ? 5.687   10.932  4.946   1.00 33.30 ? 296 ASP A OD2 1 
ATOM   996  N  N   . VAL A 1 127 ? 7.566   7.187   1.602   1.00 21.57 ? 297 VAL A N   1 
ATOM   997  C  CA  . VAL A 1 127 ? 8.637   6.376   1.030   1.00 22.04 ? 297 VAL A CA  1 
ATOM   998  C  C   . VAL A 1 127 ? 8.416   6.152   -0.484  1.00 22.32 ? 297 VAL A C   1 
ATOM   999  O  O   . VAL A 1 127 ? 9.344   6.314   -1.302  1.00 22.96 ? 297 VAL A O   1 
ATOM   1000 C  CB  . VAL A 1 127 ? 8.769   5.035   1.772   1.00 24.46 ? 297 VAL A CB  1 
ATOM   1001 C  CG1 . VAL A 1 127 ? 9.699   4.088   1.024   1.00 26.61 ? 297 VAL A CG1 1 
ATOM   1002 C  CG2 . VAL A 1 127 ? 9.253   5.271   3.205   1.00 25.57 ? 297 VAL A CG2 1 
ATOM   1003 N  N   . LEU A 1 128 ? 7.198   5.794   -0.862  1.00 19.85 ? 298 LEU A N   1 
ATOM   1004 C  CA  . LEU A 1 128 ? 6.929   5.446   -2.256  1.00 20.37 ? 298 LEU A CA  1 
ATOM   1005 C  C   . LEU A 1 128 ? 7.121   6.665   -3.148  1.00 20.53 ? 298 LEU A C   1 
ATOM   1006 O  O   . LEU A 1 128 ? 7.926   6.658   -4.080  1.00 22.35 ? 298 LEU A O   1 
ATOM   1007 C  CB  . LEU A 1 128 ? 5.514   4.900   -2.405  1.00 19.84 ? 298 LEU A CB  1 
ATOM   1008 C  CG  . LEU A 1 128 ? 5.044   4.630   -3.835  1.00 20.47 ? 298 LEU A CG  1 
ATOM   1009 C  CD1 . LEU A 1 128 ? 5.963   3.626   -4.539  1.00 21.77 ? 298 LEU A CD1 1 
ATOM   1010 C  CD2 . LEU A 1 128 ? 3.614   4.108   -3.793  1.00 22.40 ? 298 LEU A CD2 1 
ATOM   1011 N  N   . VAL A 1 129 ? 6.398   7.733   -2.837  1.00 19.33 ? 299 VAL A N   1 
ATOM   1012 C  CA  . VAL A 1 129 ? 6.399   8.893   -3.691  1.00 19.75 ? 299 VAL A CA  1 
ATOM   1013 C  C   . VAL A 1 129 ? 7.709   9.692   -3.619  1.00 21.09 ? 299 VAL A C   1 
ATOM   1014 O  O   . VAL A 1 129 ? 8.237   10.104  -4.653  1.00 21.77 ? 299 VAL A O   1 
ATOM   1015 C  CB  . VAL A 1 129 ? 5.152   9.777   -3.424  1.00 18.84 ? 299 VAL A CB  1 
ATOM   1016 C  CG1 . VAL A 1 129 ? 5.114   11.003  -4.328  1.00 21.12 ? 299 VAL A CG1 1 
ATOM   1017 C  CG2 . VAL A 1 129 ? 3.864   8.975   -3.657  1.00 20.56 ? 299 VAL A CG2 1 
ATOM   1018 N  N   . ARG A 1 130 ? 8.241   9.901   -2.417  1.00 22.48 ? 300 ARG A N   1 
ATOM   1019 C  CA  . ARG A 1 130 ? 9.377   10.781  -2.260  1.00 23.83 ? 300 ARG A CA  1 
ATOM   1020 C  C   . ARG A 1 130 ? 10.690  10.123  -2.672  1.00 22.67 ? 300 ARG A C   1 
ATOM   1021 O  O   . ARG A 1 130 ? 11.618  10.841  -3.023  1.00 24.73 ? 300 ARG A O   1 
ATOM   1022 C  CB  . ARG A 1 130 ? 9.393   11.416  -0.859  1.00 24.59 ? 300 ARG A CB  1 
ATOM   1023 C  CG  . ARG A 1 130 ? 8.052   12.106  -0.608  1.00 30.31 ? 300 ARG A CG  1 
ATOM   1024 C  CD  . ARG A 1 130 ? 8.036   13.129  0.496   1.00 36.49 ? 300 ARG A CD  1 
ATOM   1025 N  NE  . ARG A 1 130 ? 6.678   13.592  0.796   1.00 39.46 ? 300 ARG A NE  1 
ATOM   1026 C  CZ  . ARG A 1 130 ? 5.973   14.478  0.076   1.00 40.76 ? 300 ARG A CZ  1 
ATOM   1027 N  NH1 . ARG A 1 130 ? 6.452   15.015  -1.038  1.00 40.34 ? 300 ARG A NH1 1 
ATOM   1028 N  NH2 . ARG A 1 130 ? 4.750   14.812  0.473   1.00 42.08 ? 300 ARG A NH2 1 
ATOM   1029 N  N   . THR A 1 131 ? 10.757  8.789   -2.694  1.00 22.24 ? 301 THR A N   1 
ATOM   1030 C  CA  . THR A 1 131 ? 11.966  8.110   -3.164  1.00 22.29 ? 301 THR A CA  1 
ATOM   1031 C  C   . THR A 1 131 ? 11.887  7.568   -4.589  1.00 22.28 ? 301 THR A C   1 
ATOM   1032 O  O   . THR A 1 131 ? 12.935  7.274   -5.176  1.00 22.76 ? 301 THR A O   1 
ATOM   1033 C  CB  . THR A 1 131 ? 12.472  6.996   -2.191  1.00 21.77 ? 301 THR A CB  1 
ATOM   1034 O  OG1 . THR A 1 131 ? 11.655  5.820   -2.258  1.00 21.51 ? 301 THR A OG1 1 
ATOM   1035 C  CG2 . THR A 1 131 ? 12.524  7.515   -0.758  1.00 22.51 ? 301 THR A CG2 1 
ATOM   1036 N  N   . LYS A 1 132 ? 10.685  7.460   -5.171  1.00 21.56 ? 302 LYS A N   1 
ATOM   1037 C  CA  . LYS A 1 132 ? 10.541  6.859   -6.505  1.00 22.23 ? 302 LYS A CA  1 
ATOM   1038 C  C   . LYS A 1 132 ? 9.709   7.700   -7.473  1.00 21.45 ? 302 LYS A C   1 
ATOM   1039 O  O   . LYS A 1 132 ? 9.142   7.168   -8.436  1.00 22.68 ? 302 LYS A O   1 
ATOM   1040 C  CB  . LYS A 1 132 ? 9.912   5.462   -6.410  1.00 23.43 ? 302 LYS A CB  1 
ATOM   1041 C  CG  . LYS A 1 132 ? 10.630  4.469   -5.505  1.00 23.66 ? 302 LYS A CG  1 
ATOM   1042 C  CD  . LYS A 1 132 ? 12.040  4.163   -5.999  1.00 24.80 ? 302 LYS A CD  1 
ATOM   1043 C  CE  . LYS A 1 132 ? 12.753  3.234   -5.013  1.00 27.86 ? 302 LYS A CE  1 
ATOM   1044 N  NZ  . LYS A 1 132 ? 14.218  3.198   -5.283  1.00 29.58 ? 302 LYS A NZ  1 
ATOM   1045 N  N   . ARG A 1 133 ? 9.624   9.004   -7.225  1.00 23.54 ? 303 ARG A N   1 
ATOM   1046 C  CA  . ARG A 1 133 ? 8.792   9.860   -8.068  1.00 24.78 ? 303 ARG A CA  1 
ATOM   1047 C  C   . ARG A 1 133 ? 9.140   9.762   -9.550  1.00 23.38 ? 303 ARG A C   1 
ATOM   1048 O  O   . ARG A 1 133 ? 8.238   9.671   -10.391 1.00 25.43 ? 303 ARG A O   1 
ATOM   1049 C  CB  . ARG A 1 133 ? 8.859   11.325  -7.653  1.00 25.85 ? 303 ARG A CB  1 
ATOM   1050 C  CG  . ARG A 1 133 ? 7.868   12.186  -8.453  1.00 25.21 ? 303 ARG A CG  1 
ATOM   1051 C  CD  . ARG A 1 133 ? 7.895   13.666  -8.086  1.00 28.03 ? 303 ARG A CD  1 
ATOM   1052 N  NE  . ARG A 1 133 ? 7.613   13.935  -6.675  1.00 26.39 ? 303 ARG A NE  1 
ATOM   1053 C  CZ  . ARG A 1 133 ? 6.405   14.142  -6.151  1.00 27.04 ? 303 ARG A CZ  1 
ATOM   1054 N  NH1 . ARG A 1 133 ? 5.302   14.057  -6.899  1.00 28.10 ? 303 ARG A NH1 1 
ATOM   1055 N  NH2 . ARG A 1 133 ? 6.298   14.406  -4.859  1.00 24.49 ? 303 ARG A NH2 1 
ATOM   1056 N  N   . ASP A 1 134 ? 10.434  9.793   -9.868  1.00 24.74 ? 304 ASP A N   1 
ATOM   1057 C  CA  . ASP A 1 134 ? 10.882  9.735   -11.268 1.00 28.76 ? 304 ASP A CA  1 
ATOM   1058 C  C   . ASP A 1 134 ? 10.370  8.490   -11.980 1.00 25.49 ? 304 ASP A C   1 
ATOM   1059 O  O   . ASP A 1 134 ? 9.852   8.568   -13.097 1.00 24.13 ? 304 ASP A O   1 
ATOM   1060 C  CB  . ASP A 1 134 ? 12.412  9.761   -11.343 1.00 33.86 ? 304 ASP A CB  1 
ATOM   1061 C  CG  . ASP A 1 134 ? 12.992  11.105  -10.950 1.00 41.35 ? 304 ASP A CG  1 
ATOM   1062 O  OD1 . ASP A 1 134 ? 12.411  12.142  -11.332 1.00 49.66 ? 304 ASP A OD1 1 
ATOM   1063 O  OD2 . ASP A 1 134 ? 14.037  11.126  -10.271 1.00 52.72 ? 304 ASP A OD2 1 
ATOM   1064 N  N   . TRP A 1 135 ? 10.509  7.344   -11.322 1.00 24.05 ? 305 TRP A N   1 
ATOM   1065 C  CA  . TRP A 1 135 ? 10.051  6.085   -11.876 1.00 22.66 ? 305 TRP A CA  1 
ATOM   1066 C  C   . TRP A 1 135 ? 8.556   6.070   -12.007 1.00 22.94 ? 305 TRP A C   1 
ATOM   1067 O  O   . TRP A 1 135 ? 8.025   5.697   -13.054 1.00 24.06 ? 305 TRP A O   1 
ATOM   1068 C  CB  . TRP A 1 135 ? 10.521  4.920   -11.014 1.00 24.78 ? 305 TRP A CB  1 
ATOM   1069 C  CG  . TRP A 1 135 ? 10.272  3.562   -11.626 1.00 24.41 ? 305 TRP A CG  1 
ATOM   1070 C  CD1 . TRP A 1 135 ? 11.160  2.787   -12.384 1.00 26.05 ? 305 TRP A CD1 1 
ATOM   1071 C  CD2 . TRP A 1 135 ? 9.053   2.749   -11.525 1.00 23.82 ? 305 TRP A CD2 1 
ATOM   1072 N  NE1 . TRP A 1 135 ? 10.585  1.609   -12.761 1.00 25.10 ? 305 TRP A NE1 1 
ATOM   1073 C  CE2 . TRP A 1 135 ? 9.323   1.512   -12.269 1.00 24.30 ? 305 TRP A CE2 1 
ATOM   1074 C  CE3 . TRP A 1 135 ? 7.824   2.910   -10.911 1.00 22.74 ? 305 TRP A CE3 1 
ATOM   1075 C  CZ2 . TRP A 1 135 ? 8.384   0.508   -12.392 1.00 23.15 ? 305 TRP A CZ2 1 
ATOM   1076 C  CZ3 . TRP A 1 135 ? 6.870   1.889   -11.052 1.00 22.39 ? 305 TRP A CZ3 1 
ATOM   1077 C  CH2 . TRP A 1 135 ? 7.156   0.710   -11.754 1.00 22.89 ? 305 TRP A CH2 1 
ATOM   1078 N  N   . LEU A 1 136 ? 7.863   6.507   -10.958 1.00 21.93 ? 306 LEU A N   1 
ATOM   1079 C  CA  . LEU A 1 136 ? 6.401   6.548   -10.976 1.00 20.82 ? 306 LEU A CA  1 
ATOM   1080 C  C   . LEU A 1 136 ? 5.901   7.404   -12.135 1.00 21.75 ? 306 LEU A C   1 
ATOM   1081 O  O   . LEU A 1 136 ? 5.001   6.995   -12.838 1.00 22.08 ? 306 LEU A O   1 
ATOM   1082 C  CB  . LEU A 1 136 ? 5.844   7.078   -9.651  1.00 21.46 ? 306 LEU A CB  1 
ATOM   1083 C  CG  . LEU A 1 136 ? 5.959   6.113   -8.464  1.00 19.50 ? 306 LEU A CG  1 
ATOM   1084 C  CD1 . LEU A 1 136 ? 5.732   6.834   -7.142  1.00 21.22 ? 306 LEU A CD1 1 
ATOM   1085 C  CD2 . LEU A 1 136 ? 5.021   4.909   -8.596  1.00 21.95 ? 306 LEU A CD2 1 
ATOM   1086 N  N   . VAL A 1 137 ? 6.487   8.579   -12.322 1.00 22.63 ? 307 VAL A N   1 
ATOM   1087 C  CA  . VAL A 1 137 ? 6.060   9.469   -13.414 1.00 24.80 ? 307 VAL A CA  1 
ATOM   1088 C  C   . VAL A 1 137 ? 6.314   8.813   -14.780 1.00 25.45 ? 307 VAL A C   1 
ATOM   1089 O  O   . VAL A 1 137 ? 5.429   8.809   -15.651 1.00 22.75 ? 307 VAL A O   1 
ATOM   1090 C  CB  . VAL A 1 137 ? 6.740   10.855  -13.302 1.00 26.13 ? 307 VAL A CB  1 
ATOM   1091 C  CG1 . VAL A 1 137 ? 6.619   11.639  -14.610 1.00 28.30 ? 307 VAL A CG1 1 
ATOM   1092 C  CG2 . VAL A 1 137 ? 6.108   11.636  -12.155 1.00 25.29 ? 307 VAL A CG2 1 
ATOM   1093 N  N   . LYS A 1 138 ? 7.495   8.227   -14.951 1.00 24.84 ? 308 LYS A N   1 
ATOM   1094 C  CA  . LYS A 1 138 ? 7.870   7.561   -16.210 1.00 28.10 ? 308 LYS A CA  1 
ATOM   1095 C  C   . LYS A 1 138 ? 6.965   6.366   -16.541 1.00 29.11 ? 308 LYS A C   1 
ATOM   1096 O  O   . LYS A 1 138 ? 6.741   6.071   -17.714 1.00 26.61 ? 308 LYS A O   1 
ATOM   1097 C  CB  . LYS A 1 138 ? 9.341   7.133   -16.191 1.00 30.99 ? 308 LYS A CB  1 
ATOM   1098 C  CG  . LYS A 1 138 ? 9.817   6.451   -17.462 1.00 37.80 ? 308 LYS A CG  1 
ATOM   1099 C  CD  . LYS A 1 138 ? 11.339  6.405   -17.551 1.00 44.27 ? 308 LYS A CD  1 
ATOM   1100 C  CE  . LYS A 1 138 ? 11.805  5.710   -18.827 1.00 47.96 ? 308 LYS A CE  1 
ATOM   1101 N  NZ  . LYS A 1 138 ? 13.279  5.457   -18.835 1.00 50.01 ? 308 LYS A NZ  1 
ATOM   1102 N  N   . GLN A 1 139 ? 6.447   5.697   -15.505 1.00 25.45 ? 309 GLN A N   1 
ATOM   1103 C  CA  . GLN A 1 139 ? 5.513   4.577   -15.647 1.00 25.81 ? 309 GLN A CA  1 
ATOM   1104 C  C   . GLN A 1 139 ? 4.035   4.987   -15.640 1.00 25.47 ? 309 GLN A C   1 
ATOM   1105 O  O   . GLN A 1 139 ? 3.170   4.139   -15.476 1.00 25.62 ? 309 GLN A O   1 
ATOM   1106 C  CB  . GLN A 1 139 ? 5.762   3.544   -14.537 1.00 27.08 ? 309 GLN A CB  1 
ATOM   1107 C  CG  . GLN A 1 139 ? 7.126   2.881   -14.589 1.00 30.49 ? 309 GLN A CG  1 
ATOM   1108 C  CD  . GLN A 1 139 ? 7.423   2.185   -15.897 1.00 35.43 ? 309 GLN A CD  1 
ATOM   1109 O  OE1 . GLN A 1 139 ? 6.564   1.508   -16.472 1.00 41.46 ? 309 GLN A OE1 1 
ATOM   1110 N  NE2 . GLN A 1 139 ? 8.652   2.344   -16.381 1.00 34.58 ? 309 GLN A NE2 1 
ATOM   1111 N  N   . ARG A 1 140 ? 3.756   6.279   -15.808 1.00 24.23 ? 310 ARG A N   1 
ATOM   1112 C  CA  . ARG A 1 140 ? 2.396   6.816   -15.897 1.00 23.99 ? 310 ARG A CA  1 
ATOM   1113 C  C   . ARG A 1 140 ? 1.603   6.733   -14.596 1.00 23.56 ? 310 ARG A C   1 
ATOM   1114 O  O   . ARG A 1 140 ? 0.376   6.699   -14.609 1.00 25.37 ? 310 ARG A O   1 
ATOM   1115 C  CB  . ARG A 1 140 ? 1.622   6.199   -17.082 1.00 26.07 ? 310 ARG A CB  1 
ATOM   1116 C  CG  . ARG A 1 140 ? 2.239   6.526   -18.443 1.00 30.90 ? 310 ARG A CG  1 
ATOM   1117 C  CD  . ARG A 1 140 ? 1.629   5.716   -19.592 1.00 30.80 ? 310 ARG A CD  1 
ATOM   1118 N  NE  . ARG A 1 140 ? 0.174   5.531   -19.481 1.00 34.99 ? 310 ARG A NE  1 
ATOM   1119 C  CZ  . ARG A 1 140 ? -0.743  6.452   -19.781 1.00 37.07 ? 310 ARG A CZ  1 
ATOM   1120 N  NH1 . ARG A 1 140 ? -0.393  7.658   -20.218 1.00 36.83 ? 310 ARG A NH1 1 
ATOM   1121 N  NH2 . ARG A 1 140 ? -2.033  6.172   -19.632 1.00 39.91 ? 310 ARG A NH2 1 
ATOM   1122 N  N   . GLY A 1 141 ? 2.303   6.743   -13.456 1.00 23.02 ? 311 GLY A N   1 
ATOM   1123 C  CA  . GLY A 1 141 ? 1.617   6.846   -12.171 1.00 21.69 ? 311 GLY A CA  1 
ATOM   1124 C  C   . GLY A 1 141 ? 0.565   5.774   -11.986 1.00 21.11 ? 311 GLY A C   1 
ATOM   1125 O  O   . GLY A 1 141 ? 0.745   4.634   -12.413 1.00 21.86 ? 311 GLY A O   1 
ATOM   1126 N  N   . TRP A 1 142 ? -0.545  6.131   -11.342 1.00 20.96 ? 312 TRP A N   1 
ATOM   1127 C  CA  . TRP A 1 142 ? -1.573  5.170   -11.057 1.00 21.71 ? 312 TRP A CA  1 
ATOM   1128 C  C   . TRP A 1 142 ? -2.307  4.686   -12.267 1.00 25.68 ? 312 TRP A C   1 
ATOM   1129 O  O   . TRP A 1 142 ? -2.783  3.553   -12.278 1.00 24.09 ? 312 TRP A O   1 
ATOM   1130 C  CB  . TRP A 1 142 ? -2.529  5.697   -9.986  1.00 22.34 ? 312 TRP A CB  1 
ATOM   1131 C  CG  . TRP A 1 142 ? -1.810  5.815   -8.679  1.00 21.09 ? 312 TRP A CG  1 
ATOM   1132 C  CD1 . TRP A 1 142 ? -1.281  6.958   -8.098  1.00 21.86 ? 312 TRP A CD1 1 
ATOM   1133 C  CD2 . TRP A 1 142 ? -1.405  4.715   -7.805  1.00 22.52 ? 312 TRP A CD2 1 
ATOM   1134 N  NE1 . TRP A 1 142 ? -0.652  6.658   -6.919  1.00 21.80 ? 312 TRP A NE1 1 
ATOM   1135 C  CE2 . TRP A 1 142 ? -0.679  5.319   -6.697  1.00 22.37 ? 312 TRP A CE2 1 
ATOM   1136 C  CE3 . TRP A 1 142 ? -1.588  3.343   -7.827  1.00 24.18 ? 312 TRP A CE3 1 
ATOM   1137 C  CZ2 . TRP A 1 142 ? -0.170  4.561   -5.657  1.00 24.68 ? 312 TRP A CZ2 1 
ATOM   1138 C  CZ3 . TRP A 1 142 ? -1.077  2.584   -6.777  1.00 26.19 ? 312 TRP A CZ3 1 
ATOM   1139 C  CH2 . TRP A 1 142 ? -0.389  3.183   -5.711  1.00 25.22 ? 312 TRP A CH2 1 
ATOM   1140 N  N   . ASP A 1 143 ? -2.374  5.498   -13.327 1.00 26.87 ? 313 ASP A N   1 
ATOM   1141 C  CA  . ASP A 1 143 ? -2.926  4.992   -14.583 1.00 28.38 ? 313 ASP A CA  1 
ATOM   1142 C  C   . ASP A 1 143 ? -2.092  3.825   -15.096 1.00 25.60 ? 313 ASP A C   1 
ATOM   1143 O  O   . ASP A 1 143 ? -2.642  2.818   -15.554 1.00 26.83 ? 313 ASP A O   1 
ATOM   1144 C  CB  . ASP A 1 143 ? -3.031  6.085   -15.652 1.00 30.64 ? 313 ASP A CB  1 
ATOM   1145 C  CG  . ASP A 1 143 ? -4.197  7.039   -15.402 1.00 35.59 ? 313 ASP A CG  1 
ATOM   1146 O  OD1 . ASP A 1 143 ? -5.317  6.569   -15.147 1.00 42.47 ? 313 ASP A OD1 1 
ATOM   1147 O  OD2 . ASP A 1 143 ? -3.984  8.259   -15.460 1.00 45.91 ? 313 ASP A OD2 1 
ATOM   1148 N  N   . GLY A 1 144 ? -0.771  3.949   -14.991 1.00 23.69 ? 314 GLY A N   1 
ATOM   1149 C  CA  . GLY A 1 144 ? 0.139   2.895   -15.399 1.00 24.75 ? 314 GLY A CA  1 
ATOM   1150 C  C   . GLY A 1 144 ? -0.002  1.640   -14.556 1.00 23.69 ? 314 GLY A C   1 
ATOM   1151 O  O   . GLY A 1 144 ? 0.029   0.535   -15.086 1.00 25.47 ? 314 GLY A O   1 
ATOM   1152 N  N   . PHE A 1 145 ? -0.113  1.812   -13.237 1.00 24.35 ? 315 PHE A N   1 
ATOM   1153 C  CA  . PHE A 1 145 ? -0.397  0.705   -12.326 1.00 23.91 ? 315 PHE A CA  1 
ATOM   1154 C  C   . PHE A 1 145 ? -1.644  -0.066  -12.756 1.00 25.08 ? 315 PHE A C   1 
ATOM   1155 O  O   . PHE A 1 145 ? -1.602  -1.291  -12.896 1.00 23.80 ? 315 PHE A O   1 
ATOM   1156 C  CB  . PHE A 1 145 ? -0.579  1.274   -10.916 1.00 24.57 ? 315 PHE A CB  1 
ATOM   1157 C  CG  . PHE A 1 145 ? -0.994  0.271   -9.881  1.00 25.01 ? 315 PHE A CG  1 
ATOM   1158 C  CD1 . PHE A 1 145 ? -0.049  -0.554  -9.268  1.00 24.26 ? 315 PHE A CD1 1 
ATOM   1159 C  CD2 . PHE A 1 145 ? -2.306  0.215   -9.450  1.00 22.72 ? 315 PHE A CD2 1 
ATOM   1160 C  CE1 . PHE A 1 145 ? -0.419  -1.427  -8.264  1.00 26.41 ? 315 PHE A CE1 1 
ATOM   1161 C  CE2 . PHE A 1 145 ? -2.684  -0.666  -8.459  1.00 24.94 ? 315 PHE A CE2 1 
ATOM   1162 C  CZ  . PHE A 1 145 ? -1.744  -1.491  -7.863  1.00 24.73 ? 315 PHE A CZ  1 
ATOM   1163 N  N   . VAL A 1 146 ? -2.750  0.651   -12.964 1.00 25.10 ? 316 VAL A N   1 
ATOM   1164 C  CA  . VAL A 1 146 ? -3.996  0.013   -13.411 1.00 26.32 ? 316 VAL A CA  1 
ATOM   1165 C  C   . VAL A 1 146 ? -3.820  -0.740  -14.741 1.00 29.49 ? 316 VAL A C   1 
ATOM   1166 O  O   . VAL A 1 146 ? -4.241  -1.897  -14.869 1.00 30.27 ? 316 VAL A O   1 
ATOM   1167 C  CB  . VAL A 1 146 ? -5.160  1.028   -13.497 1.00 26.41 ? 316 VAL A CB  1 
ATOM   1168 C  CG1 . VAL A 1 146 ? -6.372  0.400   -14.206 1.00 28.26 ? 316 VAL A CG1 1 
ATOM   1169 C  CG2 . VAL A 1 146 ? -5.559  1.514   -12.112 1.00 25.45 ? 316 VAL A CG2 1 
ATOM   1170 N  N   . GLU A 1 147 ? -3.185  -0.095  -15.721 1.00 27.10 ? 317 GLU A N   1 
ATOM   1171 C  CA  . GLU A 1 147 ? -2.914  -0.708  -17.023 1.00 29.56 ? 317 GLU A CA  1 
ATOM   1172 C  C   . GLU A 1 147 ? -2.008  -1.932  -16.886 1.00 29.54 ? 317 GLU A C   1 
ATOM   1173 O  O   . GLU A 1 147 ? -2.192  -2.922  -17.583 1.00 27.30 ? 317 GLU A O   1 
ATOM   1174 C  CB  . GLU A 1 147 ? -2.269  0.315   -17.983 1.00 30.93 ? 317 GLU A CB  1 
ATOM   1175 C  CG  . GLU A 1 147 ? -3.218  1.436   -18.388 1.00 36.56 ? 317 GLU A CG  1 
ATOM   1176 C  CD  . GLU A 1 147 ? -2.530  2.677   -18.960 1.00 43.55 ? 317 GLU A CD  1 
ATOM   1177 O  OE1 . GLU A 1 147 ? -1.283  2.731   -19.047 1.00 46.31 ? 317 GLU A OE1 1 
ATOM   1178 O  OE2 . GLU A 1 147 ? -3.260  3.634   -19.305 1.00 49.15 ? 317 GLU A OE2 1 
ATOM   1179 N  N   . PHE A 1 148 ? -1.036  -1.870  -15.978 1.00 26.79 ? 318 PHE A N   1 
ATOM   1180 C  CA  . PHE A 1 148 ? -0.089  -2.973  -15.811 1.00 27.07 ? 318 PHE A CA  1 
ATOM   1181 C  C   . PHE A 1 148 ? -0.794  -4.236  -15.364 1.00 26.71 ? 318 PHE A C   1 
ATOM   1182 O  O   . PHE A 1 148 ? -0.489  -5.322  -15.858 1.00 29.11 ? 318 PHE A O   1 
ATOM   1183 C  CB  . PHE A 1 148 ? 0.986   -2.619  -14.781 1.00 25.84 ? 318 PHE A CB  1 
ATOM   1184 C  CG  . PHE A 1 148 ? 2.078   -3.634  -14.674 1.00 25.14 ? 318 PHE A CG  1 
ATOM   1185 C  CD1 . PHE A 1 148 ? 3.036   -3.746  -15.671 1.00 28.05 ? 318 PHE A CD1 1 
ATOM   1186 C  CD2 . PHE A 1 148 ? 2.177   -4.466  -13.555 1.00 24.64 ? 318 PHE A CD2 1 
ATOM   1187 C  CE1 . PHE A 1 148 ? 4.060   -4.667  -15.574 1.00 26.93 ? 318 PHE A CE1 1 
ATOM   1188 C  CE2 . PHE A 1 148 ? 3.198   -5.387  -13.448 1.00 25.41 ? 318 PHE A CE2 1 
ATOM   1189 C  CZ  . PHE A 1 148 ? 4.144   -5.500  -14.456 1.00 26.63 ? 318 PHE A CZ  1 
ATOM   1190 N  N   . PHE A 1 149 ? -1.724  -4.097  -14.428 1.00 27.77 ? 319 PHE A N   1 
ATOM   1191 C  CA  . PHE A 1 149 ? -2.385  -5.253  -13.820 1.00 29.79 ? 319 PHE A CA  1 
ATOM   1192 C  C   . PHE A 1 149 ? -3.734  -5.594  -14.466 1.00 32.87 ? 319 PHE A C   1 
ATOM   1193 O  O   . PHE A 1 149 ? -4.410  -6.529  -14.031 1.00 35.73 ? 319 PHE A O   1 
ATOM   1194 C  CB  . PHE A 1 149 ? -2.568  -5.016  -12.319 1.00 28.08 ? 319 PHE A CB  1 
ATOM   1195 C  CG  . PHE A 1 149 ? -1.299  -5.118  -11.536 1.00 26.65 ? 319 PHE A CG  1 
ATOM   1196 C  CD1 . PHE A 1 149 ? -0.731  -6.353  -11.295 1.00 28.46 ? 319 PHE A CD1 1 
ATOM   1197 C  CD2 . PHE A 1 149 ? -0.676  -3.995  -11.035 1.00 24.75 ? 319 PHE A CD2 1 
ATOM   1198 C  CE1 . PHE A 1 149 ? 0.439   -6.458  -10.563 1.00 25.46 ? 319 PHE A CE1 1 
ATOM   1199 C  CE2 . PHE A 1 149 ? 0.496   -4.094  -10.303 1.00 24.72 ? 319 PHE A CE2 1 
ATOM   1200 C  CZ  . PHE A 1 149 ? 1.055   -5.324  -10.070 1.00 25.69 ? 319 PHE A CZ  1 
ATOM   1201 N  N   . HIS A 1 150 ? -4.117  -4.854  -15.504 1.00 33.67 ? 320 HIS A N   1 
ATOM   1202 C  CA  . HIS A 1 150 ? -5.420  -5.054  -16.148 1.00 35.87 ? 320 HIS A CA  1 
ATOM   1203 C  C   . HIS A 1 150 ? -5.544  -6.436  -16.724 1.00 36.86 ? 320 HIS A C   1 
ATOM   1204 O  O   . HIS A 1 150 ? -4.629  -6.915  -17.404 1.00 37.97 ? 320 HIS A O   1 
ATOM   1205 C  CB  . HIS A 1 150 ? -5.639  -4.022  -17.251 1.00 37.09 ? 320 HIS A CB  1 
ATOM   1206 C  CG  . HIS A 1 150 ? -6.878  -4.278  -18.083 1.00 38.56 ? 320 HIS A CG  1 
ATOM   1207 N  ND1 . HIS A 1 150 ? -8.117  -4.057  -17.615 1.00 44.03 ? 320 HIS A ND1 1 
ATOM   1208 C  CD2 . HIS A 1 150 ? -7.026  -4.757  -19.383 1.00 41.48 ? 320 HIS A CD2 1 
ATOM   1209 C  CE1 . HIS A 1 150 ? -9.019  -4.365  -18.571 1.00 44.11 ? 320 HIS A CE1 1 
ATOM   1210 N  NE2 . HIS A 1 150 ? -8.349  -4.794  -19.650 1.00 42.03 ? 320 HIS A NE2 1 
ATOM   1211 N  N   . VAL A 1 151 ? -6.678  -7.083  -16.465 1.00 40.80 ? 321 VAL A N   1 
ATOM   1212 C  CA  . VAL A 1 151 ? -6.927  -8.435  -16.962 1.00 46.68 ? 321 VAL A CA  1 
ATOM   1213 C  C   . VAL A 1 151 ? -8.062  -8.394  -17.976 1.00 44.76 ? 321 VAL A C   1 
ATOM   1214 O  O   . VAL A 1 151 ? -9.145  -7.906  -17.673 1.00 48.79 ? 321 VAL A O   1 
ATOM   1215 C  CB  . VAL A 1 151 ? -7.283  -9.402  -15.817 1.00 49.74 ? 321 VAL A CB  1 
ATOM   1216 C  CG1 . VAL A 1 151 ? -7.674  -10.771 -16.366 1.00 52.65 ? 321 VAL A CG1 1 
ATOM   1217 C  CG2 . VAL A 1 151 ? -6.111  -9.526  -14.851 1.00 51.56 ? 321 VAL A CG2 1 
ATOM   1218 N  N   . GLU A 1 152 ? -7.791  -8.884  -19.184 1.00 49.45 ? 322 GLU A N   1 
ATOM   1219 C  CA  . GLU A 1 152 ? -8.804  -8.961  -20.241 1.00 56.53 ? 322 GLU A CA  1 
ATOM   1220 C  C   . GLU A 1 152 ? -9.852  -10.010 -19.890 1.00 57.28 ? 322 GLU A C   1 
ATOM   1221 O  O   . GLU A 1 152 ? -9.540  -11.026 -19.265 1.00 54.58 ? 322 GLU A O   1 
ATOM   1222 C  CB  . GLU A 1 152 ? -8.165  -9.315  -21.592 1.00 61.26 ? 322 GLU A CB  1 
ATOM   1223 C  CG  . GLU A 1 152 ? -7.266  -8.236  -22.186 1.00 66.62 ? 322 GLU A CG  1 
ATOM   1224 C  CD  . GLU A 1 152 ? -8.017  -6.974  -22.598 1.00 73.41 ? 322 GLU A CD  1 
ATOM   1225 O  OE1 . GLU A 1 152 ? -9.269  -6.962  -22.570 1.00 79.00 ? 322 GLU A OE1 1 
ATOM   1226 O  OE2 . GLU A 1 152 ? -7.345  -5.981  -22.954 1.00 77.44 ? 322 GLU A OE2 1 
ATOM   1227 N  N   . ASP A 1 153 ? -11.097 -9.761  -20.288 1.00 59.78 ? 323 ASP A N   1 
ATOM   1228 C  CA  . ASP A 1 153 ? -12.170 -10.742 -20.101 1.00 62.17 ? 323 ASP A CA  1 
ATOM   1229 C  C   . ASP A 1 153 ? -11.875 -11.960 -20.967 1.00 56.82 ? 323 ASP A C   1 
ATOM   1230 O  O   . ASP A 1 153 ? -11.374 -11.822 -22.085 1.00 54.43 ? 323 ASP A O   1 
ATOM   1231 C  CB  . ASP A 1 153 ? -13.531 -10.158 -20.493 1.00 68.36 ? 323 ASP A CB  1 
ATOM   1232 C  CG  . ASP A 1 153 ? -13.885 -8.912  -19.703 1.00 71.41 ? 323 ASP A CG  1 
ATOM   1233 O  OD1 . ASP A 1 153 ? -13.863 -8.971  -18.452 1.00 71.30 ? 323 ASP A OD1 1 
ATOM   1234 O  OD2 . ASP A 1 153 ? -14.187 -7.880  -20.343 1.00 73.83 ? 323 ASP A OD2 1 
ATOM   1235 N  N   . LEU A 1 154 ? -12.170 -13.147 -20.446 1.00 58.97 ? 324 LEU A N   1 
ATOM   1236 C  CA  . LEU A 1 154 ? -12.009 -14.380 -21.215 1.00 57.15 ? 324 LEU A CA  1 
ATOM   1237 C  C   . LEU A 1 154 ? -13.197 -14.552 -22.155 1.00 55.51 ? 324 LEU A C   1 
ATOM   1238 O  O   . LEU A 1 154 ? -14.295 -14.102 -21.849 1.00 55.06 ? 324 LEU A O   1 
ATOM   1239 C  CB  . LEU A 1 154 ? -11.893 -15.588 -20.282 1.00 55.89 ? 324 LEU A CB  1 
ATOM   1240 C  CG  . LEU A 1 154 ? -10.585 -15.640 -19.488 1.00 56.44 ? 324 LEU A CG  1 
ATOM   1241 C  CD1 . LEU A 1 154 ? -10.756 -16.453 -18.213 1.00 57.20 ? 324 LEU A CD1 1 
ATOM   1242 C  CD2 . LEU A 1 154 ? -9.463  -16.188 -20.358 1.00 54.84 ? 324 LEU A CD2 1 
ATOM   1243 N  N   . GLU A 1 155 ? -12.965 -15.202 -23.295 1.00 62.13 ? 325 GLU A N   1 
ATOM   1244 C  CA  . GLU A 1 155 ? -14.035 -15.524 -24.244 1.00 66.50 ? 325 GLU A CA  1 
ATOM   1245 C  C   . GLU A 1 155 ? -14.872 -16.691 -23.725 1.00 66.85 ? 325 GLU A C   1 
ATOM   1246 O  O   . GLU A 1 155 ? -14.434 -17.437 -22.842 1.00 62.00 ? 325 GLU A O   1 
ATOM   1247 C  CB  . GLU A 1 155 ? -13.457 -15.902 -25.612 1.00 68.49 ? 325 GLU A CB  1 
ATOM   1248 C  CG  . GLU A 1 155 ? -12.625 -14.819 -26.286 1.00 74.16 ? 325 GLU A CG  1 
ATOM   1249 C  CD  . GLU A 1 155 ? -11.899 -15.330 -27.523 1.00 80.28 ? 325 GLU A CD  1 
ATOM   1250 O  OE1 . GLU A 1 155 ? -12.463 -16.184 -28.243 1.00 81.25 ? 325 GLU A OE1 1 
ATOM   1251 O  OE2 . GLU A 1 155 ? -10.761 -14.881 -27.778 1.00 82.08 ? 325 GLU A OE2 1 
ATOM   1252 N  N   . GLY A 1 156 ? -16.072 -16.845 -24.285 1.00 68.59 ? 326 GLY A N   1 
ATOM   1253 C  CA  . GLY A 1 156 ? -16.961 -17.959 -23.947 1.00 70.40 ? 326 GLY A CA  1 
ATOM   1254 C  C   . GLY A 1 156 ? -17.843 -17.670 -22.746 1.00 72.41 ? 326 GLY A C   1 
ATOM   1255 O  O   . GLY A 1 156 ? -17.366 -17.203 -21.712 1.00 74.77 ? 326 GLY A O   1 
HETATM 1256 C  C9  . Q4Y B 2 .   ? 10.028  -3.925  4.877   1.00 24.90 ? 401 Q4Y A C9  1 
HETATM 1257 C  C8  . Q4Y B 2 .   ? 9.622   -4.258  6.327   1.00 25.03 ? 401 Q4Y A C8  1 
HETATM 1258 C  C7  . Q4Y B 2 .   ? 8.836   -3.115  6.946   1.00 24.27 ? 401 Q4Y A C7  1 
HETATM 1259 C  C4  . Q4Y B 2 .   ? 7.723   -2.677  6.014   1.00 23.01 ? 401 Q4Y A C4  1 
HETATM 1260 C  C3  . Q4Y B 2 .   ? 6.701   -1.943  6.600   1.00 24.57 ? 401 Q4Y A C3  1 
HETATM 1261 C  C2  . Q4Y B 2 .   ? 5.634   -1.476  5.854   1.00 26.98 ? 401 Q4Y A C2  1 
HETATM 1262 CL CL1 . Q4Y B 2 .   ? 4.389   -0.583  6.640   1.00 38.56 ? 401 Q4Y A CL1 1 
HETATM 1263 C  C1  . Q4Y B 2 .   ? 5.545   -1.762  4.498   1.00 24.40 ? 401 Q4Y A C1  1 
HETATM 1264 C  C6  . Q4Y B 2 .   ? 6.567   -2.499  3.910   1.00 23.00 ? 401 Q4Y A C6  1 
HETATM 1265 C  C5  . Q4Y B 2 .   ? 7.663   -2.958  4.646   1.00 23.61 ? 401 Q4Y A C5  1 
HETATM 1266 C  C10 . Q4Y B 2 .   ? 8.786   -3.772  3.951   1.00 23.98 ? 401 Q4Y A C10 1 
HETATM 1267 C  C14 . Q4Y B 2 .   ? 8.281   -5.157  3.603   1.00 23.01 ? 401 Q4Y A C14 1 
HETATM 1268 C  C11 . Q4Y B 2 .   ? 9.212   -3.074  2.630   1.00 24.39 ? 401 Q4Y A C11 1 
HETATM 1269 O  O1  . Q4Y B 2 .   ? 8.407   -3.497  1.484   1.00 23.05 ? 401 Q4Y A O1  1 
HETATM 1270 C  C12 . Q4Y B 2 .   ? 8.963   -4.553  0.828   1.00 22.18 ? 401 Q4Y A C12 1 
HETATM 1271 C  C15 . Q4Y B 2 .   ? 9.087   -4.377  -0.558  1.00 22.93 ? 401 Q4Y A C15 1 
HETATM 1272 C  C16 . Q4Y B 2 .   ? 9.657   -5.381  -1.342  1.00 23.97 ? 401 Q4Y A C16 1 
HETATM 1273 C  C17 . Q4Y B 2 .   ? 10.099  -6.566  -0.742  1.00 25.79 ? 401 Q4Y A C17 1 
HETATM 1274 C  C18 . Q4Y B 2 .   ? 9.971   -6.716  0.643   1.00 23.42 ? 401 Q4Y A C18 1 
HETATM 1275 C  C13 . Q4Y B 2 .   ? 9.410   -5.710  1.446   1.00 22.57 ? 401 Q4Y A C13 1 
HETATM 1276 N  N1  . Q4Y B 2 .   ? 9.233   -5.903  2.752   1.00 23.51 ? 401 Q4Y A N1  1 
HETATM 1277 C  C21 . Q4Y B 2 .   ? 9.702   -7.146  3.405   1.00 25.97 ? 401 Q4Y A C21 1 
HETATM 1278 C  C30 . Q4Y B 2 .   ? 8.667   -8.270  3.223   1.00 29.42 ? 401 Q4Y A C30 1 
HETATM 1279 C  C25 . Q4Y B 2 .   ? 9.257   -9.587  3.760   1.00 33.72 ? 401 Q4Y A C25 1 
HETATM 1280 C  C26 . Q4Y B 2 .   ? 8.601   -10.800 3.095   1.00 39.33 ? 401 Q4Y A C26 1 
HETATM 1281 C  C27 . Q4Y B 2 .   ? 9.127   -11.031 1.829   1.00 37.05 ? 401 Q4Y A C27 1 
HETATM 1282 C  C29 . Q4Y B 2 .   ? 8.300   -11.257 0.731   1.00 36.94 ? 401 Q4Y A C29 1 
HETATM 1283 C  C28 . Q4Y B 2 .   ? 8.878   -11.466 -0.528  1.00 33.06 ? 401 Q4Y A C28 1 
HETATM 1284 N  N2  . Q4Y B 2 .   ? 8.291   -10.530 -1.506  1.00 30.78 ? 401 Q4Y A N2  1 
HETATM 1285 C  C24 . Q4Y B 2 .   ? 6.987   -10.784 -2.136  1.00 32.06 ? 401 Q4Y A C24 1 
HETATM 1286 C  C23 . Q4Y B 2 .   ? 8.903   -9.385  -1.890  1.00 28.91 ? 401 Q4Y A C23 1 
HETATM 1287 O  O5  . Q4Y B 2 .   ? 8.432   -8.604  -2.724  1.00 28.33 ? 401 Q4Y A O5  1 
HETATM 1288 C  C22 . Q4Y B 2 .   ? 10.271  -9.092  -1.263  1.00 28.28 ? 401 Q4Y A C22 1 
HETATM 1289 C  C19 . Q4Y B 2 .   ? 10.804  -7.696  -1.556  1.00 26.69 ? 401 Q4Y A C19 1 
HETATM 1290 C  C20 . Q4Y B 2 .   ? 12.306  -7.648  -1.146  1.00 30.54 ? 401 Q4Y A C20 1 
HETATM 1291 O  O4  . Q4Y B 2 .   ? 13.051  -6.904  -1.817  1.00 32.59 ? 401 Q4Y A O4  1 
HETATM 1292 O  O3  . Q4Y B 2 .   ? 12.687  -8.309  -0.142  1.00 31.48 ? 401 Q4Y A O3  1 
HETATM 1293 O  O2  . Q4Y B 2 .   ? 10.733  -7.438  -2.972  1.00 28.49 ? 401 Q4Y A O2  1 
HETATM 1294 O  O   . HOH C 3 .   ? 14.834  2.486   -8.015  1.00 45.65 ? 501 HOH A O   1 
HETATM 1295 O  O   . HOH C 3 .   ? -8.515  10.359  -6.316  1.00 51.60 ? 502 HOH A O   1 
HETATM 1296 O  O   . HOH C 3 .   ? -13.283 12.157  5.954   1.00 41.59 ? 503 HOH A O   1 
HETATM 1297 O  O   . HOH C 3 .   ? 8.713   16.022  -1.138  1.00 37.84 ? 504 HOH A O   1 
HETATM 1298 O  O   . HOH C 3 .   ? 8.076   0.287   21.730  1.00 57.98 ? 505 HOH A O   1 
HETATM 1299 O  O   . HOH C 3 .   ? -15.244 8.019   -6.144  1.00 47.15 ? 506 HOH A O   1 
HETATM 1300 O  O   . HOH C 3 .   ? -12.401 1.471   0.926   1.00 32.77 ? 507 HOH A O   1 
HETATM 1301 O  O   . HOH C 3 .   ? 4.855   -8.527  -5.070  1.00 38.77 ? 508 HOH A O   1 
HETATM 1302 O  O   . HOH C 3 .   ? 11.560  10.992  -5.649  1.00 31.63 ? 509 HOH A O   1 
HETATM 1303 O  O   . HOH C 3 .   ? -9.393  -5.739  -10.462 1.00 58.64 ? 510 HOH A O   1 
HETATM 1304 O  O   . HOH C 3 .   ? 5.709   -18.665 -1.059  1.00 31.69 ? 511 HOH A O   1 
HETATM 1305 O  O   . HOH C 3 .   ? 3.253   -19.937 6.971   1.00 47.69 ? 512 HOH A O   1 
HETATM 1306 O  O   . HOH C 3 .   ? 8.233   -15.621 0.069   1.00 33.44 ? 513 HOH A O   1 
HETATM 1307 O  O   . HOH C 3 .   ? 19.687  -0.174  -4.724  1.00 38.94 ? 514 HOH A O   1 
HETATM 1308 O  O   . HOH C 3 .   ? -7.660  0.902   23.560  1.00 45.10 ? 515 HOH A O   1 
HETATM 1309 O  O   . HOH C 3 .   ? 10.399  10.533  -14.855 1.00 35.75 ? 516 HOH A O   1 
HETATM 1310 O  O   . HOH C 3 .   ? -6.798  11.494  9.768   1.00 38.39 ? 517 HOH A O   1 
HETATM 1311 O  O   . HOH C 3 .   ? 15.093  5.494   -4.165  1.00 36.18 ? 518 HOH A O   1 
HETATM 1312 O  O   . HOH C 3 .   ? 6.151   9.755   7.342   1.00 53.22 ? 519 HOH A O   1 
HETATM 1313 O  O   . HOH C 3 .   ? -3.399  8.526   5.926   1.00 45.56 ? 520 HOH A O   1 
HETATM 1314 O  O   . HOH C 3 .   ? -15.092 11.950  7.985   1.00 25.40 ? 521 HOH A O   1 
HETATM 1315 O  O   . HOH C 3 .   ? -9.425  -5.023  0.662   1.00 38.36 ? 522 HOH A O   1 
HETATM 1316 O  O   . HOH C 3 .   ? -4.717  -12.306 -5.927  1.00 43.25 ? 523 HOH A O   1 
HETATM 1317 O  O   . HOH C 3 .   ? 4.057   -18.524 9.306   1.00 55.74 ? 524 HOH A O   1 
HETATM 1318 O  O   . HOH C 3 .   ? 6.586   -17.582 9.334   1.00 40.06 ? 525 HOH A O   1 
HETATM 1319 O  O   . HOH C 3 .   ? 1.069   13.765  4.269   1.00 50.00 ? 526 HOH A O   1 
HETATM 1320 O  O   . HOH C 3 .   ? -5.830  -3.334  -13.133 1.00 31.86 ? 527 HOH A O   1 
HETATM 1321 O  O   . HOH C 3 .   ? 12.319  -8.562  -4.937  1.00 39.83 ? 528 HOH A O   1 
HETATM 1322 O  O   . HOH C 3 .   ? 16.301  -4.593  -0.734  1.00 39.08 ? 529 HOH A O   1 
HETATM 1323 O  O   . HOH C 3 .   ? 0.844   3.534   21.175  1.00 51.50 ? 530 HOH A O   1 
HETATM 1324 O  O   . HOH C 3 .   ? 3.343   9.314   9.213   1.00 41.51 ? 531 HOH A O   1 
HETATM 1325 O  O   . HOH C 3 .   ? 15.350  -7.707  0.410   1.00 47.29 ? 532 HOH A O   1 
HETATM 1326 O  O   . HOH C 3 .   ? 17.057  3.368   6.211   1.00 32.44 ? 533 HOH A O   1 
HETATM 1327 O  O   . HOH C 3 .   ? 4.889   -7.238  15.091  1.00 41.54 ? 534 HOH A O   1 
HETATM 1328 O  O   . HOH C 3 .   ? -4.893  12.416  -0.048  1.00 36.09 ? 535 HOH A O   1 
HETATM 1329 O  O   . HOH C 3 .   ? 4.198   -18.907 2.507   1.00 30.42 ? 536 HOH A O   1 
HETATM 1330 O  O   . HOH C 3 .   ? -14.218 1.349   -3.489  1.00 51.48 ? 537 HOH A O   1 
HETATM 1331 O  O   . HOH C 3 .   ? -11.174 2.361   3.033   1.00 31.85 ? 538 HOH A O   1 
HETATM 1332 O  O   . HOH C 3 .   ? -1.622  -14.038 4.821   1.00 36.45 ? 539 HOH A O   1 
HETATM 1333 O  O   . HOH C 3 .   ? 18.867  1.316   7.430   1.00 46.42 ? 540 HOH A O   1 
HETATM 1334 O  O   . HOH C 3 .   ? 10.587  -12.715 6.062   1.00 40.92 ? 541 HOH A O   1 
HETATM 1335 O  O   . HOH C 3 .   ? 1.465   0.201   -17.513 1.00 38.46 ? 542 HOH A O   1 
HETATM 1336 O  O   . HOH C 3 .   ? 14.107  1.599   12.418  1.00 46.89 ? 543 HOH A O   1 
HETATM 1337 O  O   . HOH C 3 .   ? -1.622  -9.280  10.078  1.00 33.83 ? 544 HOH A O   1 
HETATM 1338 O  O   . HOH C 3 .   ? 6.543   -21.928 4.098   1.00 35.16 ? 545 HOH A O   1 
HETATM 1339 O  O   . HOH C 3 .   ? 2.080   -20.725 3.687   1.00 35.91 ? 546 HOH A O   1 
HETATM 1340 O  O   . HOH C 3 .   ? 3.988   17.046  -1.420  1.00 36.04 ? 547 HOH A O   1 
HETATM 1341 O  O   . HOH C 3 .   ? -6.344  9.708   -16.196 1.00 50.08 ? 548 HOH A O   1 
HETATM 1342 O  O   . HOH C 3 .   ? -12.545 1.378   5.345   1.00 34.11 ? 549 HOH A O   1 
HETATM 1343 O  O   . HOH C 3 .   ? -13.892 11.697  -7.798  1.00 51.79 ? 550 HOH A O   1 
HETATM 1344 O  O   . HOH C 3 .   ? 8.242   -8.481  -5.587  1.00 41.89 ? 551 HOH A O   1 
HETATM 1345 O  O   . HOH C 3 .   ? 3.559   1.176   -15.961 1.00 34.19 ? 552 HOH A O   1 
HETATM 1346 O  O   . HOH C 3 .   ? 4.131   -14.515 -5.740  1.00 26.71 ? 553 HOH A O   1 
HETATM 1347 O  O   . HOH C 3 .   ? -13.235 3.255   -1.151  1.00 34.32 ? 554 HOH A O   1 
HETATM 1348 O  O   . HOH C 3 .   ? 15.851  -5.383  -5.526  1.00 29.87 ? 555 HOH A O   1 
HETATM 1349 O  O   . HOH C 3 .   ? 14.963  0.432   -10.534 1.00 44.56 ? 556 HOH A O   1 
HETATM 1350 O  O   . HOH C 3 .   ? 4.963   4.595   -19.480 1.00 50.14 ? 557 HOH A O   1 
HETATM 1351 O  O   . HOH C 3 .   ? 11.877  5.318   10.991  1.00 41.53 ? 558 HOH A O   1 
HETATM 1352 O  O   . HOH C 3 .   ? 7.056   -2.902  -13.243 1.00 28.34 ? 559 HOH A O   1 
HETATM 1353 O  O   . HOH C 3 .   ? -13.797 -3.512  11.897  1.00 54.58 ? 560 HOH A O   1 
HETATM 1354 O  O   . HOH C 3 .   ? -4.345  7.947   -19.274 1.00 53.52 ? 561 HOH A O   1 
HETATM 1355 O  O   . HOH C 3 .   ? -14.040 1.176   -11.460 1.00 56.05 ? 562 HOH A O   1 
HETATM 1356 O  O   . HOH C 3 .   ? 1.808   -19.595 0.922   1.00 22.97 ? 563 HOH A O   1 
HETATM 1357 O  O   . HOH C 3 .   ? -12.152 10.695  -12.495 1.00 37.55 ? 564 HOH A O   1 
HETATM 1358 O  O   . HOH C 3 .   ? -5.813  5.599   11.862  1.00 44.38 ? 565 HOH A O   1 
HETATM 1359 O  O   . HOH C 3 .   ? -10.407 -7.420  -0.212  1.00 44.82 ? 566 HOH A O   1 
HETATM 1360 O  O   . HOH C 3 .   ? 13.547  -0.430  -12.900 1.00 49.58 ? 567 HOH A O   1 
HETATM 1361 O  O   . HOH C 3 .   ? -6.990  4.108   -15.262 1.00 53.24 ? 568 HOH A O   1 
HETATM 1362 O  O   . HOH C 3 .   ? -8.052  0.637   18.102  1.00 45.87 ? 569 HOH A O   1 
HETATM 1363 O  O   . HOH C 3 .   ? 12.833  9.701   -7.945  1.00 47.14 ? 570 HOH A O   1 
HETATM 1364 O  O   . HOH C 3 .   ? 2.301   15.507  -8.642  1.00 33.43 ? 571 HOH A O   1 
HETATM 1365 O  O   . HOH C 3 .   ? 12.516  -7.378  -8.437  1.00 37.71 ? 572 HOH A O   1 
HETATM 1366 O  O   . HOH C 3 .   ? 6.545   -17.106 2.235   1.00 27.40 ? 573 HOH A O   1 
HETATM 1367 O  O   . HOH C 3 .   ? 4.578   13.967  -9.862  1.00 26.64 ? 574 HOH A O   1 
HETATM 1368 O  O   . HOH C 3 .   ? -8.854  -10.598 -3.731  1.00 50.39 ? 575 HOH A O   1 
HETATM 1369 O  O   . HOH C 3 .   ? 6.473   -1.360  -15.403 1.00 36.99 ? 576 HOH A O   1 
HETATM 1370 O  O   . HOH C 3 .   ? 14.683  14.123  -10.708 1.00 46.86 ? 577 HOH A O   1 
HETATM 1371 O  O   . HOH C 3 .   ? -3.948  -8.647  20.781  1.00 40.52 ? 578 HOH A O   1 
HETATM 1372 O  O   . HOH C 3 .   ? -4.742  9.475   -12.312 1.00 37.11 ? 579 HOH A O   1 
HETATM 1373 O  O   . HOH C 3 .   ? 11.465  3.661   -15.865 1.00 49.31 ? 580 HOH A O   1 
HETATM 1374 O  O   . HOH C 3 .   ? -4.986  -11.637 2.149   1.00 47.26 ? 581 HOH A O   1 
HETATM 1375 O  O   . HOH C 3 .   ? 2.923   6.151   14.636  1.00 52.95 ? 582 HOH A O   1 
HETATM 1376 O  O   . HOH C 3 .   ? -9.462  5.559   -15.337 1.00 49.79 ? 583 HOH A O   1 
HETATM 1377 O  O   . HOH C 3 .   ? 12.775  6.894   -9.070  1.00 30.73 ? 584 HOH A O   1 
HETATM 1378 O  O   . HOH C 3 .   ? 1.845   -12.564 -5.848  0.50 27.06 ? 585 HOH A O   1 
HETATM 1379 O  O   . HOH C 3 .   ? 4.440   4.758   21.814  1.00 53.81 ? 586 HOH A O   1 
HETATM 1380 O  O   . HOH C 3 .   ? -3.294  -9.500  12.343  1.00 35.85 ? 587 HOH A O   1 
HETATM 1381 O  O   . HOH C 3 .   ? -3.402  -10.842 8.344   1.00 38.16 ? 588 HOH A O   1 
HETATM 1382 O  O   . HOH C 3 .   ? -8.296  -2.593  -14.307 1.00 46.98 ? 589 HOH A O   1 
HETATM 1383 O  O   . HOH C 3 .   ? 9.433   -18.003 3.659   1.00 49.09 ? 590 HOH A O   1 
HETATM 1384 O  O   . HOH C 3 .   ? 4.110   6.445   12.069  1.00 47.71 ? 591 HOH A O   1 
HETATM 1385 O  O   . HOH C 3 .   ? -3.820  12.767  -13.370 1.00 52.37 ? 592 HOH A O   1 
HETATM 1386 O  O   . HOH C 3 .   ? -6.045  10.490  4.041   1.00 47.56 ? 593 HOH A O   1 
HETATM 1387 O  O   . HOH C 3 .   ? 3.911   -9.469  16.321  1.00 47.04 ? 594 HOH A O   1 
HETATM 1388 O  O   . HOH C 3 .   ? -15.216 5.275   -4.672  1.00 55.76 ? 595 HOH A O   1 
HETATM 1389 O  O   . HOH C 3 .   ? -18.164 7.876   -5.487  1.00 54.86 ? 596 HOH A O   1 
HETATM 1390 O  O   . HOH C 3 .   ? -18.372 8.092   6.367   1.00 38.14 ? 597 HOH A O   1 
HETATM 1391 O  O   . HOH C 3 .   ? 6.899   -5.538  25.934  1.00 47.96 ? 598 HOH A O   1 
HETATM 1392 O  O   . HOH C 3 .   ? -21.660 5.280   5.369   1.00 51.38 ? 599 HOH A O   1 
HETATM 1393 O  O   . HOH C 3 .   ? 10.805  -14.383 0.943   1.00 45.24 ? 600 HOH A O   1 
HETATM 1394 O  O   . HOH C 3 .   ? -2.303  -10.879 19.853  1.00 42.56 ? 601 HOH A O   1 
# 
